data_4OR5
#
_entry.id   4OR5
#
_cell.length_a   166.862
_cell.length_b   186.739
_cell.length_c   108.661
_cell.angle_alpha   90.00
_cell.angle_beta   120.24
_cell.angle_gamma   90.00
#
_symmetry.space_group_name_H-M   'C 1 2 1'
#
loop_
_entity.id
_entity.type
_entity.pdbx_description
1 polymer 'Cyclin-dependent kinase 9'
2 polymer Cyclin-T1
3 polymer 'Protein Tat'
4 polymer 'AF4/FMR2 family member 4'
5 non-polymer 'YTTRIUM (III) ION'
6 non-polymer 'SULFATE ION'
7 non-polymer 'ZINC ION'
8 water water
#
loop_
_entity_poly.entity_id
_entity_poly.type
_entity_poly.pdbx_seq_one_letter_code
_entity_poly.pdbx_strand_id
1 'polypeptide(L)'
;SVECPFCDEVSKYEKLAKIGQGTFGEVFKARHRKTGQKVALKKVLMENEKEGFPITALREIKILQLLKHENVVNLIEICR
TKASPYNRCKGSIYLVFDFCEHDLAGLLSNVLVKFTLSEIKRVMQMLLNGLYYIHRNKILHRDMKAANVLITRDGVLKLA
DFGLARAFSLAKNSQPNRY(TPO)NRVVTLWYRPPELLLGERDYGPPIDLWGAGCIMAEMWTRSPIMQGNTEQHQLALIS
QLCGSITPEVWPNVDNYELYEKLELVKGQKRKVKDRLKAYVRDPYALDLIDKLLVLDPAQRIDSDDALNHDFFWSDPMPS
DLKGMLSTHL
;
A,F
2 'polypeptide(L)'
;MEGERKNNNKRWYFTREQLENSPSRRFGVDPDKELSYRQQAANLLQDMGQRLNVSQLTINTAIVYMHRFYMIQSFTQFPG
NSVAPAALFLAAKVEEQPKKLEHVIKVAHTCLHPQESLPDTRSEAYLQQVQDLVILESIILQTLGFELTIDHPHTHVVKC
TQLVRASKDLAQTSYFMATNSLHLTTFSLQYTPPVVACVCIHLACKWSNWEIPVSTDGKHWWEYVDATVTLELLDELTHE
FLQILEKTPNRLKRIWNWRACEAAKK
;
B,G
3 'polypeptide(L)' MEPVDPRLEPWKHPGSQPKTACTNCYCKKCCFHCQVCFITKALGISYG C,H
4 'polypeptide(L)' EQIGGSPLFAEPYKVTSKEDKLSSRIQSMLGNYDEMKDFIGDR E,J
#
loop_
_chem_comp.id
_chem_comp.type
_chem_comp.name
_chem_comp.formula
SO4 non-polymer 'SULFATE ION' 'O4 S -2'
YT3 non-polymer 'YTTRIUM (III) ION' 'Y 3'
ZN non-polymer 'ZINC ION' 'Zn 2'
#
# COMPACT_ATOMS: atom_id res chain seq x y z
N VAL A 2 -23.95 23.37 -14.09
CA VAL A 2 -23.07 22.46 -14.86
C VAL A 2 -22.47 23.23 -16.04
N GLU A 3 -21.21 23.65 -15.91
CA GLU A 3 -20.54 24.39 -16.97
C GLU A 3 -20.52 23.54 -18.24
N CYS A 4 -20.46 24.19 -19.39
CA CYS A 4 -20.44 23.50 -20.66
C CYS A 4 -19.85 24.48 -21.65
N PRO A 5 -18.70 25.05 -21.29
CA PRO A 5 -17.97 26.03 -22.09
C PRO A 5 -17.82 25.69 -23.55
N PHE A 6 -17.95 24.42 -23.89
CA PHE A 6 -17.74 24.02 -25.26
C PHE A 6 -18.91 23.37 -25.96
N CYS A 7 -20.08 23.53 -25.38
CA CYS A 7 -21.26 22.98 -26.03
C CYS A 7 -22.38 24.02 -25.91
N ASP A 8 -22.32 25.01 -26.79
CA ASP A 8 -23.30 26.09 -26.80
C ASP A 8 -24.72 25.56 -27.00
N GLU A 9 -25.68 26.24 -26.37
CA GLU A 9 -27.10 25.88 -26.44
C GLU A 9 -27.67 26.30 -27.79
N VAL A 10 -28.41 25.40 -28.41
CA VAL A 10 -28.99 25.61 -29.75
C VAL A 10 -29.75 26.92 -29.95
N SER A 11 -30.23 27.50 -28.85
CA SER A 11 -30.96 28.75 -28.87
C SER A 11 -30.29 29.80 -29.76
N LYS A 12 -28.96 29.88 -29.69
CA LYS A 12 -28.19 30.84 -30.48
C LYS A 12 -28.62 30.83 -31.97
N TYR A 13 -29.38 29.80 -32.33
CA TYR A 13 -29.87 29.64 -33.69
C TYR A 13 -31.38 29.80 -33.71
N GLU A 14 -31.88 30.56 -34.68
CA GLU A 14 -33.32 30.77 -34.82
C GLU A 14 -33.85 29.87 -35.93
N LYS A 15 -34.69 28.91 -35.57
CA LYS A 15 -35.24 27.99 -36.55
C LYS A 15 -36.07 28.74 -37.57
N LEU A 16 -35.55 28.86 -38.79
CA LEU A 16 -36.25 29.56 -39.85
C LEU A 16 -37.30 28.69 -40.54
N ALA A 17 -37.04 27.39 -40.65
CA ALA A 17 -37.97 26.47 -41.30
C ALA A 17 -37.52 25.01 -41.19
N LYS A 18 -38.42 24.08 -41.53
CA LYS A 18 -38.11 22.66 -41.49
C LYS A 18 -37.67 22.14 -42.87
N ILE A 19 -36.50 21.52 -42.92
CA ILE A 19 -35.96 20.99 -44.18
C ILE A 19 -36.59 19.63 -44.48
N GLY A 20 -37.23 19.54 -45.65
CA GLY A 20 -37.88 18.31 -46.05
C GLY A 20 -38.94 17.88 -45.04
N GLN A 21 -39.56 16.73 -45.29
CA GLN A 21 -40.59 16.21 -44.39
C GLN A 21 -40.10 15.00 -43.60
N GLY A 22 -39.30 15.25 -42.58
CA GLY A 22 -38.78 14.18 -41.75
C GLY A 22 -39.63 13.99 -40.51
N THR A 23 -39.01 14.12 -39.34
CA THR A 23 -39.72 13.99 -38.07
C THR A 23 -40.05 15.39 -37.53
N PHE A 24 -40.73 15.46 -36.38
CA PHE A 24 -41.10 16.74 -35.78
C PHE A 24 -39.92 17.72 -35.83
N GLY A 25 -38.90 17.45 -35.00
CA GLY A 25 -37.72 18.30 -34.94
C GLY A 25 -36.46 17.61 -35.44
N GLU A 26 -36.47 17.25 -36.73
CA GLU A 26 -35.38 16.55 -37.40
C GLU A 26 -34.35 17.52 -37.99
N VAL A 27 -34.60 17.95 -39.23
CA VAL A 27 -33.70 18.88 -39.92
C VAL A 27 -34.36 20.27 -39.95
N PHE A 28 -33.61 21.29 -39.55
CA PHE A 28 -34.11 22.65 -39.52
C PHE A 28 -33.16 23.68 -40.15
N LYS A 29 -33.74 24.60 -40.92
CA LYS A 29 -32.96 25.67 -41.52
C LYS A 29 -32.94 26.72 -40.42
N ALA A 30 -31.87 27.48 -40.30
CA ALA A 30 -31.82 28.48 -39.24
C ALA A 30 -30.87 29.65 -39.52
N ARG A 31 -30.94 30.67 -38.67
CA ARG A 31 -30.10 31.83 -38.81
C ARG A 31 -29.44 32.14 -37.47
N HIS A 32 -28.17 32.51 -37.51
CA HIS A 32 -27.50 32.83 -36.27
C HIS A 32 -28.07 34.17 -35.86
N ARG A 33 -28.69 34.21 -34.69
CA ARG A 33 -29.29 35.44 -34.19
C ARG A 33 -28.40 36.66 -34.24
N LYS A 34 -27.10 36.48 -34.47
CA LYS A 34 -26.20 37.62 -34.51
C LYS A 34 -25.48 37.88 -35.83
N THR A 35 -25.24 36.82 -36.60
CA THR A 35 -24.56 36.98 -37.89
C THR A 35 -25.57 36.73 -39.00
N GLY A 36 -26.72 36.19 -38.62
CA GLY A 36 -27.77 35.88 -39.57
C GLY A 36 -27.41 34.65 -40.39
N GLN A 37 -26.23 34.10 -40.14
CA GLN A 37 -25.71 32.93 -40.84
C GLN A 37 -26.76 31.82 -40.94
N LYS A 38 -27.03 31.37 -42.16
CA LYS A 38 -27.98 30.30 -42.39
C LYS A 38 -27.26 28.97 -42.20
N VAL A 39 -27.84 28.11 -41.37
CA VAL A 39 -27.24 26.81 -41.07
C VAL A 39 -28.31 25.75 -41.05
N ALA A 40 -27.91 24.49 -41.19
CA ALA A 40 -28.87 23.39 -41.14
C ALA A 40 -28.68 22.66 -39.82
N LEU A 41 -29.77 22.49 -39.08
CA LEU A 41 -29.75 21.82 -37.78
C LEU A 41 -30.25 20.37 -37.85
N LYS A 42 -29.36 19.41 -37.60
CA LYS A 42 -29.76 18.00 -37.64
C LYS A 42 -29.73 17.46 -36.22
N LYS A 43 -30.87 16.96 -35.78
CA LYS A 43 -30.98 16.41 -34.43
C LYS A 43 -30.48 15.00 -34.40
N VAL A 44 -29.72 14.65 -33.35
CA VAL A 44 -29.20 13.30 -33.19
C VAL A 44 -30.38 12.49 -32.65
N LEU A 45 -31.15 11.89 -33.57
CA LEU A 45 -32.32 11.10 -33.20
C LEU A 45 -31.91 9.93 -32.31
N MET A 46 -32.54 9.79 -31.16
CA MET A 46 -32.20 8.71 -30.25
C MET A 46 -33.32 7.78 -29.83
N GLU A 47 -33.85 7.04 -30.80
CA GLU A 47 -34.90 6.06 -30.55
C GLU A 47 -34.12 4.78 -30.32
N ASN A 48 -32.85 4.85 -30.73
CA ASN A 48 -31.87 3.76 -30.56
C ASN A 48 -31.40 3.97 -29.12
N GLU A 49 -32.39 4.21 -28.28
CA GLU A 49 -32.22 4.49 -26.86
C GLU A 49 -31.54 3.39 -26.04
N LYS A 50 -31.03 2.37 -26.71
CA LYS A 50 -30.42 1.26 -25.99
C LYS A 50 -29.08 1.48 -25.29
N GLU A 51 -27.99 1.31 -26.04
CA GLU A 51 -26.63 1.44 -25.55
C GLU A 51 -26.04 2.83 -25.31
N GLY A 52 -26.86 3.84 -25.10
CA GLY A 52 -26.29 5.15 -24.87
C GLY A 52 -26.09 5.86 -26.19
N PHE A 53 -25.37 6.98 -26.14
CA PHE A 53 -25.17 7.78 -27.34
C PHE A 53 -24.82 6.89 -28.52
N PRO A 54 -25.72 6.78 -29.52
CA PRO A 54 -25.50 5.94 -30.71
C PRO A 54 -24.08 6.04 -31.26
N ILE A 55 -23.41 4.91 -31.40
CA ILE A 55 -22.04 4.90 -31.90
C ILE A 55 -22.07 5.40 -33.30
N THR A 56 -23.13 5.04 -34.01
CA THR A 56 -23.25 5.48 -35.37
C THR A 56 -23.21 7.01 -35.43
N ALA A 57 -23.76 7.69 -34.42
CA ALA A 57 -23.72 9.15 -34.39
C ALA A 57 -22.29 9.60 -34.13
N LEU A 58 -21.70 9.09 -33.05
CA LEU A 58 -20.33 9.42 -32.69
C LEU A 58 -19.42 9.36 -33.90
N ARG A 59 -19.70 8.43 -34.82
CA ARG A 59 -18.90 8.27 -36.02
C ARG A 59 -19.07 9.46 -36.93
N GLU A 60 -20.32 9.75 -37.26
CA GLU A 60 -20.66 10.87 -38.12
C GLU A 60 -19.89 12.10 -37.64
N ILE A 61 -20.06 12.42 -36.38
CA ILE A 61 -19.40 13.57 -35.79
C ILE A 61 -17.89 13.49 -35.89
N LYS A 62 -17.32 12.38 -35.43
CA LYS A 62 -15.86 12.17 -35.45
C LYS A 62 -15.36 12.35 -36.89
N ILE A 63 -16.09 11.75 -37.83
CA ILE A 63 -15.73 11.85 -39.23
C ILE A 63 -15.88 13.28 -39.73
N LEU A 64 -17.07 13.89 -39.55
CA LEU A 64 -17.31 15.27 -40.00
C LEU A 64 -16.22 16.23 -39.56
N GLN A 65 -15.73 16.09 -38.34
CA GLN A 65 -14.69 16.98 -37.87
C GLN A 65 -13.35 16.72 -38.53
N LEU A 66 -13.20 15.56 -39.18
CA LEU A 66 -11.93 15.22 -39.82
C LEU A 66 -11.92 15.68 -41.28
N LEU A 67 -12.97 15.30 -42.01
CA LEU A 67 -13.10 15.66 -43.42
C LEU A 67 -13.36 17.15 -43.66
N LYS A 68 -12.34 17.84 -44.13
CA LYS A 68 -12.45 19.25 -44.42
C LYS A 68 -11.99 19.46 -45.85
N HIS A 69 -12.94 19.29 -46.76
CA HIS A 69 -12.71 19.41 -48.20
C HIS A 69 -13.88 20.15 -48.90
N GLU A 70 -13.55 20.90 -49.94
CA GLU A 70 -14.54 21.65 -50.72
C GLU A 70 -15.82 20.90 -51.05
N ASN A 71 -15.68 19.67 -51.52
CA ASN A 71 -16.84 18.85 -51.90
C ASN A 71 -17.43 17.99 -50.80
N VAL A 72 -17.16 18.35 -49.55
CA VAL A 72 -17.68 17.61 -48.41
C VAL A 72 -18.41 18.59 -47.51
N VAL A 73 -19.69 18.31 -47.23
CA VAL A 73 -20.48 19.19 -46.38
C VAL A 73 -19.67 19.56 -45.13
N ASN A 74 -19.79 20.79 -44.65
CA ASN A 74 -19.01 21.21 -43.49
C ASN A 74 -19.77 21.33 -42.18
N LEU A 75 -19.25 20.66 -41.15
CA LEU A 75 -19.85 20.69 -39.83
C LEU A 75 -19.33 21.91 -39.08
N ILE A 76 -20.23 22.81 -38.70
CA ILE A 76 -19.88 24.04 -37.97
C ILE A 76 -19.58 23.77 -36.50
N GLU A 77 -20.60 23.33 -35.77
CA GLU A 77 -20.47 23.04 -34.36
C GLU A 77 -21.54 22.04 -33.95
N ILE A 78 -21.51 21.61 -32.69
CA ILE A 78 -22.50 20.67 -32.15
C ILE A 78 -23.15 21.34 -30.96
N CYS A 79 -24.44 21.60 -31.09
CA CYS A 79 -25.17 22.27 -30.03
C CYS A 79 -26.05 21.32 -29.28
N ARG A 80 -26.50 21.78 -28.11
CA ARG A 80 -27.37 21.00 -27.23
C ARG A 80 -28.58 21.82 -26.84
N THR A 81 -29.47 21.17 -26.10
CA THR A 81 -30.67 21.81 -25.61
C THR A 81 -30.75 21.41 -24.14
N LYS A 82 -30.69 22.38 -23.22
CA LYS A 82 -30.75 22.07 -21.80
C LYS A 82 -31.77 20.97 -21.59
N ALA A 83 -31.36 19.92 -20.88
CA ALA A 83 -32.21 18.77 -20.66
C ALA A 83 -32.87 18.60 -19.30
N SER A 84 -34.02 17.95 -19.33
CA SER A 84 -34.84 17.64 -18.17
C SER A 84 -35.99 16.74 -18.69
N PRO A 85 -36.77 16.09 -17.80
CA PRO A 85 -37.85 15.25 -18.30
C PRO A 85 -39.06 16.02 -18.82
N LYS A 90 -36.30 13.97 -24.01
CA LYS A 90 -35.26 14.30 -23.04
C LYS A 90 -34.17 15.19 -23.66
N GLY A 91 -32.96 15.15 -23.10
CA GLY A 91 -31.86 15.94 -23.62
C GLY A 91 -31.54 15.64 -25.07
N SER A 92 -31.17 16.66 -25.84
CA SER A 92 -30.88 16.45 -27.25
C SER A 92 -29.58 17.10 -27.70
N ILE A 93 -29.08 16.61 -28.82
CA ILE A 93 -27.84 17.10 -29.40
C ILE A 93 -28.12 17.49 -30.86
N TYR A 94 -27.52 18.59 -31.32
CA TYR A 94 -27.75 19.03 -32.69
C TYR A 94 -26.46 19.30 -33.44
N LEU A 95 -26.45 18.92 -34.71
CA LEU A 95 -25.28 19.16 -35.56
C LEU A 95 -25.57 20.38 -36.43
N VAL A 96 -24.69 21.37 -36.37
CA VAL A 96 -24.86 22.59 -37.14
C VAL A 96 -24.01 22.58 -38.42
N PHE A 97 -24.70 22.45 -39.55
CA PHE A 97 -24.04 22.43 -40.86
C PHE A 97 -24.23 23.75 -41.63
N ASP A 98 -23.30 24.05 -42.53
CA ASP A 98 -23.42 25.23 -43.37
C ASP A 98 -24.64 24.87 -44.22
N PHE A 99 -25.63 25.76 -44.26
CA PHE A 99 -26.83 25.49 -45.04
C PHE A 99 -26.56 25.35 -46.55
N CYS A 100 -27.14 24.33 -47.16
CA CYS A 100 -26.99 24.09 -48.59
C CYS A 100 -28.37 24.11 -49.26
N GLU A 101 -28.48 24.98 -50.26
CA GLU A 101 -29.69 25.23 -51.03
C GLU A 101 -30.46 24.03 -51.58
N HIS A 102 -29.84 23.22 -52.42
CA HIS A 102 -30.54 22.06 -52.96
C HIS A 102 -29.78 20.75 -52.83
N ASP A 103 -30.48 19.67 -53.22
CA ASP A 103 -29.93 18.32 -53.24
C ASP A 103 -30.19 17.79 -54.67
N LEU A 104 -29.23 17.07 -55.22
CA LEU A 104 -29.34 16.54 -56.57
C LEU A 104 -30.63 15.80 -56.80
N ALA A 105 -31.22 15.28 -55.73
CA ALA A 105 -32.47 14.52 -55.83
C ALA A 105 -33.58 15.45 -56.28
N GLY A 106 -33.75 16.54 -55.54
CA GLY A 106 -34.78 17.50 -55.88
C GLY A 106 -34.60 18.15 -57.25
N LEU A 107 -33.38 18.58 -57.59
CA LEU A 107 -33.13 19.21 -58.88
C LEU A 107 -33.50 18.31 -60.03
N LEU A 108 -33.13 17.05 -59.94
CA LEU A 108 -33.45 16.12 -61.02
C LEU A 108 -34.94 15.78 -61.01
N SER A 109 -35.57 15.86 -59.84
CA SER A 109 -37.01 15.58 -59.71
C SER A 109 -37.81 16.61 -60.50
N ASN A 110 -37.53 17.88 -60.23
CA ASN A 110 -38.19 18.99 -60.90
C ASN A 110 -38.02 18.95 -62.43
N VAL A 111 -39.14 18.69 -63.10
CA VAL A 111 -39.19 18.59 -64.56
C VAL A 111 -38.67 19.87 -65.22
N LEU A 112 -38.47 20.91 -64.41
CA LEU A 112 -38.00 22.18 -64.94
C LEU A 112 -36.51 22.38 -65.08
N VAL A 113 -35.75 22.00 -64.05
CA VAL A 113 -34.29 22.16 -64.09
C VAL A 113 -33.66 21.48 -65.30
N LYS A 114 -32.68 22.13 -65.91
CA LYS A 114 -32.02 21.54 -67.07
C LYS A 114 -30.51 21.51 -66.92
N PHE A 115 -29.90 20.44 -67.42
CA PHE A 115 -28.46 20.22 -67.34
C PHE A 115 -27.82 20.06 -68.70
N THR A 116 -26.70 20.74 -68.91
CA THR A 116 -26.00 20.60 -70.18
C THR A 116 -24.93 19.54 -69.92
N LEU A 117 -24.61 18.75 -70.94
CA LEU A 117 -23.60 17.71 -70.79
C LEU A 117 -22.38 18.29 -70.06
N SER A 118 -22.05 19.52 -70.40
CA SER A 118 -20.93 20.18 -69.79
C SER A 118 -21.15 20.36 -68.29
N GLU A 119 -22.40 20.62 -67.91
CA GLU A 119 -22.75 20.84 -66.51
C GLU A 119 -22.77 19.57 -65.72
N ILE A 120 -23.23 18.49 -66.36
CA ILE A 120 -23.26 17.18 -65.71
C ILE A 120 -21.80 16.83 -65.37
N LYS A 121 -20.94 16.94 -66.38
CA LYS A 121 -19.52 16.68 -66.26
C LYS A 121 -18.89 17.34 -65.04
N ARG A 122 -19.36 18.52 -64.65
CA ARG A 122 -18.79 19.18 -63.48
C ARG A 122 -19.44 18.63 -62.21
N VAL A 123 -20.73 18.33 -62.27
CA VAL A 123 -21.39 17.78 -61.09
C VAL A 123 -20.60 16.53 -60.72
N MET A 124 -20.42 15.66 -61.72
CA MET A 124 -19.69 14.40 -61.61
C MET A 124 -18.26 14.57 -61.12
N GLN A 125 -17.51 15.43 -61.80
CA GLN A 125 -16.13 15.70 -61.42
C GLN A 125 -16.01 16.17 -59.98
N MET A 126 -17.08 16.78 -59.45
CA MET A 126 -17.08 17.26 -58.07
C MET A 126 -17.40 16.13 -57.11
N LEU A 127 -18.32 15.28 -57.54
CA LEU A 127 -18.72 14.12 -56.76
C LEU A 127 -17.50 13.25 -56.57
N LEU A 128 -16.93 12.80 -57.69
CA LEU A 128 -15.74 11.94 -57.68
C LEU A 128 -14.57 12.54 -56.93
N ASN A 129 -14.51 13.86 -56.90
CA ASN A 129 -13.42 14.52 -56.19
C ASN A 129 -13.64 14.48 -54.69
N GLY A 130 -14.91 14.45 -54.31
CA GLY A 130 -15.27 14.39 -52.90
C GLY A 130 -14.92 12.99 -52.45
N LEU A 131 -15.44 12.00 -53.18
CA LEU A 131 -15.17 10.59 -52.90
C LEU A 131 -13.68 10.34 -52.78
N TYR A 132 -12.93 10.66 -53.82
CA TYR A 132 -11.49 10.48 -53.77
C TYR A 132 -10.92 11.01 -52.44
N TYR A 133 -11.39 12.17 -51.99
CA TYR A 133 -10.86 12.75 -50.74
C TYR A 133 -11.25 11.91 -49.53
N ILE A 134 -12.54 11.65 -49.39
CA ILE A 134 -13.02 10.88 -48.27
C ILE A 134 -12.36 9.49 -48.27
N HIS A 135 -12.22 8.91 -49.47
CA HIS A 135 -11.61 7.59 -49.59
C HIS A 135 -10.12 7.60 -49.31
N ARG A 136 -9.46 8.71 -49.60
CA ARG A 136 -8.03 8.82 -49.37
C ARG A 136 -7.77 9.06 -47.88
N ASN A 137 -8.83 9.26 -47.12
CA ASN A 137 -8.71 9.48 -45.67
C ASN A 137 -9.35 8.28 -45.02
N LYS A 138 -9.26 7.15 -45.72
CA LYS A 138 -9.79 5.87 -45.27
C LYS A 138 -11.18 5.96 -44.66
N ILE A 139 -12.10 6.52 -45.44
CA ILE A 139 -13.48 6.73 -45.01
C ILE A 139 -14.44 6.24 -46.08
N LEU A 140 -15.42 5.43 -45.68
CA LEU A 140 -16.43 4.95 -46.62
C LEU A 140 -17.72 5.74 -46.32
N HIS A 141 -18.36 6.25 -47.36
CA HIS A 141 -19.57 7.02 -47.15
C HIS A 141 -20.68 6.07 -46.69
N ARG A 142 -20.93 5.04 -47.48
CA ARG A 142 -21.93 4.03 -47.16
C ARG A 142 -23.38 4.44 -47.25
N ASP A 143 -23.65 5.67 -47.66
CA ASP A 143 -25.03 6.08 -47.83
C ASP A 143 -25.25 6.87 -49.12
N MET A 144 -24.39 6.65 -50.11
CA MET A 144 -24.51 7.32 -51.40
C MET A 144 -25.91 7.22 -51.94
N LYS A 145 -26.40 8.34 -52.47
CA LYS A 145 -27.73 8.48 -53.10
C LYS A 145 -27.94 9.93 -53.48
N ALA A 146 -28.70 10.17 -54.55
CA ALA A 146 -29.00 11.52 -55.04
C ALA A 146 -29.32 12.47 -53.87
N ALA A 147 -30.34 12.13 -53.08
CA ALA A 147 -30.76 12.93 -51.94
C ALA A 147 -29.62 13.44 -51.02
N ASN A 148 -28.49 12.75 -51.00
CA ASN A 148 -27.38 13.17 -50.13
C ASN A 148 -26.29 13.94 -50.87
N VAL A 149 -26.52 14.22 -52.15
CA VAL A 149 -25.55 15.00 -52.92
C VAL A 149 -26.09 16.44 -52.92
N LEU A 150 -25.42 17.33 -52.20
CA LEU A 150 -25.85 18.71 -52.10
C LEU A 150 -25.17 19.65 -53.09
N ILE A 151 -25.86 20.73 -53.41
CA ILE A 151 -25.33 21.74 -54.29
C ILE A 151 -25.68 23.10 -53.70
N THR A 152 -24.70 23.98 -53.59
CA THR A 152 -24.95 25.28 -53.02
C THR A 152 -25.51 26.25 -54.06
N ARG A 153 -25.92 27.41 -53.57
CA ARG A 153 -26.47 28.47 -54.41
C ARG A 153 -25.40 28.91 -55.40
N ASP A 154 -24.14 28.80 -54.99
CA ASP A 154 -23.02 29.15 -55.83
C ASP A 154 -22.63 28.05 -56.80
N GLY A 155 -23.35 26.93 -56.76
CA GLY A 155 -23.04 25.80 -57.65
C GLY A 155 -21.89 24.87 -57.25
N VAL A 156 -21.67 24.69 -55.95
CA VAL A 156 -20.62 23.83 -55.43
C VAL A 156 -21.24 22.55 -54.89
N LEU A 157 -20.70 21.40 -55.29
CA LEU A 157 -21.24 20.12 -54.83
C LEU A 157 -20.66 19.73 -53.47
N LYS A 158 -21.49 19.08 -52.66
CA LYS A 158 -21.11 18.61 -51.33
C LYS A 158 -21.70 17.22 -51.02
N LEU A 159 -20.86 16.31 -50.52
CA LEU A 159 -21.34 14.99 -50.16
C LEU A 159 -21.88 15.11 -48.73
N ALA A 160 -23.13 14.70 -48.51
CA ALA A 160 -23.73 14.82 -47.18
C ALA A 160 -24.28 13.53 -46.55
N ASP A 161 -24.60 13.63 -45.26
CA ASP A 161 -25.14 12.52 -44.48
C ASP A 161 -24.12 11.42 -44.24
N PHE A 162 -23.19 11.67 -43.34
CA PHE A 162 -22.19 10.67 -43.04
C PHE A 162 -22.65 9.93 -41.82
N GLY A 163 -23.97 9.87 -41.64
CA GLY A 163 -24.52 9.21 -40.48
C GLY A 163 -24.31 7.71 -40.50
N LEU A 164 -23.98 7.19 -41.66
CA LEU A 164 -23.77 5.77 -41.78
C LEU A 164 -22.33 5.50 -42.18
N ALA A 165 -21.51 6.55 -42.13
CA ALA A 165 -20.11 6.43 -42.53
C ALA A 165 -19.22 5.84 -41.46
N ARG A 166 -18.06 5.36 -41.88
CA ARG A 166 -17.05 4.74 -41.01
C ARG A 166 -15.68 4.73 -41.65
N ALA A 167 -14.68 4.40 -40.86
CA ALA A 167 -13.31 4.29 -41.34
C ALA A 167 -13.14 2.88 -41.91
N PHE A 168 -12.09 2.67 -42.71
CA PHE A 168 -11.83 1.36 -43.25
C PHE A 168 -10.32 1.20 -43.26
N SER A 169 -9.86 -0.04 -43.33
CA SER A 169 -8.42 -0.31 -43.27
C SER A 169 -7.80 -0.63 -44.60
N LEU A 170 -6.61 -0.08 -44.79
CA LEU A 170 -5.81 -0.31 -45.99
C LEU A 170 -5.06 -1.61 -45.68
N ALA A 171 -5.82 -2.70 -45.58
CA ALA A 171 -5.28 -4.01 -45.25
C ALA A 171 -5.15 -4.99 -46.42
N LYS A 172 -4.26 -4.69 -47.36
CA LYS A 172 -4.02 -5.59 -48.48
C LYS A 172 -3.27 -6.74 -47.80
N ASN A 173 -2.74 -6.41 -46.62
CA ASN A 173 -1.97 -7.32 -45.80
C ASN A 173 -2.70 -8.55 -45.28
N SER A 174 -2.82 -8.60 -43.96
CA SER A 174 -3.41 -9.72 -43.25
C SER A 174 -4.91 -10.02 -43.33
N GLN A 175 -5.43 -10.41 -42.16
CA GLN A 175 -6.83 -10.78 -41.94
C GLN A 175 -7.90 -9.92 -42.60
N PRO A 176 -8.95 -10.57 -43.13
CA PRO A 176 -10.06 -9.88 -43.79
C PRO A 176 -10.83 -9.06 -42.76
N ASN A 177 -11.47 -8.00 -43.21
CA ASN A 177 -12.21 -7.12 -42.31
C ASN A 177 -13.67 -7.52 -42.29
N ARG A 178 -14.30 -7.40 -41.12
CA ARG A 178 -15.69 -7.78 -40.99
C ARG A 178 -16.55 -6.55 -40.72
N TYR A 179 -16.74 -5.73 -41.75
CA TYR A 179 -17.54 -4.51 -41.66
C TYR A 179 -19.02 -4.83 -41.74
N TPO A 180 -19.85 -3.89 -41.29
CA TPO A 180 -21.31 -4.04 -41.27
CB TPO A 180 -21.95 -2.83 -40.60
CG2 TPO A 180 -23.42 -3.06 -40.47
OG1 TPO A 180 -21.40 -2.66 -39.28
P TPO A 180 -20.49 -1.35 -39.26
O1P TPO A 180 -21.39 -0.08 -39.60
O2P TPO A 180 -19.83 -1.13 -37.83
O3P TPO A 180 -19.31 -1.50 -40.35
C TPO A 180 -21.90 -4.24 -42.66
O TPO A 180 -21.75 -3.39 -43.53
N ASN A 181 -22.57 -5.37 -42.89
CA ASN A 181 -23.08 -5.63 -44.22
C ASN A 181 -24.27 -4.82 -44.65
N ARG A 182 -25.28 -4.71 -43.78
CA ARG A 182 -26.47 -3.94 -44.15
C ARG A 182 -26.19 -2.46 -44.07
N VAL A 183 -25.88 -1.89 -45.23
CA VAL A 183 -25.60 -0.48 -45.38
C VAL A 183 -25.90 -0.07 -46.82
N VAL A 184 -26.11 1.23 -47.02
CA VAL A 184 -26.46 1.77 -48.34
C VAL A 184 -27.95 1.47 -48.63
N THR A 185 -28.71 2.50 -49.02
CA THR A 185 -30.14 2.33 -49.33
C THR A 185 -30.23 1.26 -50.40
N LEU A 186 -31.31 0.48 -50.39
CA LEU A 186 -31.47 -0.58 -51.37
C LEU A 186 -31.13 -0.18 -52.81
N TRP A 187 -31.81 0.84 -53.32
CA TRP A 187 -31.62 1.31 -54.71
C TRP A 187 -30.21 1.69 -55.14
N TYR A 188 -29.33 1.96 -54.19
CA TYR A 188 -27.97 2.34 -54.52
C TYR A 188 -26.96 1.35 -53.94
N ARG A 189 -27.43 0.15 -53.60
CA ARG A 189 -26.56 -0.86 -53.00
C ARG A 189 -25.81 -1.71 -54.02
N PRO A 190 -24.49 -1.87 -53.83
CA PRO A 190 -23.71 -2.67 -54.77
C PRO A 190 -24.01 -4.16 -54.63
N PRO A 191 -23.74 -4.95 -55.68
CA PRO A 191 -23.99 -6.39 -55.66
C PRO A 191 -23.29 -7.08 -54.52
N GLU A 192 -22.00 -6.78 -54.37
CA GLU A 192 -21.21 -7.39 -53.32
C GLU A 192 -21.95 -7.43 -51.99
N LEU A 193 -22.57 -6.29 -51.63
CA LEU A 193 -23.31 -6.19 -50.37
C LEU A 193 -24.57 -7.03 -50.37
N LEU A 194 -25.30 -6.97 -51.48
CA LEU A 194 -26.53 -7.72 -51.60
C LEU A 194 -26.25 -9.21 -51.54
N LEU A 195 -25.00 -9.60 -51.75
CA LEU A 195 -24.66 -11.01 -51.67
C LEU A 195 -24.11 -11.37 -50.28
N GLY A 196 -24.08 -10.39 -49.38
CA GLY A 196 -23.63 -10.64 -48.02
C GLY A 196 -22.23 -10.18 -47.69
N GLU A 197 -21.52 -9.65 -48.68
CA GLU A 197 -20.16 -9.20 -48.47
C GLU A 197 -19.96 -8.38 -47.19
N ARG A 198 -18.88 -8.66 -46.47
CA ARG A 198 -18.56 -7.93 -45.24
C ARG A 198 -17.13 -7.47 -45.24
N ASP A 199 -16.44 -7.66 -46.38
CA ASP A 199 -15.05 -7.26 -46.53
C ASP A 199 -14.96 -6.32 -47.76
N TYR A 200 -15.89 -5.38 -47.83
CA TYR A 200 -15.94 -4.43 -48.94
C TYR A 200 -15.11 -3.20 -48.60
N GLY A 201 -15.06 -2.26 -49.53
CA GLY A 201 -14.30 -1.04 -49.34
C GLY A 201 -14.79 0.06 -50.26
N PRO A 202 -13.93 1.03 -50.64
CA PRO A 202 -14.28 2.15 -51.53
C PRO A 202 -15.25 1.81 -52.67
N PRO A 203 -14.98 0.74 -53.42
CA PRO A 203 -15.86 0.39 -54.53
C PRO A 203 -17.36 0.43 -54.27
N ILE A 204 -17.83 0.45 -53.01
CA ILE A 204 -19.29 0.49 -52.79
C ILE A 204 -19.88 1.87 -53.03
N ASP A 205 -19.08 2.90 -52.75
CA ASP A 205 -19.49 4.28 -52.96
C ASP A 205 -19.43 4.57 -54.44
N LEU A 206 -18.47 3.96 -55.12
CA LEU A 206 -18.32 4.18 -56.54
C LEU A 206 -19.44 3.55 -57.33
N TRP A 207 -20.07 2.51 -56.81
CA TRP A 207 -21.21 1.89 -57.50
C TRP A 207 -22.40 2.85 -57.37
N GLY A 208 -22.43 3.60 -56.27
CA GLY A 208 -23.50 4.56 -56.06
C GLY A 208 -23.25 5.70 -57.02
N ALA A 209 -21.99 6.11 -57.08
CA ALA A 209 -21.55 7.18 -57.97
C ALA A 209 -22.06 6.89 -59.39
N GLY A 210 -22.11 5.61 -59.74
CA GLY A 210 -22.57 5.22 -61.06
C GLY A 210 -24.09 5.25 -61.17
N CYS A 211 -24.78 4.86 -60.11
CA CYS A 211 -26.23 4.85 -60.11
C CYS A 211 -26.70 6.30 -60.22
N ILE A 212 -25.94 7.17 -59.57
CA ILE A 212 -26.23 8.58 -59.55
C ILE A 212 -25.95 9.20 -60.91
N MET A 213 -24.75 8.98 -61.44
CA MET A 213 -24.38 9.53 -62.75
C MET A 213 -25.43 9.21 -63.82
N ALA A 214 -25.97 8.00 -63.80
CA ALA A 214 -26.98 7.65 -64.78
C ALA A 214 -28.23 8.47 -64.51
N GLU A 215 -28.45 8.87 -63.25
CA GLU A 215 -29.63 9.63 -62.90
C GLU A 215 -29.65 11.02 -63.52
N MET A 216 -28.47 11.62 -63.66
CA MET A 216 -28.35 12.94 -64.27
C MET A 216 -29.03 12.97 -65.65
N TRP A 217 -29.14 11.82 -66.29
CA TRP A 217 -29.74 11.73 -67.60
C TRP A 217 -31.13 11.08 -67.56
N THR A 218 -31.36 10.19 -66.60
CA THR A 218 -32.64 9.49 -66.47
C THR A 218 -33.63 10.23 -65.55
N ARG A 219 -33.10 11.07 -64.68
CA ARG A 219 -33.94 11.84 -63.78
C ARG A 219 -34.68 11.02 -62.75
N SER A 220 -34.19 9.82 -62.48
CA SER A 220 -34.81 8.94 -61.49
C SER A 220 -34.04 7.65 -61.34
N PRO A 221 -33.93 7.14 -60.10
CA PRO A 221 -33.23 5.89 -59.77
C PRO A 221 -33.42 4.84 -60.85
N ILE A 222 -32.30 4.45 -61.46
CA ILE A 222 -32.29 3.47 -62.54
C ILE A 222 -32.58 2.02 -62.16
N MET A 223 -32.51 1.71 -60.86
CA MET A 223 -32.81 0.36 -60.39
C MET A 223 -33.58 0.46 -59.08
N GLN A 224 -34.89 0.28 -59.16
CA GLN A 224 -35.73 0.38 -57.97
C GLN A 224 -36.36 -0.93 -57.52
N GLY A 225 -35.58 -1.75 -56.82
CA GLY A 225 -36.11 -3.01 -56.35
C GLY A 225 -37.03 -2.82 -55.15
N ASN A 226 -37.88 -3.81 -54.89
CA ASN A 226 -38.80 -3.76 -53.75
C ASN A 226 -38.22 -4.56 -52.61
N THR A 227 -37.43 -5.58 -52.98
CA THR A 227 -36.77 -6.47 -52.04
C THR A 227 -35.36 -6.65 -52.52
N GLU A 228 -34.49 -7.13 -51.62
CA GLU A 228 -33.10 -7.36 -51.96
C GLU A 228 -32.98 -8.32 -53.14
N GLN A 229 -33.88 -9.29 -53.25
CA GLN A 229 -33.77 -10.20 -54.37
C GLN A 229 -34.22 -9.51 -55.62
N HIS A 230 -35.19 -8.63 -55.47
CA HIS A 230 -35.72 -7.89 -56.60
C HIS A 230 -34.61 -7.00 -57.17
N GLN A 231 -33.88 -6.36 -56.25
CA GLN A 231 -32.78 -5.49 -56.60
C GLN A 231 -31.80 -6.27 -57.45
N LEU A 232 -31.34 -7.40 -56.90
CA LEU A 232 -30.40 -8.27 -57.60
C LEU A 232 -30.89 -8.63 -58.99
N ALA A 233 -32.20 -8.85 -59.11
CA ALA A 233 -32.75 -9.19 -60.41
C ALA A 233 -32.57 -8.01 -61.36
N LEU A 234 -32.93 -6.81 -60.92
CA LEU A 234 -32.79 -5.62 -61.74
C LEU A 234 -31.34 -5.44 -62.14
N ILE A 235 -30.44 -5.51 -61.17
CA ILE A 235 -29.02 -5.37 -61.43
C ILE A 235 -28.53 -6.38 -62.48
N SER A 236 -29.08 -7.59 -62.43
CA SER A 236 -28.72 -8.64 -63.35
C SER A 236 -29.21 -8.29 -64.73
N GLN A 237 -30.44 -7.80 -64.79
CA GLN A 237 -31.07 -7.42 -66.05
C GLN A 237 -30.32 -6.28 -66.72
N LEU A 238 -29.68 -5.46 -65.91
CA LEU A 238 -28.95 -4.34 -66.46
C LEU A 238 -27.48 -4.63 -66.68
N CYS A 239 -26.77 -5.02 -65.63
CA CYS A 239 -25.34 -5.29 -65.74
C CYS A 239 -25.01 -6.70 -66.22
N GLY A 240 -26.02 -7.56 -66.29
CA GLY A 240 -25.79 -8.91 -66.73
C GLY A 240 -25.81 -9.90 -65.58
N SER A 241 -25.96 -11.18 -65.91
CA SER A 241 -26.00 -12.20 -64.88
C SER A 241 -24.71 -12.24 -64.11
N ILE A 242 -24.85 -12.42 -62.81
CA ILE A 242 -23.71 -12.50 -61.91
C ILE A 242 -23.19 -13.94 -61.96
N THR A 243 -22.03 -14.13 -62.59
CA THR A 243 -21.45 -15.44 -62.69
C THR A 243 -19.95 -15.33 -62.51
N PRO A 244 -19.30 -16.42 -62.07
CA PRO A 244 -17.86 -16.49 -61.82
C PRO A 244 -17.02 -16.12 -63.06
N GLU A 245 -17.69 -16.07 -64.19
CA GLU A 245 -17.06 -15.73 -65.46
C GLU A 245 -16.59 -14.28 -65.35
N VAL A 246 -17.52 -13.43 -64.93
CA VAL A 246 -17.27 -12.00 -64.80
C VAL A 246 -16.84 -11.65 -63.39
N TRP A 247 -17.26 -12.47 -62.43
CA TRP A 247 -16.95 -12.27 -61.01
C TRP A 247 -16.12 -13.42 -60.43
N PRO A 248 -14.79 -13.38 -60.63
CA PRO A 248 -13.95 -14.45 -60.11
C PRO A 248 -14.25 -14.77 -58.64
N ASN A 249 -14.55 -16.04 -58.39
CA ASN A 249 -14.84 -16.53 -57.05
C ASN A 249 -16.11 -16.04 -56.38
N VAL A 250 -17.07 -15.60 -57.18
CA VAL A 250 -18.33 -15.14 -56.60
C VAL A 250 -19.15 -16.29 -56.01
N ASP A 251 -18.79 -17.53 -56.35
CA ASP A 251 -19.47 -18.74 -55.88
C ASP A 251 -19.55 -18.85 -54.36
N ASN A 252 -18.43 -18.51 -53.73
CA ASN A 252 -18.26 -18.61 -52.29
C ASN A 252 -19.29 -17.87 -51.45
N TYR A 253 -19.96 -16.87 -52.03
CA TYR A 253 -20.98 -16.12 -51.29
C TYR A 253 -22.14 -17.00 -50.89
N GLU A 254 -22.28 -17.15 -49.58
CA GLU A 254 -23.36 -17.95 -49.03
C GLU A 254 -24.65 -17.68 -49.80
N LEU A 255 -24.94 -16.41 -50.06
CA LEU A 255 -26.17 -15.99 -50.75
C LEU A 255 -26.22 -16.17 -52.26
N TYR A 256 -25.08 -16.42 -52.90
CA TYR A 256 -25.08 -16.60 -54.34
C TYR A 256 -26.02 -17.74 -54.71
N GLU A 257 -25.88 -18.88 -54.03
CA GLU A 257 -26.69 -20.08 -54.31
C GLU A 257 -28.19 -19.75 -54.35
N LYS A 258 -28.49 -18.45 -54.27
CA LYS A 258 -29.86 -17.94 -54.29
C LYS A 258 -30.19 -17.17 -55.57
N LEU A 259 -29.23 -17.14 -56.51
CA LEU A 259 -29.41 -16.45 -57.78
C LEU A 259 -29.70 -17.44 -58.88
N GLU A 260 -29.60 -18.72 -58.56
CA GLU A 260 -29.82 -19.80 -59.52
C GLU A 260 -30.78 -19.58 -60.69
N LEU A 261 -31.91 -18.96 -60.41
CA LEU A 261 -32.93 -18.71 -61.43
C LEU A 261 -32.71 -17.46 -62.31
N VAL A 262 -31.84 -16.57 -61.85
CA VAL A 262 -31.49 -15.34 -62.57
C VAL A 262 -30.10 -15.57 -63.19
N LYS A 263 -30.02 -16.41 -64.24
CA LYS A 263 -28.71 -16.72 -64.83
C LYS A 263 -28.47 -16.47 -66.34
N GLY A 264 -29.39 -15.83 -67.05
CA GLY A 264 -29.14 -15.64 -68.47
C GLY A 264 -28.97 -14.26 -69.07
N GLN A 265 -29.03 -13.23 -68.24
CA GLN A 265 -28.91 -11.86 -68.73
C GLN A 265 -27.59 -11.47 -69.38
N LYS A 266 -27.67 -10.65 -70.43
CA LYS A 266 -26.49 -10.17 -71.16
C LYS A 266 -26.31 -8.71 -70.75
N ARG A 267 -25.06 -8.25 -70.59
CA ARG A 267 -24.82 -6.87 -70.19
C ARG A 267 -25.46 -5.89 -71.18
N LYS A 268 -26.50 -5.21 -70.70
CA LYS A 268 -27.26 -4.25 -71.49
C LYS A 268 -27.03 -2.82 -71.00
N VAL A 269 -26.05 -2.63 -70.12
CA VAL A 269 -25.77 -1.31 -69.55
C VAL A 269 -25.84 -0.17 -70.54
N LYS A 270 -24.87 -0.10 -71.43
CA LYS A 270 -24.82 0.97 -72.41
C LYS A 270 -26.04 1.02 -73.30
N ASP A 271 -26.63 -0.14 -73.61
CA ASP A 271 -27.81 -0.15 -74.45
C ASP A 271 -29.01 0.53 -73.81
N ARG A 272 -29.34 0.13 -72.59
CA ARG A 272 -30.49 0.68 -71.89
C ARG A 272 -30.35 2.16 -71.54
N LEU A 273 -29.12 2.62 -71.37
CA LEU A 273 -28.87 4.03 -71.05
C LEU A 273 -28.55 4.85 -72.30
N LYS A 274 -28.44 4.17 -73.44
CA LYS A 274 -28.12 4.81 -74.71
C LYS A 274 -29.09 5.96 -75.03
N ALA A 275 -30.39 5.63 -75.02
CA ALA A 275 -31.48 6.57 -75.30
C ALA A 275 -31.49 7.81 -74.42
N TYR A 276 -30.78 7.76 -73.29
CA TYR A 276 -30.73 8.89 -72.38
C TYR A 276 -29.43 9.66 -72.39
N VAL A 277 -28.30 8.96 -72.35
CA VAL A 277 -26.98 9.60 -72.29
C VAL A 277 -26.47 10.22 -73.59
N ARG A 278 -26.53 9.47 -74.67
CA ARG A 278 -26.06 9.98 -75.96
C ARG A 278 -24.51 10.03 -76.00
N ASP A 279 -23.91 10.92 -75.21
CA ASP A 279 -22.45 11.04 -75.19
C ASP A 279 -21.77 9.68 -74.96
N PRO A 280 -20.82 9.29 -75.83
CA PRO A 280 -20.06 8.04 -75.75
C PRO A 280 -19.26 7.84 -74.45
N TYR A 281 -18.32 8.74 -74.18
CA TYR A 281 -17.51 8.65 -72.98
C TYR A 281 -18.37 8.60 -71.72
N ALA A 282 -19.53 9.24 -71.76
CA ALA A 282 -20.43 9.24 -70.61
C ALA A 282 -21.02 7.84 -70.44
N LEU A 283 -21.30 7.18 -71.56
CA LEU A 283 -21.82 5.83 -71.53
C LEU A 283 -20.71 4.92 -71.05
N ASP A 284 -19.49 5.33 -71.34
CA ASP A 284 -18.34 4.53 -70.94
C ASP A 284 -18.07 4.54 -69.44
N LEU A 285 -17.96 5.72 -68.84
CA LEU A 285 -17.70 5.78 -67.41
C LEU A 285 -18.86 5.18 -66.59
N ILE A 286 -20.09 5.30 -67.06
CA ILE A 286 -21.20 4.73 -66.31
C ILE A 286 -21.07 3.21 -66.39
N ASP A 287 -20.53 2.75 -67.51
CA ASP A 287 -20.31 1.32 -67.74
C ASP A 287 -19.20 0.78 -66.84
N LYS A 288 -18.15 1.58 -66.64
CA LYS A 288 -17.01 1.18 -65.81
C LYS A 288 -17.27 1.33 -64.32
N LEU A 289 -18.28 2.12 -63.97
CA LEU A 289 -18.62 2.30 -62.56
C LEU A 289 -19.62 1.23 -62.20
N LEU A 290 -20.46 0.84 -63.16
CA LEU A 290 -21.44 -0.18 -62.88
C LEU A 290 -20.91 -1.57 -63.25
N VAL A 291 -19.76 -1.90 -62.66
CA VAL A 291 -19.08 -3.18 -62.84
C VAL A 291 -19.40 -4.07 -61.64
N LEU A 292 -19.90 -5.29 -61.93
CA LEU A 292 -20.27 -6.25 -60.89
C LEU A 292 -19.17 -6.63 -59.90
N ASP A 293 -17.99 -7.03 -60.37
CA ASP A 293 -16.94 -7.37 -59.45
C ASP A 293 -16.24 -6.13 -58.94
N PRO A 294 -16.44 -5.79 -57.66
CA PRO A 294 -15.82 -4.61 -57.06
C PRO A 294 -14.31 -4.50 -57.29
N ALA A 295 -13.67 -5.62 -57.60
CA ALA A 295 -12.24 -5.62 -57.82
C ALA A 295 -11.88 -5.12 -59.22
N GLN A 296 -12.87 -5.12 -60.10
CA GLN A 296 -12.68 -4.70 -61.49
C GLN A 296 -13.37 -3.34 -61.75
N ARG A 297 -14.14 -2.91 -60.75
CA ARG A 297 -14.86 -1.65 -60.80
C ARG A 297 -13.85 -0.52 -60.71
N ILE A 298 -14.01 0.50 -61.55
CA ILE A 298 -13.10 1.65 -61.59
C ILE A 298 -13.12 2.45 -60.26
N ASP A 299 -12.01 3.06 -59.91
CA ASP A 299 -11.94 3.82 -58.66
C ASP A 299 -12.09 5.33 -58.90
N SER A 300 -12.21 6.11 -57.83
CA SER A 300 -12.37 7.55 -57.95
C SER A 300 -11.24 8.20 -58.77
N ASP A 301 -10.00 7.88 -58.44
CA ASP A 301 -8.83 8.41 -59.14
C ASP A 301 -8.85 8.22 -60.65
N ASP A 302 -9.02 6.97 -61.08
CA ASP A 302 -9.02 6.66 -62.50
C ASP A 302 -10.27 7.18 -63.20
N ALA A 303 -11.35 7.35 -62.45
CA ALA A 303 -12.58 7.90 -63.02
C ALA A 303 -12.28 9.36 -63.36
N LEU A 304 -11.59 10.04 -62.44
CA LEU A 304 -11.20 11.42 -62.63
C LEU A 304 -10.21 11.60 -63.79
N ASN A 305 -9.74 10.51 -64.38
CA ASN A 305 -8.81 10.64 -65.49
C ASN A 305 -9.34 9.95 -66.73
N HIS A 306 -10.64 9.62 -66.67
CA HIS A 306 -11.34 8.99 -67.78
C HIS A 306 -11.53 10.05 -68.86
N ASP A 307 -11.58 9.65 -70.12
CA ASP A 307 -11.76 10.62 -71.21
C ASP A 307 -12.96 11.55 -71.02
N PHE A 308 -14.00 11.06 -70.35
CA PHE A 308 -15.19 11.89 -70.10
C PHE A 308 -14.82 13.21 -69.44
N PHE A 309 -13.63 13.28 -68.83
CA PHE A 309 -13.14 14.49 -68.17
C PHE A 309 -11.99 15.09 -68.97
N TRP A 310 -11.91 14.76 -70.26
CA TRP A 310 -10.87 15.30 -71.11
C TRP A 310 -11.28 15.12 -72.56
N SER A 311 -12.36 15.81 -72.93
CA SER A 311 -12.93 15.75 -74.26
C SER A 311 -14.07 16.78 -74.31
N ASP A 312 -14.15 17.52 -75.41
CA ASP A 312 -15.19 18.52 -75.60
C ASP A 312 -16.56 17.85 -75.46
N PRO A 313 -17.49 18.46 -74.71
CA PRO A 313 -17.41 19.71 -73.96
C PRO A 313 -16.80 19.55 -72.59
N MET A 314 -15.76 20.30 -72.28
CA MET A 314 -15.16 20.20 -70.96
C MET A 314 -16.13 20.67 -69.89
N PRO A 315 -15.78 20.50 -68.60
CA PRO A 315 -16.61 20.89 -67.46
C PRO A 315 -16.83 22.41 -67.28
N SER A 316 -18.09 22.81 -67.09
CA SER A 316 -18.46 24.22 -66.90
C SER A 316 -19.19 24.38 -65.57
N ASP A 317 -19.21 25.58 -65.00
CA ASP A 317 -19.88 25.75 -63.72
C ASP A 317 -21.36 25.40 -63.78
N LEU A 318 -22.08 25.66 -62.69
CA LEU A 318 -23.49 25.36 -62.64
C LEU A 318 -24.43 26.58 -62.51
N LYS A 319 -24.00 27.74 -62.99
CA LYS A 319 -24.83 28.94 -62.95
C LYS A 319 -26.03 28.70 -63.84
N GLY A 320 -25.76 28.31 -65.09
CA GLY A 320 -26.80 28.05 -66.06
C GLY A 320 -27.91 27.19 -65.49
N MET A 321 -27.56 25.99 -65.06
CA MET A 321 -28.55 25.09 -64.46
C MET A 321 -29.29 25.78 -63.31
N LEU A 322 -28.55 26.48 -62.44
CA LEU A 322 -29.13 27.17 -61.29
C LEU A 322 -29.84 28.45 -61.69
N SER A 323 -29.95 28.68 -63.00
CA SER A 323 -30.62 29.85 -63.59
C SER A 323 -31.74 30.36 -62.67
N THR A 324 -31.49 31.51 -62.04
CA THR A 324 -32.40 32.15 -61.10
C THR A 324 -33.75 31.43 -60.87
N HIS A 325 -34.05 31.23 -59.60
CA HIS A 325 -35.28 30.56 -59.16
C HIS A 325 -35.42 30.84 -57.66
N ASN B 7 -6.68 29.28 -30.42
CA ASN B 7 -6.90 28.72 -29.05
C ASN B 7 -7.68 27.41 -29.13
N ASN B 8 -8.27 27.12 -30.28
CA ASN B 8 -9.02 25.88 -30.42
C ASN B 8 -8.03 24.72 -30.37
N ASN B 9 -6.79 24.99 -30.77
CA ASN B 9 -5.72 23.99 -30.76
C ASN B 9 -5.04 24.03 -29.38
N LYS B 10 -5.33 25.09 -28.63
CA LYS B 10 -4.78 25.30 -27.30
C LYS B 10 -5.85 25.11 -26.23
N ARG B 11 -7.08 24.84 -26.65
CA ARG B 11 -8.19 24.70 -25.70
C ARG B 11 -7.95 23.81 -24.50
N TRP B 12 -7.40 22.63 -24.73
CA TRP B 12 -7.18 21.69 -23.65
C TRP B 12 -5.74 21.63 -23.13
N TYR B 13 -5.02 22.73 -23.26
CA TYR B 13 -3.66 22.78 -22.77
C TYR B 13 -3.53 23.86 -21.74
N PHE B 14 -2.85 23.56 -20.66
CA PHE B 14 -2.76 24.52 -19.59
C PHE B 14 -1.36 24.63 -19.10
N THR B 15 -1.04 25.80 -18.56
CA THR B 15 0.27 26.02 -18.01
C THR B 15 0.28 25.53 -16.55
N ARG B 16 1.45 25.54 -15.94
CA ARG B 16 1.57 25.13 -14.56
C ARG B 16 0.59 25.95 -13.72
N GLU B 17 0.58 27.28 -13.86
CA GLU B 17 -0.33 28.12 -13.08
C GLU B 17 -1.80 27.78 -13.34
N GLN B 18 -2.18 27.66 -14.59
CA GLN B 18 -3.57 27.37 -14.84
C GLN B 18 -4.04 26.11 -14.09
N LEU B 19 -3.17 25.09 -14.04
CA LEU B 19 -3.51 23.83 -13.38
C LEU B 19 -3.55 24.04 -11.87
N GLU B 20 -2.85 25.10 -11.48
CA GLU B 20 -2.73 25.55 -10.11
C GLU B 20 -4.11 25.87 -9.54
N ASN B 21 -5.09 25.99 -10.42
CA ASN B 21 -6.44 26.30 -10.02
C ASN B 21 -7.45 25.51 -10.87
N SER B 22 -7.99 24.42 -10.33
CA SER B 22 -8.96 23.61 -11.06
C SER B 22 -10.33 23.68 -10.40
N PRO B 23 -11.36 23.16 -11.07
CA PRO B 23 -12.73 23.14 -10.54
C PRO B 23 -12.70 22.50 -9.17
N SER B 24 -12.07 21.34 -9.11
CA SER B 24 -11.94 20.60 -7.88
C SER B 24 -11.38 21.53 -6.79
N ARG B 25 -10.29 22.24 -7.09
CA ARG B 25 -9.69 23.16 -6.12
C ARG B 25 -10.76 24.11 -5.54
N ARG B 26 -11.64 24.56 -6.43
CA ARG B 26 -12.72 25.48 -6.11
C ARG B 26 -13.61 24.98 -4.99
N PHE B 27 -13.80 23.67 -4.90
CA PHE B 27 -14.60 23.09 -3.83
C PHE B 27 -13.68 22.53 -2.75
N GLY B 28 -12.53 23.19 -2.58
CA GLY B 28 -11.58 22.84 -1.55
C GLY B 28 -10.85 21.51 -1.60
N VAL B 29 -10.44 21.10 -2.79
CA VAL B 29 -9.69 19.86 -2.92
C VAL B 29 -8.22 20.20 -3.14
N ASP B 30 -7.37 19.79 -2.20
CA ASP B 30 -5.91 20.02 -2.24
C ASP B 30 -5.33 19.62 -3.59
N PRO B 31 -4.32 20.36 -4.08
CA PRO B 31 -3.69 20.03 -5.37
C PRO B 31 -3.31 18.56 -5.44
N ASP B 32 -2.58 18.07 -4.43
CA ASP B 32 -2.19 16.67 -4.39
C ASP B 32 -3.39 15.74 -4.34
N LYS B 33 -4.38 16.06 -3.52
CA LYS B 33 -5.59 15.24 -3.44
C LYS B 33 -6.14 14.98 -4.83
N GLU B 34 -6.19 16.03 -5.65
CA GLU B 34 -6.70 15.89 -7.01
C GLU B 34 -5.81 14.99 -7.84
N LEU B 35 -4.50 15.16 -7.71
CA LEU B 35 -3.56 14.34 -8.47
C LEU B 35 -3.80 12.86 -8.25
N SER B 36 -4.15 12.49 -7.02
CA SER B 36 -4.42 11.11 -6.69
C SER B 36 -5.72 10.68 -7.32
N TYR B 37 -6.76 11.49 -7.19
CA TYR B 37 -8.05 11.14 -7.78
C TYR B 37 -7.83 10.84 -9.25
N ARG B 38 -6.92 11.60 -9.88
CA ARG B 38 -6.63 11.40 -11.29
C ARG B 38 -5.94 10.04 -11.49
N GLN B 39 -4.81 9.84 -10.79
CA GLN B 39 -4.04 8.59 -10.87
C GLN B 39 -4.95 7.38 -10.63
N GLN B 40 -5.78 7.49 -9.59
CA GLN B 40 -6.71 6.44 -9.23
C GLN B 40 -7.71 6.17 -10.34
N ALA B 41 -8.15 7.24 -10.99
CA ALA B 41 -9.10 7.08 -12.07
C ALA B 41 -8.40 6.31 -13.18
N ALA B 42 -7.13 6.67 -13.43
CA ALA B 42 -6.36 6.00 -14.48
C ALA B 42 -6.29 4.55 -14.12
N ASN B 43 -5.94 4.31 -12.86
CA ASN B 43 -5.83 2.95 -12.35
C ASN B 43 -7.07 2.11 -12.65
N LEU B 44 -8.24 2.59 -12.23
CA LEU B 44 -9.49 1.86 -12.46
C LEU B 44 -9.80 1.71 -13.95
N LEU B 45 -9.40 2.71 -14.73
CA LEU B 45 -9.64 2.68 -16.17
C LEU B 45 -8.81 1.61 -16.86
N GLN B 46 -7.55 1.53 -16.47
CA GLN B 46 -6.63 0.54 -17.01
C GLN B 46 -7.15 -0.83 -16.58
N ASP B 47 -7.41 -1.01 -15.28
CA ASP B 47 -7.91 -2.28 -14.78
C ASP B 47 -9.18 -2.69 -15.53
N MET B 48 -10.24 -1.89 -15.50
CA MET B 48 -11.44 -2.25 -16.23
C MET B 48 -11.17 -2.55 -17.71
N GLY B 49 -10.20 -1.82 -18.27
CA GLY B 49 -9.85 -1.99 -19.67
C GLY B 49 -9.29 -3.37 -19.97
N GLN B 50 -8.34 -3.81 -19.16
CA GLN B 50 -7.77 -5.13 -19.38
C GLN B 50 -8.83 -6.20 -19.18
N ARG B 51 -9.76 -5.99 -18.26
CA ARG B 51 -10.79 -7.00 -18.04
C ARG B 51 -11.75 -7.08 -19.18
N LEU B 52 -12.10 -5.92 -19.74
CA LEU B 52 -13.02 -5.91 -20.87
C LEU B 52 -12.20 -6.29 -22.08
N ASN B 53 -10.89 -6.29 -21.88
CA ASN B 53 -9.93 -6.61 -22.92
C ASN B 53 -10.02 -5.71 -24.15
N VAL B 54 -10.11 -4.40 -23.91
CA VAL B 54 -10.17 -3.45 -25.02
C VAL B 54 -8.72 -3.07 -25.33
N SER B 55 -8.51 -2.37 -26.44
CA SER B 55 -7.17 -1.96 -26.84
C SER B 55 -6.59 -1.04 -25.81
N GLN B 56 -5.27 -0.93 -25.76
CA GLN B 56 -4.65 -0.02 -24.81
C GLN B 56 -4.88 1.40 -25.35
N LEU B 57 -5.35 1.43 -26.59
CA LEU B 57 -5.62 2.68 -27.28
C LEU B 57 -6.87 3.23 -26.63
N THR B 58 -7.83 2.35 -26.41
CA THR B 58 -9.08 2.73 -25.78
C THR B 58 -8.80 3.26 -24.39
N ILE B 59 -8.01 2.53 -23.62
CA ILE B 59 -7.69 2.96 -22.29
C ILE B 59 -7.06 4.35 -22.31
N ASN B 60 -6.03 4.52 -23.13
CA ASN B 60 -5.33 5.80 -23.23
C ASN B 60 -6.33 6.89 -23.53
N THR B 61 -7.23 6.63 -24.48
CA THR B 61 -8.23 7.61 -24.81
C THR B 61 -9.08 7.96 -23.60
N ALA B 62 -9.66 6.96 -22.94
CA ALA B 62 -10.46 7.26 -21.77
C ALA B 62 -9.66 8.03 -20.73
N ILE B 63 -8.42 7.64 -20.48
CA ILE B 63 -7.63 8.36 -19.49
C ILE B 63 -7.59 9.86 -19.80
N VAL B 64 -7.52 10.22 -21.07
CA VAL B 64 -7.46 11.63 -21.43
C VAL B 64 -8.83 12.29 -21.28
N TYR B 65 -9.87 11.64 -21.79
CA TYR B 65 -11.23 12.14 -21.64
C TYR B 65 -11.41 12.49 -20.17
N MET B 66 -10.86 11.64 -19.31
CA MET B 66 -10.95 11.82 -17.87
C MET B 66 -10.17 13.01 -17.37
N HIS B 67 -8.95 13.18 -17.85
CA HIS B 67 -8.08 14.30 -17.43
C HIS B 67 -8.64 15.66 -17.88
N ARG B 68 -9.21 15.69 -19.08
CA ARG B 68 -9.79 16.89 -19.61
C ARG B 68 -11.07 17.14 -18.86
N PHE B 69 -11.88 16.10 -18.70
CA PHE B 69 -13.15 16.20 -17.98
C PHE B 69 -12.99 16.91 -16.64
N TYR B 70 -12.00 16.50 -15.87
CA TYR B 70 -11.77 17.13 -14.58
C TYR B 70 -11.11 18.49 -14.61
N MET B 71 -11.18 19.11 -15.79
CA MET B 71 -10.65 20.46 -16.00
C MET B 71 -11.86 21.38 -15.96
N ILE B 72 -13.01 20.80 -16.27
CA ILE B 72 -14.28 21.52 -16.26
C ILE B 72 -15.06 21.16 -15.00
N GLN B 73 -15.41 19.88 -14.84
CA GLN B 73 -16.16 19.41 -13.69
C GLN B 73 -15.27 19.15 -12.48
N SER B 74 -15.89 18.93 -11.32
CA SER B 74 -15.13 18.73 -10.08
C SER B 74 -15.20 17.30 -9.56
N PHE B 75 -14.16 16.86 -8.88
CA PHE B 75 -14.14 15.51 -8.35
C PHE B 75 -15.18 15.34 -7.26
N THR B 76 -15.59 16.48 -6.72
CA THR B 76 -16.58 16.58 -5.67
C THR B 76 -17.97 16.26 -6.16
N GLN B 77 -18.30 16.76 -7.34
CA GLN B 77 -19.61 16.52 -7.92
C GLN B 77 -19.67 15.24 -8.74
N PHE B 78 -18.54 14.83 -9.29
CA PHE B 78 -18.49 13.62 -10.10
C PHE B 78 -17.34 12.78 -9.57
N PRO B 79 -17.65 11.65 -8.94
CA PRO B 79 -16.59 10.80 -8.39
C PRO B 79 -15.89 10.03 -9.51
N GLY B 80 -14.57 9.87 -9.37
CA GLY B 80 -13.78 9.14 -10.35
C GLY B 80 -14.38 7.77 -10.65
N ASN B 81 -14.79 7.06 -9.59
CA ASN B 81 -15.36 5.72 -9.75
C ASN B 81 -16.66 5.69 -10.50
N SER B 82 -17.21 6.84 -10.84
CA SER B 82 -18.48 6.89 -11.60
C SER B 82 -18.18 7.28 -13.03
N VAL B 83 -17.33 8.29 -13.16
CA VAL B 83 -16.95 8.78 -14.47
C VAL B 83 -16.14 7.72 -15.21
N ALA B 84 -15.08 7.18 -14.57
CA ALA B 84 -14.24 6.16 -15.20
C ALA B 84 -15.05 5.14 -16.02
N PRO B 85 -16.01 4.44 -15.41
CA PRO B 85 -16.78 3.47 -16.21
C PRO B 85 -17.47 4.11 -17.40
N ALA B 86 -17.93 5.34 -17.27
CA ALA B 86 -18.60 5.97 -18.41
C ALA B 86 -17.58 6.32 -19.48
N ALA B 87 -16.50 6.97 -19.08
CA ALA B 87 -15.45 7.35 -20.01
C ALA B 87 -15.03 6.16 -20.87
N LEU B 88 -14.59 5.07 -20.21
CA LEU B 88 -14.16 3.85 -20.91
C LEU B 88 -15.23 3.33 -21.86
N PHE B 89 -16.46 3.27 -21.40
CA PHE B 89 -17.57 2.81 -22.22
C PHE B 89 -17.64 3.62 -23.52
N LEU B 90 -17.31 4.91 -23.42
CA LEU B 90 -17.32 5.83 -24.56
C LEU B 90 -16.08 5.56 -25.43
N ALA B 91 -14.91 5.74 -24.81
CA ALA B 91 -13.64 5.49 -25.47
C ALA B 91 -13.72 4.19 -26.31
N ALA B 92 -14.33 3.17 -25.75
CA ALA B 92 -14.47 1.93 -26.48
C ALA B 92 -15.21 2.14 -27.79
N LYS B 93 -16.25 2.97 -27.80
CA LYS B 93 -17.01 3.18 -29.03
C LYS B 93 -16.19 4.01 -30.02
N VAL B 94 -15.51 5.01 -29.49
CA VAL B 94 -14.68 5.87 -30.31
C VAL B 94 -13.55 5.06 -30.96
N GLU B 95 -12.84 4.22 -30.19
CA GLU B 95 -11.75 3.40 -30.73
C GLU B 95 -12.23 2.15 -31.47
N GLU B 96 -13.47 2.15 -31.88
CA GLU B 96 -14.01 1.05 -32.66
C GLU B 96 -13.84 -0.35 -32.10
N GLN B 97 -14.00 -0.49 -30.79
CA GLN B 97 -13.91 -1.77 -30.07
C GLN B 97 -14.96 -1.68 -28.97
N PRO B 98 -16.21 -1.40 -29.34
CA PRO B 98 -17.33 -1.24 -28.43
C PRO B 98 -17.72 -2.44 -27.58
N LYS B 99 -17.88 -2.22 -26.28
CA LYS B 99 -18.30 -3.27 -25.37
C LYS B 99 -19.72 -2.95 -24.98
N LYS B 100 -20.57 -3.96 -24.82
CA LYS B 100 -21.95 -3.71 -24.42
C LYS B 100 -22.02 -3.09 -23.03
N LEU B 101 -23.02 -2.23 -22.84
CA LEU B 101 -23.21 -1.52 -21.58
C LEU B 101 -23.20 -2.48 -20.39
N GLU B 102 -23.90 -3.59 -20.53
CA GLU B 102 -23.94 -4.59 -19.45
C GLU B 102 -22.55 -5.01 -19.01
N HIS B 103 -21.79 -5.53 -19.98
CA HIS B 103 -20.43 -6.01 -19.77
C HIS B 103 -19.53 -4.99 -19.08
N VAL B 104 -19.68 -3.72 -19.40
CA VAL B 104 -18.85 -2.71 -18.73
C VAL B 104 -19.31 -2.61 -17.28
N ILE B 105 -20.64 -2.51 -17.10
CA ILE B 105 -21.30 -2.40 -15.76
C ILE B 105 -20.82 -3.52 -14.85
N LYS B 106 -20.86 -4.74 -15.39
CA LYS B 106 -20.40 -5.92 -14.67
C LYS B 106 -18.93 -5.77 -14.29
N VAL B 107 -18.06 -5.51 -15.25
CA VAL B 107 -16.62 -5.36 -14.99
C VAL B 107 -16.35 -4.29 -13.94
N ALA B 108 -17.11 -3.20 -14.01
CA ALA B 108 -16.93 -2.11 -13.04
C ALA B 108 -17.33 -2.61 -11.66
N HIS B 109 -18.50 -3.26 -11.59
CA HIS B 109 -18.99 -3.77 -10.32
C HIS B 109 -17.93 -4.67 -9.70
N THR B 110 -17.42 -5.58 -10.51
CA THR B 110 -16.40 -6.51 -10.10
C THR B 110 -15.18 -5.80 -9.51
N CYS B 111 -14.74 -4.72 -10.14
CA CYS B 111 -13.56 -4.03 -9.66
C CYS B 111 -13.79 -3.19 -8.44
N LEU B 112 -14.98 -2.65 -8.35
CA LEU B 112 -15.30 -1.76 -7.24
C LEU B 112 -15.93 -2.46 -6.05
N HIS B 113 -16.60 -3.57 -6.32
CA HIS B 113 -17.27 -4.37 -5.30
C HIS B 113 -16.92 -5.83 -5.53
N PRO B 114 -15.69 -6.23 -5.14
CA PRO B 114 -15.17 -7.60 -5.30
C PRO B 114 -16.02 -8.68 -4.65
N GLN B 115 -16.37 -8.49 -3.37
CA GLN B 115 -17.18 -9.47 -2.67
C GLN B 115 -18.62 -9.58 -3.17
N GLU B 116 -19.35 -8.47 -3.15
CA GLU B 116 -20.75 -8.46 -3.59
C GLU B 116 -20.98 -9.21 -4.92
N SER B 117 -22.24 -9.38 -5.31
CA SER B 117 -22.56 -10.05 -6.57
C SER B 117 -23.37 -9.14 -7.47
N LEU B 118 -23.22 -9.33 -8.77
CA LEU B 118 -23.88 -8.53 -9.79
C LEU B 118 -25.39 -8.50 -9.66
N PRO B 119 -25.95 -7.39 -9.12
CA PRO B 119 -27.40 -7.27 -8.95
C PRO B 119 -28.15 -7.83 -10.17
N ASP B 120 -29.33 -8.41 -9.95
CA ASP B 120 -30.07 -8.96 -11.06
C ASP B 120 -30.26 -7.90 -12.15
N THR B 121 -30.00 -8.31 -13.39
CA THR B 121 -30.14 -7.47 -14.57
C THR B 121 -31.58 -6.95 -14.68
N ARG B 122 -32.33 -7.09 -13.59
CA ARG B 122 -33.70 -6.66 -13.54
C ARG B 122 -33.95 -5.81 -12.30
N SER B 123 -32.99 -5.80 -11.37
CA SER B 123 -33.10 -5.02 -10.15
C SER B 123 -33.10 -3.53 -10.43
N GLU B 124 -33.65 -2.74 -9.52
CA GLU B 124 -33.68 -1.31 -9.74
C GLU B 124 -32.26 -0.81 -9.55
N ALA B 125 -31.53 -1.47 -8.66
CA ALA B 125 -30.13 -1.10 -8.39
C ALA B 125 -29.29 -1.18 -9.67
N TYR B 126 -29.55 -2.21 -10.46
CA TYR B 126 -28.83 -2.38 -11.71
C TYR B 126 -29.37 -1.40 -12.73
N LEU B 127 -30.63 -1.58 -13.13
CA LEU B 127 -31.25 -0.74 -14.13
C LEU B 127 -31.02 0.75 -13.84
N GLN B 128 -30.73 1.07 -12.57
CA GLN B 128 -30.49 2.46 -12.17
C GLN B 128 -29.15 2.93 -12.71
N GLN B 129 -28.09 2.16 -12.48
CA GLN B 129 -26.76 2.54 -12.98
C GLN B 129 -26.67 2.48 -14.51
N VAL B 130 -27.48 1.66 -15.13
CA VAL B 130 -27.48 1.65 -16.58
C VAL B 130 -27.87 3.06 -17.01
N GLN B 131 -28.73 3.71 -16.23
CA GLN B 131 -29.18 5.06 -16.52
C GLN B 131 -28.09 6.06 -16.18
N ASP B 132 -27.54 5.93 -14.98
CA ASP B 132 -26.49 6.83 -14.52
C ASP B 132 -25.30 6.85 -15.46
N LEU B 133 -24.94 5.67 -15.98
CA LEU B 133 -23.83 5.55 -16.89
C LEU B 133 -24.16 6.25 -18.22
N VAL B 134 -25.31 5.91 -18.81
CA VAL B 134 -25.72 6.54 -20.05
C VAL B 134 -25.72 8.06 -19.92
N ILE B 135 -26.12 8.54 -18.74
CA ILE B 135 -26.17 9.97 -18.48
C ILE B 135 -24.78 10.55 -18.35
N LEU B 136 -23.96 10.01 -17.44
CA LEU B 136 -22.59 10.50 -17.28
C LEU B 136 -21.91 10.53 -18.65
N GLU B 137 -22.35 9.64 -19.53
CA GLU B 137 -21.81 9.58 -20.88
C GLU B 137 -22.05 10.90 -21.57
N SER B 138 -23.33 11.21 -21.80
CA SER B 138 -23.71 12.48 -22.45
C SER B 138 -23.13 13.71 -21.78
N ILE B 139 -22.88 13.62 -20.49
CA ILE B 139 -22.29 14.75 -19.80
C ILE B 139 -20.83 14.82 -20.20
N ILE B 140 -20.20 13.64 -20.31
CA ILE B 140 -18.80 13.58 -20.68
C ILE B 140 -18.65 14.11 -22.10
N LEU B 141 -19.57 13.73 -22.98
CA LEU B 141 -19.54 14.20 -24.36
C LEU B 141 -19.69 15.73 -24.40
N GLN B 142 -20.69 16.25 -23.71
CA GLN B 142 -20.90 17.68 -23.68
C GLN B 142 -19.74 18.45 -23.06
N THR B 143 -19.10 17.89 -22.05
CA THR B 143 -18.01 18.62 -21.43
C THR B 143 -16.74 18.64 -22.25
N LEU B 144 -16.55 17.64 -23.11
CA LEU B 144 -15.34 17.59 -23.91
C LEU B 144 -15.59 18.37 -25.18
N GLY B 145 -16.78 18.94 -25.27
CA GLY B 145 -17.13 19.70 -26.46
C GLY B 145 -17.03 18.81 -27.67
N PHE B 146 -17.47 17.59 -27.50
CA PHE B 146 -17.45 16.58 -28.54
C PHE B 146 -16.13 16.37 -29.27
N GLU B 147 -15.03 16.76 -28.64
CA GLU B 147 -13.74 16.57 -29.26
C GLU B 147 -13.32 15.18 -28.85
N LEU B 148 -13.61 14.20 -29.71
CA LEU B 148 -13.31 12.81 -29.41
C LEU B 148 -11.96 12.25 -29.88
N THR B 149 -11.44 12.75 -31.00
CA THR B 149 -10.17 12.27 -31.51
C THR B 149 -9.00 12.65 -30.63
N ILE B 150 -8.29 11.65 -30.10
CA ILE B 150 -7.13 11.95 -29.26
C ILE B 150 -5.84 11.43 -29.87
N ASP B 151 -4.76 12.15 -29.63
CA ASP B 151 -3.48 11.72 -30.14
C ASP B 151 -2.62 11.42 -28.91
N HIS B 152 -2.02 10.23 -28.90
CA HIS B 152 -1.19 9.84 -27.77
C HIS B 152 0.29 9.77 -28.09
N PRO B 153 1.15 9.93 -27.07
CA PRO B 153 2.59 9.88 -27.27
C PRO B 153 3.03 8.54 -27.88
N HIS B 154 2.36 7.47 -27.45
CA HIS B 154 2.69 6.14 -27.94
C HIS B 154 2.99 6.16 -29.41
N THR B 155 2.09 6.75 -30.19
CA THR B 155 2.29 6.82 -31.62
C THR B 155 3.67 7.33 -31.97
N HIS B 156 4.01 8.50 -31.45
CA HIS B 156 5.32 9.06 -31.73
C HIS B 156 6.45 8.29 -31.09
N VAL B 157 6.18 7.58 -30.00
CA VAL B 157 7.24 6.84 -29.33
C VAL B 157 7.68 5.69 -30.22
N VAL B 158 6.71 4.89 -30.66
CA VAL B 158 7.00 3.76 -31.54
C VAL B 158 7.81 4.20 -32.75
N LYS B 159 7.22 5.13 -33.51
CA LYS B 159 7.79 5.70 -34.72
C LYS B 159 9.25 6.14 -34.51
N CYS B 160 9.50 6.82 -33.41
CA CYS B 160 10.83 7.30 -33.14
C CYS B 160 11.82 6.20 -32.78
N THR B 161 11.45 5.32 -31.86
CA THR B 161 12.33 4.23 -31.44
C THR B 161 12.76 3.41 -32.65
N GLN B 162 11.89 3.35 -33.65
CA GLN B 162 12.23 2.62 -34.87
C GLN B 162 13.23 3.42 -35.68
N LEU B 163 13.03 4.73 -35.79
CA LEU B 163 13.96 5.55 -36.55
C LEU B 163 15.35 5.65 -35.90
N VAL B 164 15.47 5.34 -34.62
CA VAL B 164 16.79 5.41 -33.99
C VAL B 164 17.32 4.02 -33.68
N ARG B 165 16.84 3.02 -34.43
CA ARG B 165 17.28 1.64 -34.25
C ARG B 165 17.36 1.28 -32.75
N ALA B 166 16.41 1.78 -31.98
CA ALA B 166 16.40 1.49 -30.55
C ALA B 166 16.25 0.02 -30.31
N SER B 167 16.86 -0.46 -29.24
CA SER B 167 16.77 -1.87 -28.85
C SER B 167 15.32 -2.31 -28.73
N LYS B 168 15.09 -3.61 -28.64
CA LYS B 168 13.72 -4.10 -28.50
C LYS B 168 13.14 -3.65 -27.18
N ASP B 169 13.78 -4.01 -26.07
CA ASP B 169 13.23 -3.61 -24.78
C ASP B 169 13.36 -2.13 -24.51
N LEU B 170 14.33 -1.46 -25.13
CA LEU B 170 14.43 -0.03 -24.90
C LEU B 170 13.18 0.57 -25.50
N ALA B 171 12.81 0.10 -26.68
CA ALA B 171 11.62 0.58 -27.36
C ALA B 171 10.38 0.24 -26.56
N GLN B 172 10.45 -0.88 -25.85
CA GLN B 172 9.36 -1.34 -25.01
C GLN B 172 9.29 -0.47 -23.75
N THR B 173 10.43 -0.25 -23.09
CA THR B 173 10.44 0.59 -21.92
C THR B 173 9.86 1.96 -22.28
N SER B 174 10.24 2.48 -23.45
CA SER B 174 9.75 3.76 -23.94
C SER B 174 8.23 3.82 -23.99
N TYR B 175 7.62 2.84 -24.63
CA TYR B 175 6.15 2.77 -24.73
C TYR B 175 5.56 2.62 -23.32
N PHE B 176 6.33 1.98 -22.45
CA PHE B 176 5.89 1.76 -21.08
C PHE B 176 5.78 3.11 -20.35
N MET B 177 6.72 4.02 -20.59
CA MET B 177 6.67 5.32 -19.93
C MET B 177 5.54 6.18 -20.50
N ALA B 178 5.30 6.05 -21.79
CA ALA B 178 4.27 6.82 -22.41
C ALA B 178 2.99 6.51 -21.68
N THR B 179 2.80 5.24 -21.33
CA THR B 179 1.58 4.89 -20.63
C THR B 179 1.61 5.42 -19.20
N ASN B 180 2.78 5.51 -18.60
CA ASN B 180 2.84 6.00 -17.23
C ASN B 180 2.62 7.48 -17.17
N SER B 181 2.93 8.17 -18.26
CA SER B 181 2.74 9.61 -18.28
C SER B 181 1.22 9.88 -18.23
N LEU B 182 0.42 9.03 -18.87
CA LEU B 182 -1.03 9.23 -18.85
C LEU B 182 -1.62 8.84 -17.51
N HIS B 183 -0.96 7.92 -16.83
CA HIS B 183 -1.44 7.48 -15.54
C HIS B 183 -1.00 8.44 -14.45
N LEU B 184 0.29 8.50 -14.22
CA LEU B 184 0.88 9.30 -13.15
C LEU B 184 1.01 10.82 -13.28
N THR B 185 0.83 11.38 -14.47
CA THR B 185 0.99 12.83 -14.62
C THR B 185 -0.17 13.50 -15.35
N THR B 186 -0.02 14.81 -15.52
CA THR B 186 -1.00 15.61 -16.25
C THR B 186 -0.41 16.17 -17.53
N PHE B 187 0.70 15.59 -17.97
CA PHE B 187 1.39 16.02 -19.18
C PHE B 187 0.44 16.16 -20.36
N SER B 188 -0.61 15.35 -20.41
CA SER B 188 -1.55 15.41 -21.52
C SER B 188 -2.39 16.69 -21.49
N LEU B 189 -2.22 17.47 -20.43
CA LEU B 189 -2.94 18.71 -20.27
C LEU B 189 -1.93 19.87 -20.35
N GLN B 190 -0.67 19.55 -20.58
CA GLN B 190 0.37 20.59 -20.62
C GLN B 190 1.31 20.56 -21.82
N TYR B 191 1.48 19.41 -22.44
CA TYR B 191 2.40 19.32 -23.56
C TYR B 191 1.79 18.46 -24.64
N THR B 192 2.15 18.72 -25.90
CA THR B 192 1.59 17.92 -26.97
C THR B 192 2.23 16.55 -26.97
N PRO B 193 1.50 15.55 -27.51
CA PRO B 193 2.01 14.18 -27.56
C PRO B 193 3.48 14.07 -28.00
N PRO B 194 3.82 14.60 -29.19
CA PRO B 194 5.19 14.54 -29.67
C PRO B 194 6.20 14.88 -28.61
N VAL B 195 5.90 15.88 -27.79
CA VAL B 195 6.85 16.26 -26.76
C VAL B 195 6.88 15.24 -25.64
N VAL B 196 5.72 14.73 -25.29
CA VAL B 196 5.65 13.75 -24.22
C VAL B 196 6.50 12.56 -24.65
N ALA B 197 6.28 12.10 -25.88
CA ALA B 197 7.00 10.96 -26.40
C ALA B 197 8.49 11.18 -26.24
N CYS B 198 8.97 12.38 -26.52
CA CYS B 198 10.38 12.63 -26.36
C CYS B 198 10.80 12.48 -24.92
N VAL B 199 9.94 12.93 -24.01
CA VAL B 199 10.28 12.84 -22.60
C VAL B 199 10.29 11.39 -22.16
N CYS B 200 9.36 10.61 -22.69
CA CYS B 200 9.29 9.20 -22.35
C CYS B 200 10.58 8.51 -22.78
N ILE B 201 10.98 8.71 -24.03
CA ILE B 201 12.22 8.12 -24.53
C ILE B 201 13.41 8.63 -23.73
N HIS B 202 13.54 9.95 -23.64
CA HIS B 202 14.66 10.53 -22.90
C HIS B 202 14.76 9.82 -21.56
N LEU B 203 13.61 9.58 -20.94
CA LEU B 203 13.56 8.93 -19.64
C LEU B 203 14.11 7.50 -19.64
N ALA B 204 13.65 6.70 -20.58
CA ALA B 204 14.09 5.32 -20.72
C ALA B 204 15.60 5.26 -20.93
N CYS B 205 16.10 6.04 -21.87
CA CYS B 205 17.53 6.04 -22.12
C CYS B 205 18.30 6.36 -20.84
N LYS B 206 17.67 7.09 -19.94
CA LYS B 206 18.34 7.48 -18.71
C LYS B 206 18.38 6.30 -17.76
N TRP B 207 17.37 5.46 -17.84
CA TRP B 207 17.28 4.29 -16.99
C TRP B 207 18.17 3.15 -17.51
N SER B 208 18.33 3.09 -18.84
CA SER B 208 19.11 2.06 -19.50
C SER B 208 20.46 2.48 -20.05
N ASN B 209 20.93 3.67 -19.70
CA ASN B 209 22.21 4.16 -20.18
C ASN B 209 22.36 4.14 -21.70
N TRP B 210 21.25 4.18 -22.43
CA TRP B 210 21.34 4.19 -23.88
C TRP B 210 21.51 5.61 -24.38
N GLU B 211 22.50 5.80 -25.24
CA GLU B 211 22.76 7.12 -25.80
C GLU B 211 22.45 7.06 -27.26
N ILE B 212 21.61 7.98 -27.72
CA ILE B 212 21.26 8.02 -29.13
C ILE B 212 22.18 9.04 -29.78
N PRO B 213 23.09 8.57 -30.64
CA PRO B 213 24.05 9.42 -31.35
C PRO B 213 23.36 10.45 -32.22
N VAL B 214 24.07 11.54 -32.53
CA VAL B 214 23.47 12.55 -33.36
C VAL B 214 23.25 11.96 -34.74
N SER B 215 22.30 12.52 -35.47
CA SER B 215 21.99 12.02 -36.81
C SER B 215 23.15 12.28 -37.75
N THR B 216 23.26 11.48 -38.81
CA THR B 216 24.33 11.68 -39.77
C THR B 216 24.16 13.04 -40.46
N ASP B 217 23.10 13.78 -40.11
CA ASP B 217 22.88 15.10 -40.68
C ASP B 217 23.07 16.18 -39.65
N GLY B 218 23.48 15.76 -38.45
CA GLY B 218 23.73 16.70 -37.37
C GLY B 218 22.62 16.94 -36.37
N LYS B 219 21.38 16.70 -36.77
CA LYS B 219 20.26 16.93 -35.88
C LYS B 219 20.19 15.90 -34.73
N HIS B 220 19.77 16.34 -33.55
CA HIS B 220 19.61 15.46 -32.39
C HIS B 220 18.45 14.51 -32.67
N TRP B 221 18.36 13.39 -31.95
CA TRP B 221 17.28 12.45 -32.22
C TRP B 221 15.88 13.05 -32.11
N TRP B 222 15.64 13.80 -31.04
CA TRP B 222 14.34 14.41 -30.79
C TRP B 222 13.90 15.42 -31.86
N GLU B 223 14.87 16.03 -32.55
CA GLU B 223 14.55 16.99 -33.60
C GLU B 223 13.80 16.30 -34.74
N TYR B 224 13.66 14.98 -34.67
CA TYR B 224 12.95 14.23 -35.70
C TYR B 224 11.58 13.86 -35.19
N VAL B 225 11.30 14.22 -33.94
CA VAL B 225 10.00 13.92 -33.32
C VAL B 225 9.14 15.19 -33.30
N ASP B 226 9.69 16.26 -32.74
CA ASP B 226 9.01 17.54 -32.65
C ASP B 226 10.05 18.65 -32.73
N ALA B 227 9.67 19.75 -33.38
CA ALA B 227 10.58 20.88 -33.58
C ALA B 227 10.80 21.73 -32.34
N THR B 228 9.77 21.84 -31.51
CA THR B 228 9.87 22.65 -30.32
C THR B 228 10.73 22.06 -29.22
N VAL B 229 11.01 20.77 -29.27
CA VAL B 229 11.80 20.17 -28.19
C VAL B 229 13.26 20.56 -28.17
N THR B 230 13.77 20.74 -26.96
CA THR B 230 15.16 21.08 -26.74
C THR B 230 15.67 20.18 -25.62
N LEU B 231 16.97 20.20 -25.37
CA LEU B 231 17.50 19.37 -24.32
C LEU B 231 16.98 19.88 -22.99
N GLU B 232 17.20 21.17 -22.75
CA GLU B 232 16.77 21.81 -21.52
C GLU B 232 15.36 21.32 -21.15
N LEU B 233 14.45 21.40 -22.12
CA LEU B 233 13.10 20.96 -21.92
C LEU B 233 13.06 19.51 -21.43
N LEU B 234 13.76 18.62 -22.13
CA LEU B 234 13.82 17.19 -21.79
C LEU B 234 14.23 16.92 -20.36
N ASP B 235 15.30 17.57 -19.92
CA ASP B 235 15.78 17.37 -18.56
C ASP B 235 14.80 17.94 -17.55
N GLU B 236 14.19 19.07 -17.87
CA GLU B 236 13.23 19.69 -16.95
C GLU B 236 12.01 18.79 -16.77
N LEU B 237 11.41 18.36 -17.87
CA LEU B 237 10.23 17.53 -17.79
C LEU B 237 10.53 16.16 -17.20
N THR B 238 11.72 15.65 -17.48
CA THR B 238 12.11 14.34 -16.96
C THR B 238 12.21 14.48 -15.45
N HIS B 239 12.63 15.66 -15.02
CA HIS B 239 12.75 15.93 -13.60
C HIS B 239 11.39 15.90 -12.96
N GLU B 240 10.43 16.58 -13.57
CA GLU B 240 9.10 16.63 -12.99
C GLU B 240 8.49 15.24 -12.92
N PHE B 241 8.67 14.47 -13.99
CA PHE B 241 8.15 13.10 -14.03
C PHE B 241 8.76 12.29 -12.88
N LEU B 242 10.04 12.51 -12.60
CA LEU B 242 10.66 11.79 -11.49
C LEU B 242 10.03 12.24 -10.19
N GLN B 243 9.87 13.56 -10.02
CA GLN B 243 9.22 14.14 -8.85
C GLN B 243 7.89 13.43 -8.58
N ILE B 244 7.07 13.27 -9.62
CA ILE B 244 5.78 12.61 -9.52
C ILE B 244 5.92 11.18 -9.10
N LEU B 245 6.91 10.48 -9.66
CA LEU B 245 7.18 9.09 -9.36
C LEU B 245 7.63 8.93 -7.93
N GLU B 246 8.45 9.86 -7.48
CA GLU B 246 8.97 9.80 -6.14
C GLU B 246 7.92 10.15 -5.08
N LYS B 247 6.77 10.68 -5.50
CA LYS B 247 5.71 11.06 -4.57
C LYS B 247 4.72 9.93 -4.34
N THR B 248 4.73 8.94 -5.22
CA THR B 248 3.84 7.80 -5.06
C THR B 248 4.41 7.00 -3.89
N PRO B 249 3.56 6.27 -3.16
CA PRO B 249 4.12 5.50 -2.03
C PRO B 249 4.99 4.32 -2.49
N ASN B 250 5.68 4.49 -3.63
CA ASN B 250 6.53 3.47 -4.25
C ASN B 250 7.02 2.35 -3.34
N ARG B 251 6.46 1.18 -3.60
CA ARG B 251 6.70 -0.05 -2.88
C ARG B 251 8.00 -0.79 -3.21
N LEU B 252 8.26 -0.96 -4.50
CA LEU B 252 9.46 -1.66 -4.99
C LEU B 252 10.67 -1.51 -4.12
N LYS B 253 11.00 -0.26 -3.77
CA LYS B 253 12.15 0.04 -2.92
C LYS B 253 12.41 -0.94 -1.77
N ARG B 254 11.47 -1.85 -1.52
CA ARG B 254 11.61 -2.79 -0.42
C ARG B 254 11.66 -4.29 -0.79
N ILE B 255 10.99 -4.66 -1.89
CA ILE B 255 10.92 -6.03 -2.37
C ILE B 255 11.86 -6.17 -3.56
N TRP B 256 12.45 -5.03 -3.87
CA TRP B 256 13.38 -4.78 -4.95
C TRP B 256 14.41 -5.86 -5.28
N ASN B 257 14.86 -6.59 -4.27
CA ASN B 257 15.84 -7.63 -4.56
C ASN B 257 15.58 -9.07 -4.12
N TRP B 258 15.16 -9.29 -2.87
CA TRP B 258 15.03 -10.66 -2.38
C TRP B 258 14.55 -11.86 -3.24
N ARG B 259 13.29 -12.00 -3.66
CA ARG B 259 12.99 -13.23 -4.42
C ARG B 259 12.26 -13.17 -5.75
N ALA B 260 12.12 -14.35 -6.36
CA ALA B 260 11.42 -14.50 -7.63
C ALA B 260 10.22 -15.39 -7.32
N CYS B 261 9.78 -16.20 -8.28
CA CYS B 261 8.64 -17.07 -8.02
C CYS B 261 8.29 -18.05 -9.15
N GLU B 262 7.21 -18.80 -8.93
CA GLU B 262 6.70 -19.78 -9.89
C GLU B 262 5.16 -19.82 -9.83
N MET C 1 2.55 -0.89 -22.03
CA MET C 1 3.65 -1.84 -21.70
C MET C 1 4.11 -2.76 -22.85
N GLU C 2 3.24 -2.94 -23.84
CA GLU C 2 3.56 -3.78 -25.00
C GLU C 2 3.28 -2.97 -26.29
N PRO C 3 4.33 -2.41 -26.92
CA PRO C 3 4.24 -1.62 -28.14
C PRO C 3 3.29 -2.17 -29.17
N VAL C 4 2.64 -1.27 -29.90
CA VAL C 4 1.69 -1.64 -30.95
C VAL C 4 1.96 -0.76 -32.18
N ASP C 5 1.83 -1.35 -33.36
CA ASP C 5 2.07 -0.62 -34.60
C ASP C 5 1.06 0.50 -34.81
N PRO C 6 1.52 1.76 -34.70
CA PRO C 6 0.68 2.95 -34.87
C PRO C 6 -0.11 2.85 -36.13
N ARG C 7 0.52 2.30 -37.15
CA ARG C 7 -0.12 2.15 -38.44
C ARG C 7 -1.40 1.33 -38.43
N LEU C 8 -1.57 0.50 -37.41
CA LEU C 8 -2.76 -0.35 -37.33
C LEU C 8 -4.06 0.42 -37.10
N GLU C 9 -5.08 0.15 -37.90
CA GLU C 9 -6.36 0.84 -37.68
C GLU C 9 -6.85 0.40 -36.31
N PRO C 10 -7.55 1.28 -35.56
CA PRO C 10 -8.09 1.04 -34.21
C PRO C 10 -8.68 -0.35 -33.92
N TRP C 11 -9.63 -0.78 -34.74
CA TRP C 11 -10.25 -2.08 -34.54
C TRP C 11 -9.31 -3.23 -34.77
N LYS C 12 -8.17 -2.98 -35.42
CA LYS C 12 -7.21 -4.04 -35.68
C LYS C 12 -6.29 -4.20 -34.47
N HIS C 13 -6.37 -3.27 -33.51
CA HIS C 13 -5.52 -3.34 -32.34
C HIS C 13 -5.76 -4.58 -31.49
N PRO C 14 -4.74 -5.00 -30.75
CA PRO C 14 -4.87 -6.18 -29.90
C PRO C 14 -5.38 -5.81 -28.51
N GLY C 15 -6.12 -6.72 -27.86
CA GLY C 15 -6.63 -6.48 -26.52
C GLY C 15 -5.53 -6.04 -25.57
N SER C 16 -5.89 -5.54 -24.39
CA SER C 16 -4.88 -5.09 -23.44
C SER C 16 -4.68 -6.11 -22.34
N GLN C 17 -5.50 -7.15 -22.36
CA GLN C 17 -5.44 -8.20 -21.36
C GLN C 17 -4.12 -8.93 -21.47
N PRO C 18 -3.32 -8.90 -20.40
CA PRO C 18 -2.03 -9.61 -20.49
C PRO C 18 -2.23 -11.08 -20.83
N LYS C 19 -1.16 -11.70 -21.34
CA LYS C 19 -1.18 -13.11 -21.75
C LYS C 19 -1.27 -14.12 -20.61
N THR C 20 -0.92 -13.69 -19.41
CA THR C 20 -0.93 -14.55 -18.24
C THR C 20 -1.66 -13.88 -17.09
N ALA C 21 -2.42 -14.64 -16.30
CA ALA C 21 -3.14 -14.05 -15.18
C ALA C 21 -2.18 -13.28 -14.25
N CYS C 22 -2.72 -12.33 -13.49
CA CYS C 22 -1.87 -11.55 -12.60
C CYS C 22 -1.83 -12.26 -11.26
N THR C 23 -0.63 -12.45 -10.74
CA THR C 23 -0.46 -13.17 -9.49
C THR C 23 -0.70 -12.30 -8.27
N ASN C 24 -0.48 -12.89 -7.09
CA ASN C 24 -0.59 -12.14 -5.85
C ASN C 24 0.80 -11.88 -5.37
N CYS C 25 1.80 -12.15 -6.20
CA CYS C 25 3.16 -11.90 -5.78
C CYS C 25 3.55 -10.44 -6.00
N TYR C 26 4.48 -9.94 -5.18
CA TYR C 26 4.92 -8.56 -5.30
C TYR C 26 6.42 -8.54 -5.41
N CYS C 27 6.95 -9.10 -6.48
CA CYS C 27 8.39 -9.12 -6.65
C CYS C 27 8.76 -8.26 -7.86
N LYS C 28 10.06 -8.06 -8.10
CA LYS C 28 10.47 -7.27 -9.24
C LYS C 28 9.68 -7.79 -10.44
N LYS C 29 9.70 -9.11 -10.62
CA LYS C 29 9.01 -9.75 -11.73
C LYS C 29 7.52 -9.43 -11.84
N CYS C 30 6.73 -9.83 -10.85
CA CYS C 30 5.28 -9.60 -10.87
C CYS C 30 4.92 -8.12 -10.87
N CYS C 31 5.82 -7.28 -10.35
CA CYS C 31 5.59 -5.83 -10.32
C CYS C 31 5.59 -5.25 -11.72
N PHE C 32 6.14 -5.96 -12.68
CA PHE C 32 6.16 -5.46 -14.04
C PHE C 32 5.32 -6.35 -14.93
N HIS C 33 4.45 -7.15 -14.31
CA HIS C 33 3.61 -8.05 -15.09
C HIS C 33 2.89 -7.33 -16.20
N CYS C 34 2.09 -6.35 -15.80
CA CYS C 34 1.34 -5.56 -16.73
C CYS C 34 1.26 -4.15 -16.16
N GLN C 35 0.46 -3.28 -16.80
CA GLN C 35 0.32 -1.90 -16.32
C GLN C 35 -0.30 -1.89 -14.94
N VAL C 36 -1.46 -2.53 -14.82
CA VAL C 36 -2.18 -2.58 -13.55
C VAL C 36 -1.30 -3.03 -12.41
N CYS C 37 -0.53 -4.09 -12.64
CA CYS C 37 0.36 -4.61 -11.62
C CYS C 37 1.44 -3.60 -11.27
N PHE C 38 2.03 -2.99 -12.28
CA PHE C 38 3.07 -2.00 -12.03
C PHE C 38 2.55 -0.86 -11.19
N ILE C 39 1.42 -0.29 -11.62
CA ILE C 39 0.79 0.84 -10.92
C ILE C 39 0.41 0.51 -9.47
N THR C 40 -0.35 -0.57 -9.28
CA THR C 40 -0.78 -0.96 -7.93
C THR C 40 0.33 -1.55 -7.07
N LYS C 41 1.01 -2.58 -7.58
CA LYS C 41 2.08 -3.25 -6.83
C LYS C 41 3.34 -2.45 -6.66
N ALA C 42 3.96 -2.00 -7.75
CA ALA C 42 5.22 -1.27 -7.59
C ALA C 42 5.08 0.11 -7.00
N LEU C 43 4.17 0.89 -7.56
CA LEU C 43 3.97 2.23 -7.08
C LEU C 43 3.01 2.31 -5.90
N GLY C 44 2.07 1.39 -5.81
CA GLY C 44 1.16 1.44 -4.67
C GLY C 44 -0.03 2.40 -4.80
N ILE C 45 -0.57 2.47 -6.00
CA ILE C 45 -1.68 3.32 -6.27
C ILE C 45 -2.90 2.42 -6.44
N SER C 46 -4.04 2.80 -5.88
CA SER C 46 -5.24 1.99 -6.05
C SER C 46 -6.51 2.81 -6.00
N TYR C 47 -7.51 2.35 -6.75
CA TYR C 47 -8.77 3.04 -6.85
C TYR C 47 -9.79 2.67 -5.81
N GLY C 48 -9.51 1.60 -5.07
CA GLY C 48 -10.43 1.13 -4.05
C GLY C 48 -10.19 1.78 -2.70
N SER D 6 23.41 4.32 -46.68
CA SER D 6 23.69 4.11 -45.23
C SER D 6 22.52 4.61 -44.36
N PRO D 7 22.34 4.03 -43.15
CA PRO D 7 21.26 4.42 -42.22
C PRO D 7 21.44 5.84 -41.68
N LEU D 8 20.33 6.44 -41.24
CA LEU D 8 20.36 7.80 -40.71
C LEU D 8 20.85 7.90 -39.27
N PHE D 9 20.72 6.80 -38.53
CA PHE D 9 21.14 6.78 -37.14
C PHE D 9 22.06 5.59 -36.80
N ALA D 10 23.14 5.87 -36.10
CA ALA D 10 24.05 4.81 -35.68
C ALA D 10 23.23 4.10 -34.62
N GLU D 11 23.71 2.98 -34.13
CA GLU D 11 22.97 2.25 -33.11
C GLU D 11 23.26 2.81 -31.71
N PRO D 12 22.26 2.81 -30.83
CA PRO D 12 22.37 3.32 -29.45
C PRO D 12 23.54 2.64 -28.73
N TYR D 13 24.31 3.41 -27.97
CA TYR D 13 25.45 2.85 -27.27
C TYR D 13 25.45 3.10 -25.76
N LYS D 14 25.78 2.08 -24.97
CA LYS D 14 25.78 2.23 -23.53
C LYS D 14 26.78 3.24 -22.99
N VAL D 15 26.27 4.15 -22.17
CA VAL D 15 27.04 5.20 -21.54
C VAL D 15 26.84 5.00 -20.05
N THR D 16 27.57 4.04 -19.50
CA THR D 16 27.45 3.73 -18.10
C THR D 16 28.49 4.43 -17.22
N SER D 17 29.32 5.26 -17.82
CA SER D 17 30.32 6.00 -17.05
C SER D 17 29.60 7.29 -16.70
N LYS D 18 28.90 7.31 -15.55
CA LYS D 18 28.13 8.48 -15.18
C LYS D 18 28.14 9.06 -13.77
N GLU D 19 27.74 10.33 -13.75
CA GLU D 19 27.60 11.18 -12.57
C GLU D 19 26.32 11.93 -12.95
N ASP D 20 25.30 11.17 -13.32
CA ASP D 20 24.01 11.71 -13.77
C ASP D 20 22.86 11.53 -12.77
N LYS D 21 22.53 12.60 -12.03
CA LYS D 21 21.46 12.56 -11.02
C LYS D 21 20.13 12.08 -11.59
N LEU D 22 19.83 12.48 -12.80
CA LEU D 22 18.59 12.08 -13.43
C LEU D 22 18.54 10.57 -13.51
N SER D 23 19.62 9.95 -14.00
CA SER D 23 19.68 8.49 -14.13
C SER D 23 19.67 7.79 -12.79
N SER D 24 20.49 8.27 -11.85
CA SER D 24 20.54 7.70 -10.52
C SER D 24 19.14 7.65 -9.95
N ARG D 25 18.42 8.78 -10.07
CA ARG D 25 17.08 8.92 -9.55
C ARG D 25 16.13 7.90 -10.12
N ILE D 26 16.05 7.85 -11.45
CA ILE D 26 15.14 6.91 -12.10
C ILE D 26 15.54 5.47 -11.76
N GLN D 27 16.81 5.26 -11.44
CA GLN D 27 17.31 3.93 -11.09
C GLN D 27 16.86 3.52 -9.71
N SER D 28 17.03 4.40 -8.74
CA SER D 28 16.66 4.10 -7.35
C SER D 28 15.18 3.86 -7.20
N MET D 29 14.42 4.27 -8.20
CA MET D 29 12.98 4.12 -8.16
C MET D 29 12.54 2.77 -8.69
N LEU D 30 12.97 2.43 -9.89
CA LEU D 30 12.60 1.19 -10.54
C LEU D 30 13.58 0.01 -10.40
N GLY D 31 14.84 0.32 -10.10
CA GLY D 31 15.83 -0.72 -9.94
C GLY D 31 16.76 -0.75 -11.13
N ASN D 32 17.67 -1.73 -11.17
CA ASN D 32 18.61 -1.86 -12.27
C ASN D 32 17.83 -2.27 -13.51
N TYR D 33 18.03 -1.54 -14.61
CA TYR D 33 17.32 -1.82 -15.85
C TYR D 33 17.57 -3.22 -16.44
N ASP D 34 18.83 -3.61 -16.56
CA ASP D 34 19.19 -4.91 -17.12
C ASP D 34 18.55 -6.09 -16.39
N GLU D 35 18.29 -5.91 -15.10
CA GLU D 35 17.65 -6.93 -14.27
C GLU D 35 16.15 -7.04 -14.50
N MET D 36 15.47 -5.91 -14.35
CA MET D 36 14.01 -5.81 -14.50
C MET D 36 13.55 -5.98 -15.93
N LYS D 37 14.19 -5.23 -16.82
CA LYS D 37 13.91 -5.20 -18.23
C LYS D 37 13.16 -6.40 -18.84
N ASP D 38 13.55 -7.62 -18.50
CA ASP D 38 12.90 -8.79 -19.08
C ASP D 38 11.54 -9.16 -18.51
N PHE D 39 11.15 -8.53 -17.42
CA PHE D 39 9.86 -8.82 -16.82
C PHE D 39 8.78 -7.94 -17.47
N ILE D 40 9.19 -6.74 -17.87
CA ILE D 40 8.28 -5.79 -18.48
C ILE D 40 7.50 -6.37 -19.64
N GLY D 41 6.20 -6.54 -19.44
CA GLY D 41 5.36 -7.04 -20.51
C GLY D 41 5.32 -8.54 -20.65
N ASP D 42 4.63 -8.98 -21.70
CA ASP D 42 4.47 -10.40 -22.04
C ASP D 42 5.74 -10.89 -22.77
N ARG D 43 6.22 -10.08 -23.70
CA ARG D 43 7.41 -10.37 -24.50
C ARG D 43 8.61 -9.49 -24.10
N VAL E 2 10.44 18.62 28.10
CA VAL E 2 10.30 19.57 29.24
C VAL E 2 9.57 18.87 30.38
N GLU E 3 8.25 18.79 30.27
CA GLU E 3 7.38 18.19 31.27
C GLU E 3 7.39 16.66 31.29
N CYS E 4 7.69 16.14 32.48
CA CYS E 4 7.69 14.71 32.77
C CYS E 4 6.82 14.66 34.02
N PRO E 5 5.51 14.58 33.84
CA PRO E 5 4.58 14.54 34.96
C PRO E 5 4.94 13.52 36.03
N PHE E 6 5.59 12.44 35.64
CA PHE E 6 5.93 11.40 36.58
C PHE E 6 7.38 11.32 36.99
N CYS E 7 8.21 12.26 36.56
CA CYS E 7 9.61 12.25 36.93
C CYS E 7 10.06 13.65 37.35
N ASP E 8 9.93 13.95 38.64
CA ASP E 8 10.30 15.26 39.17
C ASP E 8 11.80 15.55 39.06
N GLU E 9 12.20 16.79 39.36
CA GLU E 9 13.59 17.18 39.29
C GLU E 9 14.21 17.10 40.68
N VAL E 10 15.47 16.68 40.74
CA VAL E 10 16.19 16.54 42.01
C VAL E 10 16.16 17.79 42.88
N SER E 11 15.77 18.91 42.29
CA SER E 11 15.70 20.17 43.01
C SER E 11 14.83 20.08 44.26
N LYS E 12 13.69 19.41 44.13
CA LYS E 12 12.80 19.28 45.28
C LYS E 12 13.59 18.91 46.53
N TYR E 13 14.74 18.27 46.34
CA TYR E 13 15.59 17.85 47.47
C TYR E 13 16.74 18.84 47.64
N GLU E 14 17.20 18.96 48.87
CA GLU E 14 18.31 19.85 49.20
C GLU E 14 19.48 18.98 49.70
N LYS E 15 20.57 18.97 48.94
CA LYS E 15 21.75 18.18 49.30
C LYS E 15 22.37 18.66 50.60
N LEU E 16 22.48 17.75 51.57
CA LEU E 16 23.03 18.10 52.87
C LEU E 16 24.49 17.68 53.04
N ALA E 17 24.89 16.61 52.39
CA ALA E 17 26.27 16.12 52.48
C ALA E 17 26.50 14.89 51.61
N LYS E 18 27.77 14.56 51.39
CA LYS E 18 28.14 13.40 50.58
C LYS E 18 28.28 12.15 51.44
N ILE E 19 27.64 11.06 51.01
CA ILE E 19 27.69 9.80 51.73
C ILE E 19 28.82 8.93 51.17
N GLY E 20 29.73 8.55 52.06
CA GLY E 20 30.88 7.75 51.67
C GLY E 20 31.79 8.53 50.75
N GLN E 21 32.97 8.00 50.48
CA GLN E 21 33.91 8.68 49.60
C GLN E 21 33.88 8.09 48.19
N GLY E 22 32.73 8.20 47.53
CA GLY E 22 32.59 7.68 46.18
C GLY E 22 33.11 8.68 45.17
N THR E 23 32.34 8.89 44.10
CA THR E 23 32.73 9.84 43.05
C THR E 23 32.27 11.25 43.44
N PHE E 24 32.35 12.19 42.49
CA PHE E 24 31.94 13.58 42.71
C PHE E 24 30.51 13.63 43.26
N GLY E 25 29.56 13.33 42.39
CA GLY E 25 28.16 13.33 42.77
C GLY E 25 27.52 11.96 42.62
N GLU E 26 27.94 11.02 43.46
CA GLU E 26 27.43 9.65 43.44
C GLU E 26 26.34 9.39 44.49
N VAL E 27 26.67 9.64 45.76
CA VAL E 27 25.70 9.44 46.84
C VAL E 27 25.60 10.69 47.72
N PHE E 28 24.36 11.13 47.96
CA PHE E 28 24.13 12.32 48.76
C PHE E 28 23.04 12.15 49.79
N LYS E 29 23.26 12.81 50.94
CA LYS E 29 22.28 12.82 52.02
C LYS E 29 21.49 14.09 51.71
N ALA E 30 20.17 14.02 51.80
CA ALA E 30 19.40 15.21 51.48
C ALA E 30 18.16 15.43 52.34
N ARG E 31 17.43 16.48 51.98
CA ARG E 31 16.20 16.88 52.66
C ARG E 31 15.20 17.48 51.68
N HIS E 32 13.95 17.02 51.74
CA HIS E 32 12.92 17.56 50.87
C HIS E 32 12.70 18.98 51.36
N ARG E 33 12.84 19.93 50.45
CA ARG E 33 12.66 21.34 50.77
C ARG E 33 11.33 21.70 51.42
N LYS E 34 10.37 20.79 51.44
CA LYS E 34 9.08 21.10 52.04
C LYS E 34 8.69 20.21 53.21
N THR E 35 9.13 18.96 53.21
CA THR E 35 8.81 18.05 54.30
C THR E 35 10.01 17.88 55.21
N GLY E 36 11.18 18.24 54.69
CA GLY E 36 12.40 18.12 55.47
C GLY E 36 12.91 16.69 55.49
N GLN E 37 12.06 15.77 55.04
CA GLN E 37 12.38 14.36 54.99
C GLN E 37 13.80 14.09 54.52
N LYS E 38 14.51 13.22 55.25
CA LYS E 38 15.88 12.86 54.89
C LYS E 38 15.81 11.75 53.86
N VAL E 39 16.62 11.86 52.81
CA VAL E 39 16.65 10.85 51.78
C VAL E 39 18.09 10.67 51.31
N ALA E 40 18.34 9.59 50.59
CA ALA E 40 19.68 9.33 50.07
C ALA E 40 19.56 9.42 48.57
N LEU E 41 20.38 10.28 47.97
CA LEU E 41 20.35 10.45 46.52
C LEU E 41 21.46 9.64 45.87
N LYS E 42 21.11 8.69 45.03
CA LYS E 42 22.10 7.88 44.36
C LYS E 42 22.02 8.12 42.85
N LYS E 43 23.08 8.70 42.31
CA LYS E 43 23.16 9.00 40.88
C LYS E 43 23.43 7.75 40.06
N VAL E 44 22.67 7.57 38.98
CA VAL E 44 22.89 6.42 38.10
C VAL E 44 24.13 6.77 37.30
N LEU E 45 25.23 6.05 37.55
CA LEU E 45 26.50 6.30 36.88
C LEU E 45 26.50 5.74 35.46
N MET E 46 26.76 6.61 34.48
CA MET E 46 26.79 6.22 33.08
C MET E 46 28.03 6.70 32.34
N GLU E 47 29.15 6.76 33.05
CA GLU E 47 30.43 7.18 32.48
C GLU E 47 30.68 6.36 31.20
N ASN E 48 30.23 5.10 31.23
CA ASN E 48 30.36 4.17 30.11
C ASN E 48 29.10 4.26 29.24
N GLU E 49 29.10 5.22 28.33
CA GLU E 49 27.96 5.44 27.45
C GLU E 49 28.08 4.71 26.11
N LYS E 50 27.30 3.63 25.97
CA LYS E 50 27.29 2.85 24.74
C LYS E 50 25.99 2.08 24.67
N GLU E 51 25.77 1.19 25.63
CA GLU E 51 24.53 0.42 25.61
C GLU E 51 23.36 1.22 26.19
N GLY E 52 23.48 2.54 26.15
CA GLY E 52 22.40 3.36 26.65
C GLY E 52 22.24 3.14 28.14
N PHE E 53 21.05 3.41 28.65
CA PHE E 53 20.79 3.26 30.06
C PHE E 53 21.21 1.85 30.48
N PRO E 54 22.20 1.75 31.39
CA PRO E 54 22.79 0.52 31.95
C PRO E 54 21.78 -0.54 32.37
N ILE E 55 21.75 -1.68 31.68
CA ILE E 55 20.78 -2.74 32.02
C ILE E 55 20.84 -3.10 33.49
N THR E 56 22.01 -2.91 34.08
CA THR E 56 22.17 -3.19 35.48
C THR E 56 21.20 -2.27 36.25
N ALA E 57 21.27 -0.96 35.97
CA ALA E 57 20.42 0.06 36.60
C ALA E 57 18.92 -0.22 36.43
N LEU E 58 18.55 -0.68 35.24
CA LEU E 58 17.16 -1.01 34.96
C LEU E 58 16.70 -2.12 35.90
N ARG E 59 17.58 -3.08 36.17
CA ARG E 59 17.19 -4.15 37.07
C ARG E 59 17.02 -3.61 38.46
N GLU E 60 17.99 -2.81 38.90
CA GLU E 60 17.93 -2.25 40.24
C GLU E 60 16.60 -1.48 40.44
N ILE E 61 16.24 -0.69 39.44
CA ILE E 61 15.01 0.08 39.48
C ILE E 61 13.78 -0.83 39.42
N LYS E 62 13.70 -1.64 38.39
CA LYS E 62 12.60 -2.57 38.24
C LYS E 62 12.43 -3.40 39.54
N ILE E 63 13.55 -3.86 40.11
CA ILE E 63 13.50 -4.69 41.34
C ILE E 63 13.11 -3.94 42.60
N LEU E 64 13.81 -2.85 42.89
CA LEU E 64 13.52 -2.06 44.09
C LEU E 64 12.06 -1.65 44.15
N GLN E 65 11.44 -1.48 42.99
CA GLN E 65 10.05 -1.11 42.92
C GLN E 65 9.16 -2.26 43.28
N LEU E 66 9.67 -3.47 43.14
CA LEU E 66 8.86 -4.65 43.44
C LEU E 66 9.08 -5.13 44.86
N LEU E 67 10.29 -4.92 45.37
CA LEU E 67 10.60 -5.38 46.72
C LEU E 67 10.27 -4.36 47.79
N LYS E 68 9.14 -4.56 48.44
CA LYS E 68 8.75 -3.67 49.50
C LYS E 68 8.57 -4.50 50.76
N HIS E 69 9.58 -4.46 51.64
CA HIS E 69 9.55 -5.21 52.89
C HIS E 69 10.39 -4.52 53.93
N GLU E 70 10.01 -4.74 55.20
CA GLU E 70 10.64 -4.15 56.37
C GLU E 70 12.17 -4.15 56.41
N ASN E 71 12.78 -5.18 55.84
CA ASN E 71 14.23 -5.26 55.90
C ASN E 71 14.94 -5.03 54.57
N VAL E 72 14.21 -4.51 53.61
CA VAL E 72 14.79 -4.21 52.31
C VAL E 72 14.75 -2.70 52.16
N VAL E 73 15.86 -2.11 51.70
CA VAL E 73 15.92 -0.67 51.50
C VAL E 73 14.69 -0.22 50.71
N ASN E 74 14.31 1.03 50.87
CA ASN E 74 13.13 1.53 50.17
C ASN E 74 13.40 2.62 49.13
N LEU E 75 12.88 2.40 47.93
CA LEU E 75 13.04 3.36 46.87
C LEU E 75 11.81 4.25 46.88
N ILE E 76 12.04 5.54 47.11
CA ILE E 76 11.00 6.57 47.15
C ILE E 76 10.54 6.97 45.74
N GLU E 77 11.50 7.41 44.93
CA GLU E 77 11.18 7.82 43.57
C GLU E 77 12.47 7.99 42.81
N ILE E 78 12.35 8.27 41.52
CA ILE E 78 13.50 8.51 40.69
C ILE E 78 13.37 9.90 40.06
N CYS E 79 14.39 10.73 40.27
CA CYS E 79 14.40 12.09 39.75
C CYS E 79 15.40 12.34 38.63
N ARG E 80 15.29 13.54 38.04
CA ARG E 80 16.18 13.95 36.97
C ARG E 80 16.79 15.31 37.28
N THR E 81 17.51 15.88 36.33
CA THR E 81 18.22 17.12 36.59
C THR E 81 17.80 18.42 35.90
N LYS E 82 18.14 18.53 34.62
CA LYS E 82 17.86 19.73 33.83
C LYS E 82 16.61 19.54 33.00
N ALA E 83 16.56 20.19 31.84
CA ALA E 83 15.41 20.09 30.94
C ALA E 83 15.75 20.56 29.51
N SER E 84 15.25 21.75 29.16
CA SER E 84 15.45 22.36 27.83
C SER E 84 15.29 21.40 26.66
N PRO E 85 14.08 21.37 26.07
CA PRO E 85 13.74 20.51 24.93
C PRO E 85 14.48 20.82 23.63
N TYR E 86 15.59 21.54 23.72
CA TYR E 86 16.36 21.90 22.53
C TYR E 86 17.81 21.40 22.56
N ASN E 87 18.35 21.20 23.76
CA ASN E 87 19.69 20.61 23.88
C ASN E 87 19.43 19.30 24.62
N ARG E 88 18.58 18.48 24.01
CA ARG E 88 18.22 17.19 24.60
C ARG E 88 19.43 16.27 24.78
N CYS E 89 19.99 16.32 25.97
CA CYS E 89 21.14 15.50 26.37
C CYS E 89 20.66 14.47 27.38
N LYS E 90 21.23 13.28 27.34
CA LYS E 90 20.83 12.22 28.25
C LYS E 90 20.54 12.77 29.64
N GLY E 91 21.53 13.43 30.24
CA GLY E 91 21.36 14.01 31.57
C GLY E 91 21.22 12.98 32.70
N SER E 92 21.84 13.26 33.83
CA SER E 92 21.81 12.35 34.98
C SER E 92 20.44 11.96 35.52
N ILE E 93 20.37 10.78 36.11
CA ILE E 93 19.15 10.24 36.72
C ILE E 93 19.51 9.96 38.17
N TYR E 94 18.56 10.10 39.07
CA TYR E 94 18.83 9.86 40.48
C TYR E 94 17.81 8.96 41.17
N LEU E 95 18.29 8.07 42.04
CA LEU E 95 17.40 7.19 42.79
C LEU E 95 17.29 7.77 44.19
N VAL E 96 16.08 7.92 44.71
CA VAL E 96 15.89 8.51 46.03
C VAL E 96 15.51 7.45 47.05
N PHE E 97 16.36 7.27 48.05
CA PHE E 97 16.12 6.28 49.09
C PHE E 97 15.84 6.92 50.44
N ASP E 98 15.13 6.18 51.29
CA ASP E 98 14.86 6.64 52.64
C ASP E 98 16.22 6.55 53.33
N PHE E 99 16.68 7.67 53.86
CA PHE E 99 17.98 7.72 54.51
C PHE E 99 18.15 6.71 55.65
N CYS E 100 19.29 6.03 55.67
CA CYS E 100 19.61 5.06 56.72
C CYS E 100 20.92 5.53 57.31
N GLU E 101 20.90 5.78 58.62
CA GLU E 101 22.07 6.29 59.31
C GLU E 101 23.36 5.48 59.25
N HIS E 102 23.29 4.17 59.50
CA HIS E 102 24.52 3.38 59.48
C HIS E 102 24.52 2.12 58.63
N ASP E 103 25.74 1.68 58.32
CA ASP E 103 25.95 0.46 57.57
C ASP E 103 26.74 -0.44 58.50
N LEU E 104 26.40 -1.73 58.51
CA LEU E 104 27.03 -2.74 59.36
C LEU E 104 28.55 -2.68 59.31
N ALA E 105 29.09 -2.74 58.10
CA ALA E 105 30.53 -2.66 57.90
C ALA E 105 31.12 -1.54 58.76
N GLY E 106 30.50 -0.37 58.71
CA GLY E 106 30.98 0.75 59.49
C GLY E 106 30.87 0.54 60.98
N LEU E 107 29.75 0.01 61.44
CA LEU E 107 29.54 -0.24 62.88
C LEU E 107 30.53 -1.28 63.43
N LEU E 108 30.86 -2.27 62.61
CA LEU E 108 31.80 -3.30 63.04
C LEU E 108 33.24 -2.79 62.96
N SER E 109 33.48 -1.77 62.12
CA SER E 109 34.82 -1.18 61.95
C SER E 109 35.19 -0.45 63.21
N ASN E 110 34.26 0.39 63.67
CA ASN E 110 34.43 1.18 64.88
C ASN E 110 34.29 0.24 66.08
N VAL E 111 35.45 -0.17 66.59
CA VAL E 111 35.52 -1.09 67.72
C VAL E 111 35.00 -0.46 69.02
N LEU E 112 34.46 0.75 68.93
CA LEU E 112 33.89 1.42 70.10
C LEU E 112 32.43 0.98 70.26
N VAL E 113 31.85 0.49 69.18
CA VAL E 113 30.47 0.04 69.18
C VAL E 113 30.40 -1.38 69.74
N LYS E 114 29.48 -1.61 70.67
CA LYS E 114 29.32 -2.90 71.33
C LYS E 114 28.04 -3.66 70.99
N PHE E 115 28.21 -4.94 70.67
CA PHE E 115 27.10 -5.83 70.33
C PHE E 115 26.95 -6.94 71.37
N THR E 116 25.72 -7.19 71.83
CA THR E 116 25.44 -8.26 72.80
C THR E 116 25.02 -9.47 71.98
N LEU E 117 25.28 -10.69 72.48
CA LEU E 117 24.88 -11.89 71.72
C LEU E 117 23.41 -11.78 71.30
N SER E 118 22.57 -11.31 72.23
CA SER E 118 21.16 -11.15 71.98
C SER E 118 20.88 -10.27 70.76
N GLU E 119 21.58 -9.13 70.69
CA GLU E 119 21.43 -8.17 69.60
C GLU E 119 21.88 -8.73 68.25
N ILE E 120 23.00 -9.47 68.25
CA ILE E 120 23.48 -10.09 67.02
C ILE E 120 22.43 -11.06 66.49
N LYS E 121 21.64 -11.66 67.37
CA LYS E 121 20.61 -12.57 66.90
C LYS E 121 19.59 -11.79 66.08
N ARG E 122 19.21 -10.62 66.58
CA ARG E 122 18.25 -9.77 65.91
C ARG E 122 18.80 -9.32 64.56
N VAL E 123 20.05 -8.85 64.56
CA VAL E 123 20.70 -8.40 63.33
C VAL E 123 20.54 -9.51 62.29
N MET E 124 21.06 -10.69 62.62
CA MET E 124 21.01 -11.85 61.73
C MET E 124 19.59 -12.32 61.40
N GLN E 125 18.68 -12.19 62.35
CA GLN E 125 17.32 -12.62 62.11
C GLN E 125 16.70 -11.72 61.05
N MET E 126 16.98 -10.42 61.15
CA MET E 126 16.43 -9.48 60.18
C MET E 126 17.06 -9.69 58.81
N LEU E 127 18.38 -9.89 58.80
CA LEU E 127 19.13 -10.12 57.57
C LEU E 127 18.63 -11.34 56.84
N LEU E 128 18.23 -12.39 57.57
CA LEU E 128 17.71 -13.60 56.91
C LEU E 128 16.23 -13.42 56.56
N ASN E 129 15.59 -12.44 57.21
CA ASN E 129 14.19 -12.15 56.92
C ASN E 129 14.05 -11.35 55.63
N GLY E 130 15.06 -10.52 55.38
CA GLY E 130 15.09 -9.73 54.15
C GLY E 130 15.43 -10.67 53.00
N LEU E 131 16.47 -11.49 53.23
CA LEU E 131 16.91 -12.46 52.23
C LEU E 131 15.81 -13.41 51.80
N TYR E 132 15.03 -13.90 52.76
CA TYR E 132 13.97 -14.82 52.38
C TYR E 132 12.91 -14.10 51.55
N TYR E 133 12.65 -12.84 51.89
CA TYR E 133 11.65 -12.04 51.17
C TYR E 133 12.07 -11.82 49.71
N ILE E 134 13.34 -11.50 49.52
CA ILE E 134 13.81 -11.29 48.18
C ILE E 134 13.95 -12.62 47.42
N HIS E 135 14.38 -13.69 48.08
CA HIS E 135 14.51 -14.96 47.37
C HIS E 135 13.12 -15.49 47.06
N ARG E 136 12.17 -15.17 47.93
CA ARG E 136 10.78 -15.58 47.76
C ARG E 136 10.17 -14.87 46.55
N ASN E 137 10.68 -13.68 46.27
CA ASN E 137 10.23 -12.92 45.12
C ASN E 137 11.15 -13.16 43.91
N LYS E 138 11.76 -14.34 43.89
CA LYS E 138 12.70 -14.79 42.86
C LYS E 138 13.74 -13.73 42.47
N ILE E 139 14.51 -13.28 43.46
CA ILE E 139 15.52 -12.28 43.25
C ILE E 139 16.84 -12.64 43.95
N LEU E 140 17.95 -12.53 43.23
CA LEU E 140 19.25 -12.81 43.82
C LEU E 140 19.92 -11.47 44.05
N HIS E 141 20.32 -11.20 45.28
CA HIS E 141 20.98 -9.94 45.59
C HIS E 141 22.30 -9.82 44.84
N ARG E 142 23.16 -10.82 45.01
CA ARG E 142 24.47 -10.89 44.35
C ARG E 142 25.49 -9.79 44.68
N ASP E 143 25.43 -9.23 45.88
CA ASP E 143 26.40 -8.20 46.24
C ASP E 143 26.47 -8.15 47.77
N MET E 144 26.18 -9.28 48.40
CA MET E 144 26.21 -9.34 49.84
C MET E 144 27.55 -8.91 50.40
N LYS E 145 27.49 -8.17 51.51
CA LYS E 145 28.69 -7.69 52.18
C LYS E 145 28.27 -6.74 53.30
N ALA E 146 29.13 -6.61 54.31
CA ALA E 146 28.83 -5.78 55.46
C ALA E 146 28.37 -4.38 55.09
N ALA E 147 29.04 -3.77 54.12
CA ALA E 147 28.71 -2.41 53.71
C ALA E 147 27.30 -2.24 53.10
N ASN E 148 26.75 -3.30 52.53
CA ASN E 148 25.42 -3.25 51.90
C ASN E 148 24.29 -3.62 52.86
N VAL E 149 24.59 -3.62 54.16
CA VAL E 149 23.62 -3.94 55.19
C VAL E 149 23.42 -2.69 56.02
N LEU E 150 22.29 -2.02 55.81
CA LEU E 150 21.99 -0.79 56.50
C LEU E 150 21.23 -1.02 57.80
N ILE E 151 21.42 -0.10 58.74
CA ILE E 151 20.73 -0.14 60.03
C ILE E 151 20.25 1.27 60.34
N THR E 152 18.93 1.47 60.34
CA THR E 152 18.39 2.79 60.60
C THR E 152 18.67 3.18 62.04
N ARG E 153 18.49 4.47 62.32
CA ARG E 153 18.71 5.02 63.65
C ARG E 153 17.76 4.39 64.66
N ASP E 154 16.64 3.83 64.17
CA ASP E 154 15.65 3.19 65.04
C ASP E 154 15.91 1.70 65.23
N GLY E 155 17.11 1.25 64.89
CA GLY E 155 17.44 -0.15 65.05
C GLY E 155 16.83 -1.13 64.06
N VAL E 156 16.56 -0.69 62.84
CA VAL E 156 15.99 -1.60 61.84
C VAL E 156 17.03 -1.87 60.77
N LEU E 157 17.09 -3.11 60.30
CA LEU E 157 18.03 -3.52 59.28
C LEU E 157 17.40 -3.59 57.90
N LYS E 158 18.13 -3.07 56.91
CA LYS E 158 17.67 -3.04 55.53
C LYS E 158 18.78 -3.54 54.61
N LEU E 159 18.44 -4.46 53.71
CA LEU E 159 19.42 -4.96 52.75
C LEU E 159 19.48 -3.93 51.62
N ALA E 160 20.66 -3.39 51.37
CA ALA E 160 20.80 -2.37 50.33
C ALA E 160 21.58 -2.78 49.09
N ASP E 161 21.75 -1.82 48.19
CA ASP E 161 22.47 -1.99 46.94
C ASP E 161 22.02 -3.19 46.11
N PHE E 162 21.04 -2.97 45.26
CA PHE E 162 20.58 -4.06 44.42
C PHE E 162 21.17 -3.83 43.05
N GLY E 163 22.28 -3.11 43.03
CA GLY E 163 22.99 -2.81 41.80
C GLY E 163 23.23 -4.02 40.93
N LEU E 164 23.69 -5.12 41.54
CA LEU E 164 23.95 -6.31 40.76
C LEU E 164 22.89 -7.38 40.88
N ALA E 165 21.77 -7.09 41.54
CA ALA E 165 20.73 -8.09 41.70
C ALA E 165 20.14 -8.47 40.37
N ARG E 166 19.34 -9.52 40.35
CA ARG E 166 18.68 -9.95 39.12
C ARG E 166 17.61 -10.96 39.47
N ALA E 167 16.70 -11.25 38.55
CA ALA E 167 15.68 -12.24 38.84
C ALA E 167 16.23 -13.62 38.47
N PHE E 168 15.65 -14.65 39.06
CA PHE E 168 16.04 -16.01 38.77
C PHE E 168 14.79 -16.81 38.56
N SER E 169 14.94 -18.05 38.15
CA SER E 169 13.76 -18.87 37.88
C SER E 169 13.65 -20.04 38.81
N LEU E 170 12.40 -20.38 39.13
CA LEU E 170 12.13 -21.54 39.96
C LEU E 170 12.03 -22.70 38.94
N ALA E 171 13.18 -23.10 38.43
CA ALA E 171 13.26 -24.16 37.43
C ALA E 171 13.98 -25.43 37.92
N LYS E 172 13.24 -26.27 38.64
CA LYS E 172 13.78 -27.55 39.13
C LYS E 172 13.37 -28.53 38.03
N ASN E 173 12.82 -27.97 36.96
CA ASN E 173 12.32 -28.75 35.83
C ASN E 173 13.27 -28.95 34.65
N SER E 174 13.19 -28.06 33.67
CA SER E 174 14.01 -28.19 32.46
C SER E 174 15.45 -27.68 32.45
N GLN E 175 15.84 -27.15 31.28
CA GLN E 175 17.16 -26.62 30.97
C GLN E 175 17.88 -25.79 32.03
N PRO E 176 19.22 -25.97 32.14
CA PRO E 176 20.07 -25.27 33.10
C PRO E 176 20.15 -23.78 32.74
N ASN E 177 20.24 -22.93 33.76
CA ASN E 177 20.31 -21.49 33.52
C ASN E 177 21.75 -21.04 33.27
N ARG E 178 21.89 -19.95 32.52
CA ARG E 178 23.18 -19.39 32.19
C ARG E 178 23.35 -17.98 32.74
N TYR E 179 23.32 -17.83 34.05
CA TYR E 179 23.46 -16.49 34.59
C TYR E 179 24.89 -15.97 34.49
N TPO E 180 25.03 -14.69 34.73
CA TPO E 180 26.31 -14.02 34.66
CB TPO E 180 26.06 -12.54 34.81
CG2 TPO E 180 27.36 -11.75 34.68
OG1 TPO E 180 25.12 -12.15 33.80
P TPO E 180 23.90 -11.46 34.54
O1P TPO E 180 24.50 -10.19 35.35
O2P TPO E 180 22.83 -11.00 33.44
O3P TPO E 180 23.17 -12.46 35.55
C TPO E 180 27.13 -14.55 35.80
O TPO E 180 26.71 -14.50 36.95
N ASN E 181 28.30 -15.06 35.48
CA ASN E 181 29.14 -15.61 36.52
C ASN E 181 29.83 -14.59 37.40
N ARG E 182 30.54 -13.65 36.80
CA ARG E 182 31.29 -12.71 37.63
C ARG E 182 30.45 -11.75 38.48
N VAL E 183 29.93 -12.24 39.60
CA VAL E 183 29.15 -11.39 40.50
C VAL E 183 29.60 -11.58 41.95
N VAL E 184 29.17 -10.67 42.81
CA VAL E 184 29.50 -10.70 44.25
C VAL E 184 30.95 -10.37 44.50
N THR E 185 31.19 -9.52 45.49
CA THR E 185 32.54 -9.13 45.86
C THR E 185 33.37 -10.40 46.06
N LEU E 186 34.68 -10.33 45.84
CA LEU E 186 35.52 -11.51 46.01
C LEU E 186 35.44 -12.08 47.43
N TRP E 187 35.72 -11.24 48.42
CA TRP E 187 35.68 -11.64 49.83
C TRP E 187 34.38 -12.27 50.30
N TYR E 188 33.34 -12.21 49.48
CA TYR E 188 32.06 -12.77 49.87
C TYR E 188 31.53 -13.69 48.80
N ARG E 189 32.38 -14.07 47.85
CA ARG E 189 31.93 -14.93 46.79
C ARG E 189 32.00 -16.41 47.14
N PRO E 190 30.87 -17.11 46.98
CA PRO E 190 30.81 -18.53 47.28
C PRO E 190 31.68 -19.30 46.27
N PRO E 191 32.17 -20.48 46.68
CA PRO E 191 33.01 -21.33 45.84
C PRO E 191 32.44 -21.62 44.46
N GLU E 192 31.16 -21.99 44.40
CA GLU E 192 30.55 -22.32 43.10
C GLU E 192 30.77 -21.27 42.02
N LEU E 193 30.80 -20.00 42.41
CA LEU E 193 31.04 -18.95 41.42
C LEU E 193 32.49 -19.01 41.00
N LEU E 194 33.39 -18.92 41.99
CA LEU E 194 34.82 -18.98 41.75
C LEU E 194 35.22 -20.14 40.86
N LEU E 195 34.41 -21.19 40.80
CA LEU E 195 34.71 -22.34 39.96
C LEU E 195 33.92 -22.28 38.66
N GLY E 196 33.54 -21.05 38.29
CA GLY E 196 32.80 -20.77 37.06
C GLY E 196 31.36 -21.23 36.91
N GLU E 197 30.62 -21.36 38.00
CA GLU E 197 29.22 -21.81 37.91
C GLU E 197 28.36 -20.72 37.26
N ARG E 198 27.44 -21.14 36.40
CA ARG E 198 26.53 -20.23 35.73
C ARG E 198 25.08 -20.60 36.00
N ASP E 199 24.87 -21.70 36.70
CA ASP E 199 23.54 -22.13 37.04
C ASP E 199 23.34 -22.03 38.54
N TYR E 200 23.80 -20.93 39.13
CA TYR E 200 23.63 -20.74 40.55
C TYR E 200 22.20 -20.32 40.95
N GLY E 201 22.03 -20.04 42.24
CA GLY E 201 20.74 -19.65 42.77
C GLY E 201 20.89 -18.93 44.11
N PRO E 202 19.81 -18.84 44.89
CA PRO E 202 19.83 -18.17 46.20
C PRO E 202 21.06 -18.48 47.06
N PRO E 203 21.54 -19.74 47.04
CA PRO E 203 22.72 -20.14 47.82
C PRO E 203 23.88 -19.16 47.88
N ILE E 204 24.21 -18.52 46.76
CA ILE E 204 25.33 -17.59 46.76
C ILE E 204 25.10 -16.41 47.70
N ASP E 205 23.83 -16.11 47.97
CA ASP E 205 23.50 -15.01 48.88
C ASP E 205 23.66 -15.41 50.32
N LEU E 206 23.32 -16.66 50.62
CA LEU E 206 23.45 -17.16 51.98
C LEU E 206 24.91 -17.39 52.37
N TRP E 207 25.77 -17.67 51.39
CA TRP E 207 27.18 -17.82 51.69
C TRP E 207 27.66 -16.47 52.20
N GLY E 208 27.22 -15.40 51.55
CA GLY E 208 27.61 -14.06 51.97
C GLY E 208 27.07 -13.80 53.37
N ALA E 209 25.84 -14.26 53.60
CA ALA E 209 25.16 -14.12 54.89
C ALA E 209 26.06 -14.71 55.96
N GLY E 210 26.66 -15.86 55.63
CA GLY E 210 27.56 -16.52 56.56
C GLY E 210 28.78 -15.66 56.84
N CYS E 211 29.47 -15.23 55.80
CA CYS E 211 30.67 -14.40 55.98
C CYS E 211 30.35 -13.15 56.78
N ILE E 212 29.08 -12.71 56.70
CA ILE E 212 28.65 -11.52 57.44
C ILE E 212 28.45 -11.82 58.91
N MET E 213 27.77 -12.94 59.17
CA MET E 213 27.52 -13.36 60.54
C MET E 213 28.83 -13.48 61.30
N ALA E 214 29.83 -14.10 60.66
CA ALA E 214 31.13 -14.25 61.29
C ALA E 214 31.73 -12.88 61.67
N GLU E 215 31.59 -11.90 60.79
CA GLU E 215 32.12 -10.56 61.04
C GLU E 215 31.52 -9.90 62.27
N MET E 216 30.31 -10.27 62.65
CA MET E 216 29.68 -9.69 63.83
C MET E 216 30.60 -9.91 65.02
N TRP E 217 31.34 -11.01 64.97
CA TRP E 217 32.27 -11.37 66.04
C TRP E 217 33.72 -11.03 65.72
N THR E 218 34.19 -11.43 64.54
CA THR E 218 35.57 -11.17 64.14
C THR E 218 35.84 -9.70 63.83
N ARG E 219 34.78 -8.93 63.63
CA ARG E 219 34.90 -7.51 63.32
C ARG E 219 35.58 -7.17 61.99
N SER E 220 35.65 -8.16 61.09
CA SER E 220 36.28 -7.96 59.78
C SER E 220 36.17 -9.20 58.90
N PRO E 221 36.14 -9.00 57.57
CA PRO E 221 36.03 -10.11 56.62
C PRO E 221 36.96 -11.26 56.97
N ILE E 222 36.37 -12.44 57.10
CA ILE E 222 37.08 -13.66 57.45
C ILE E 222 37.93 -14.26 56.34
N MET E 223 37.69 -13.87 55.09
CA MET E 223 38.46 -14.41 53.99
C MET E 223 38.82 -13.35 52.95
N GLN E 224 39.86 -12.58 53.24
CA GLN E 224 40.33 -11.51 52.38
C GLN E 224 41.28 -11.95 51.29
N GLY E 225 40.73 -12.54 50.23
CA GLY E 225 41.56 -12.98 49.11
C GLY E 225 42.12 -11.79 48.34
N ASN E 226 43.09 -12.07 47.47
CA ASN E 226 43.72 -11.02 46.67
C ASN E 226 43.50 -11.36 45.22
N THR E 227 43.31 -12.64 44.94
CA THR E 227 43.06 -13.11 43.58
C THR E 227 42.02 -14.22 43.72
N GLU E 228 41.27 -14.46 42.65
CA GLU E 228 40.24 -15.48 42.70
C GLU E 228 40.76 -16.79 43.27
N GLN E 229 41.95 -17.19 42.84
CA GLN E 229 42.55 -18.43 43.33
C GLN E 229 42.94 -18.32 44.81
N HIS E 230 43.59 -17.22 45.18
CA HIS E 230 43.98 -16.99 46.56
C HIS E 230 42.70 -17.09 47.40
N GLN E 231 41.62 -16.48 46.91
CA GLN E 231 40.35 -16.51 47.61
C GLN E 231 39.97 -17.97 47.80
N LEU E 232 40.01 -18.73 46.70
CA LEU E 232 39.68 -20.14 46.76
C LEU E 232 40.53 -20.80 47.84
N ALA E 233 41.82 -20.49 47.84
CA ALA E 233 42.77 -21.03 48.81
C ALA E 233 42.25 -20.89 50.24
N LEU E 234 41.98 -19.65 50.64
CA LEU E 234 41.46 -19.32 51.97
C LEU E 234 40.16 -20.02 52.29
N ILE E 235 39.38 -20.34 51.26
CA ILE E 235 38.12 -21.03 51.47
C ILE E 235 38.44 -22.46 51.89
N SER E 236 39.35 -23.11 51.16
CA SER E 236 39.74 -24.48 51.48
C SER E 236 40.39 -24.51 52.85
N GLN E 237 41.28 -23.55 53.10
CA GLN E 237 41.95 -23.44 54.37
C GLN E 237 40.98 -23.38 55.55
N LEU E 238 39.86 -22.70 55.38
CA LEU E 238 38.90 -22.55 56.45
C LEU E 238 37.74 -23.54 56.43
N CYS E 239 37.25 -23.86 55.24
CA CYS E 239 36.11 -24.77 55.08
C CYS E 239 36.51 -26.17 54.66
N GLY E 240 37.81 -26.37 54.51
CA GLY E 240 38.29 -27.68 54.11
C GLY E 240 38.40 -27.81 52.62
N SER E 241 39.34 -28.61 52.15
CA SER E 241 39.55 -28.79 50.73
C SER E 241 38.31 -29.18 49.94
N ILE E 242 38.29 -28.74 48.69
CA ILE E 242 37.20 -28.98 47.77
C ILE E 242 37.36 -30.31 47.07
N THR E 243 36.62 -31.31 47.52
CA THR E 243 36.68 -32.64 46.93
C THR E 243 35.30 -33.12 46.55
N PRO E 244 35.22 -34.09 45.62
CA PRO E 244 33.95 -34.66 45.14
C PRO E 244 33.21 -35.37 46.26
N GLU E 245 33.86 -35.47 47.42
CA GLU E 245 33.26 -36.14 48.56
C GLU E 245 32.27 -35.25 49.29
N VAL E 246 32.72 -34.06 49.68
CA VAL E 246 31.86 -33.11 50.39
C VAL E 246 31.02 -32.29 49.40
N TRP E 247 31.42 -32.33 48.13
CA TRP E 247 30.73 -31.61 47.07
C TRP E 247 30.43 -32.53 45.87
N PRO E 248 29.41 -33.39 46.01
CA PRO E 248 29.06 -34.32 44.94
C PRO E 248 29.01 -33.73 43.53
N ASN E 249 29.91 -34.21 42.69
CA ASN E 249 30.00 -33.78 41.30
C ASN E 249 30.67 -32.43 41.04
N VAL E 250 31.52 -32.00 41.98
CA VAL E 250 32.24 -30.75 41.77
C VAL E 250 33.26 -31.03 40.67
N ASP E 251 33.29 -32.27 40.19
CA ASP E 251 34.22 -32.67 39.13
C ASP E 251 33.87 -32.00 37.82
N ASN E 252 32.58 -31.99 37.47
CA ASN E 252 32.11 -31.41 36.22
C ASN E 252 32.55 -29.97 35.95
N TYR E 253 32.91 -29.23 36.98
CA TYR E 253 33.36 -27.86 36.74
C TYR E 253 34.68 -27.86 35.99
N GLU E 254 34.65 -27.37 34.75
CA GLU E 254 35.83 -27.30 33.91
C GLU E 254 37.04 -26.73 34.67
N LEU E 255 36.82 -25.67 35.43
CA LEU E 255 37.90 -25.06 36.17
C LEU E 255 38.40 -25.92 37.31
N TYR E 256 37.60 -26.91 37.72
CA TYR E 256 38.00 -27.78 38.82
C TYR E 256 39.39 -28.36 38.61
N GLU E 257 39.64 -28.81 37.39
CA GLU E 257 40.94 -29.38 37.03
C GLU E 257 41.90 -28.23 36.72
N LYS E 258 41.59 -27.48 35.66
CA LYS E 258 42.39 -26.35 35.22
C LYS E 258 43.33 -25.84 36.31
N LEU E 259 42.78 -25.17 37.33
CA LEU E 259 43.62 -24.67 38.41
C LEU E 259 43.65 -25.68 39.54
N GLU E 260 44.83 -25.86 40.13
CA GLU E 260 45.01 -26.80 41.23
C GLU E 260 44.27 -26.28 42.45
N LEU E 261 44.02 -27.17 43.41
CA LEU E 261 43.32 -26.80 44.64
C LEU E 261 43.86 -27.64 45.79
N VAL E 262 44.37 -26.98 46.85
CA VAL E 262 44.93 -27.70 48.00
C VAL E 262 44.04 -28.90 48.29
N LYS E 263 44.65 -30.08 48.42
CA LYS E 263 43.91 -31.33 48.63
C LYS E 263 43.84 -31.86 50.07
N GLY E 264 44.72 -31.38 50.94
CA GLY E 264 44.73 -31.90 52.29
C GLY E 264 43.97 -31.17 53.37
N GLN E 265 43.53 -29.95 53.09
CA GLN E 265 42.79 -29.17 54.09
C GLN E 265 41.58 -29.84 54.75
N LYS E 266 41.43 -29.63 56.06
CA LYS E 266 40.32 -30.17 56.81
C LYS E 266 39.43 -29.03 57.28
N ARG E 267 38.13 -29.30 57.40
CA ARG E 267 37.16 -28.29 57.82
C ARG E 267 37.48 -27.77 59.22
N LYS E 268 37.89 -26.50 59.30
CA LYS E 268 38.26 -25.87 60.57
C LYS E 268 37.36 -24.70 60.91
N VAL E 269 36.20 -24.63 60.27
CA VAL E 269 35.26 -23.54 60.47
C VAL E 269 35.12 -23.16 61.94
N LYS E 270 34.47 -24.03 62.71
CA LYS E 270 34.23 -23.75 64.12
C LYS E 270 35.47 -23.53 64.97
N ASP E 271 36.57 -24.19 64.65
CA ASP E 271 37.79 -24.02 65.43
C ASP E 271 38.32 -22.58 65.34
N ARG E 272 38.47 -22.07 64.12
CA ARG E 272 38.98 -20.73 63.92
C ARG E 272 38.03 -19.63 64.44
N LEU E 273 36.74 -19.93 64.51
CA LEU E 273 35.75 -18.96 64.99
C LEU E 273 35.42 -19.17 66.47
N LYS E 274 35.89 -20.28 67.01
CA LYS E 274 35.69 -20.63 68.41
C LYS E 274 36.01 -19.46 69.33
N ALA E 275 37.26 -19.01 69.27
CA ALA E 275 37.76 -17.90 70.10
C ALA E 275 36.90 -16.65 70.07
N TYR E 276 36.28 -16.36 68.93
CA TYR E 276 35.47 -15.17 68.78
C TYR E 276 34.00 -15.32 69.18
N VAL E 277 33.29 -16.22 68.49
CA VAL E 277 31.88 -16.42 68.76
C VAL E 277 31.57 -17.05 70.10
N ARG E 278 32.16 -18.21 70.38
CA ARG E 278 31.93 -18.92 71.65
C ARG E 278 30.60 -19.67 71.68
N ASP E 279 29.49 -18.94 71.64
CA ASP E 279 28.13 -19.54 71.64
C ASP E 279 28.02 -20.74 70.70
N PRO E 280 27.55 -21.90 71.21
CA PRO E 280 27.39 -23.14 70.45
C PRO E 280 26.51 -23.05 69.21
N TYR E 281 25.29 -22.55 69.40
CA TYR E 281 24.34 -22.40 68.31
C TYR E 281 24.84 -21.45 67.23
N ALA E 282 25.34 -20.29 67.65
CA ALA E 282 25.85 -19.29 66.71
C ALA E 282 26.87 -19.95 65.77
N LEU E 283 27.79 -20.72 66.35
CA LEU E 283 28.81 -21.41 65.57
C LEU E 283 28.22 -22.43 64.61
N ASP E 284 27.15 -23.10 65.02
CA ASP E 284 26.51 -24.10 64.17
C ASP E 284 25.90 -23.46 62.91
N LEU E 285 25.18 -22.36 63.10
CA LEU E 285 24.55 -21.64 61.98
C LEU E 285 25.64 -21.18 61.01
N ILE E 286 26.70 -20.57 61.53
CA ILE E 286 27.80 -20.13 60.68
C ILE E 286 28.36 -21.34 59.92
N ASP E 287 28.51 -22.46 60.61
CA ASP E 287 29.01 -23.67 59.99
C ASP E 287 28.05 -24.11 58.88
N LYS E 288 26.75 -24.01 59.12
CA LYS E 288 25.77 -24.44 58.11
C LYS E 288 25.62 -23.45 56.94
N LEU E 289 26.11 -22.23 57.15
CA LEU E 289 26.05 -21.22 56.11
C LEU E 289 27.27 -21.33 55.21
N LEU E 290 28.42 -21.59 55.81
CA LEU E 290 29.67 -21.74 55.06
C LEU E 290 29.92 -23.15 54.50
N VAL E 291 28.85 -23.77 54.02
CA VAL E 291 28.91 -25.11 53.46
C VAL E 291 29.31 -25.07 51.97
N LEU E 292 30.50 -25.61 51.66
CA LEU E 292 31.01 -25.64 50.28
C LEU E 292 29.96 -25.97 49.21
N ASP E 293 29.55 -27.22 49.12
CA ASP E 293 28.54 -27.56 48.11
C ASP E 293 27.26 -26.78 48.37
N PRO E 294 26.88 -25.90 47.44
CA PRO E 294 25.68 -25.08 47.54
C PRO E 294 24.40 -25.88 47.75
N ALA E 295 24.37 -27.10 47.23
CA ALA E 295 23.20 -27.94 47.35
C ALA E 295 23.00 -28.43 48.78
N GLN E 296 23.98 -28.15 49.64
CA GLN E 296 23.90 -28.58 51.04
C GLN E 296 23.98 -27.41 52.02
N ARG E 297 24.17 -26.21 51.46
CA ARG E 297 24.26 -25.01 52.27
C ARG E 297 22.84 -24.73 52.77
N ILE E 298 22.69 -24.35 54.03
CA ILE E 298 21.35 -24.08 54.56
C ILE E 298 20.70 -22.85 53.87
N ASP E 299 19.39 -22.91 53.59
CA ASP E 299 18.71 -21.76 52.98
C ASP E 299 18.18 -20.78 54.02
N SER E 300 17.53 -19.71 53.56
CA SER E 300 17.01 -18.69 54.48
C SER E 300 15.88 -19.10 55.42
N ASP E 301 14.94 -19.94 54.98
CA ASP E 301 13.87 -20.36 55.91
C ASP E 301 14.42 -21.22 57.03
N ASP E 302 15.14 -22.28 56.64
CA ASP E 302 15.72 -23.21 57.59
C ASP E 302 16.70 -22.50 58.52
N ALA E 303 17.29 -21.43 58.04
CA ALA E 303 18.22 -20.68 58.86
C ALA E 303 17.43 -19.89 59.89
N LEU E 304 16.22 -19.49 59.50
CA LEU E 304 15.39 -18.72 60.41
C LEU E 304 14.78 -19.57 61.51
N ASN E 305 14.69 -20.87 61.24
CA ASN E 305 14.16 -21.85 62.21
C ASN E 305 15.25 -22.53 63.02
N HIS E 306 16.49 -22.13 62.78
CA HIS E 306 17.60 -22.71 63.50
C HIS E 306 17.51 -22.39 64.99
N ASP E 307 18.17 -23.22 65.81
CA ASP E 307 18.12 -23.06 67.26
C ASP E 307 18.59 -21.69 67.73
N PHE E 308 19.66 -21.18 67.11
CA PHE E 308 20.20 -19.87 67.48
C PHE E 308 19.12 -18.79 67.71
N PHE E 309 18.11 -18.75 66.83
CA PHE E 309 17.03 -17.75 66.92
C PHE E 309 15.92 -18.08 67.92
N TRP E 310 15.95 -19.27 68.49
CA TRP E 310 14.92 -19.65 69.44
C TRP E 310 15.46 -20.24 70.75
N SER E 311 16.58 -19.70 71.23
CA SER E 311 17.17 -20.18 72.47
C SER E 311 17.81 -19.03 73.22
N ASP E 312 17.77 -19.08 74.54
CA ASP E 312 18.34 -18.00 75.34
C ASP E 312 19.82 -17.76 75.07
N PRO E 313 20.22 -16.50 74.96
CA PRO E 313 19.31 -15.35 75.07
C PRO E 313 18.53 -15.08 73.77
N MET E 314 17.27 -14.68 73.90
CA MET E 314 16.44 -14.40 72.73
C MET E 314 16.85 -13.11 72.01
N PRO E 315 16.35 -12.91 70.79
CA PRO E 315 16.69 -11.69 70.03
C PRO E 315 16.08 -10.44 70.66
N SER E 316 16.89 -9.38 70.79
CA SER E 316 16.41 -8.12 71.36
C SER E 316 16.57 -7.03 70.32
N ASP E 317 16.04 -5.85 70.59
CA ASP E 317 16.16 -4.74 69.65
C ASP E 317 17.61 -4.23 69.69
N LEU E 318 17.90 -3.16 68.97
CA LEU E 318 19.26 -2.65 68.93
C LEU E 318 19.48 -1.25 69.50
N LYS E 319 18.61 -0.80 70.39
CA LYS E 319 18.76 0.53 71.00
C LYS E 319 20.09 0.66 71.74
N GLY E 320 20.38 -0.33 72.59
CA GLY E 320 21.62 -0.33 73.35
C GLY E 320 22.82 -0.24 72.45
N MET E 321 22.91 -1.16 71.49
CA MET E 321 24.02 -1.18 70.54
C MET E 321 24.16 0.16 69.81
N LEU E 322 23.05 0.89 69.66
CA LEU E 322 23.06 2.19 68.98
C LEU E 322 23.39 3.33 69.93
N SER E 323 23.56 3.00 71.21
CA SER E 323 23.93 4.00 72.22
C SER E 323 25.46 3.99 72.35
N THR E 324 26.07 2.82 72.16
CA THR E 324 27.54 2.67 72.22
C THR E 324 28.08 3.48 71.05
N HIS E 325 27.16 3.87 70.18
CA HIS E 325 27.43 4.69 69.01
C HIS E 325 27.30 6.13 69.48
N LEU E 326 28.43 6.83 69.54
CA LEU E 326 28.44 8.21 70.01
C LEU E 326 28.65 9.20 68.86
N ASN F 7 -4.87 6.12 42.34
CA ASN F 7 -4.76 6.40 40.87
C ASN F 7 -3.39 5.90 40.36
N ASN F 8 -2.54 5.44 41.28
CA ASN F 8 -1.23 4.93 40.91
C ASN F 8 -1.46 3.68 40.05
N ASN F 9 -2.57 3.00 40.32
CA ASN F 9 -2.96 1.79 39.59
C ASN F 9 -3.88 2.20 38.44
N LYS F 10 -4.28 3.46 38.44
CA LYS F 10 -5.15 4.00 37.40
C LYS F 10 -4.40 5.06 36.61
N ARG F 11 -3.08 5.13 36.83
CA ARG F 11 -2.23 6.11 36.17
C ARG F 11 -2.06 5.97 34.67
N TRP F 12 -2.15 4.77 34.12
CA TRP F 12 -1.99 4.70 32.67
C TRP F 12 -3.23 4.17 32.02
N TYR F 13 -4.36 4.45 32.64
CA TYR F 13 -5.65 4.03 32.11
C TYR F 13 -6.54 5.24 31.84
N PHE F 14 -7.30 5.19 30.75
CA PHE F 14 -8.16 6.31 30.39
C PHE F 14 -9.50 5.86 29.82
N THR F 15 -10.50 6.72 29.94
CA THR F 15 -11.83 6.44 29.41
C THR F 15 -11.90 6.99 27.99
N ARG F 16 -12.84 6.48 27.22
CA ARG F 16 -12.98 6.92 25.84
C ARG F 16 -12.87 8.44 25.70
N GLU F 17 -13.30 9.16 26.73
CA GLU F 17 -13.23 10.61 26.72
C GLU F 17 -11.81 11.12 26.84
N GLN F 18 -11.09 10.63 27.84
CA GLN F 18 -9.74 11.09 28.00
C GLN F 18 -8.89 10.84 26.75
N LEU F 19 -9.14 9.72 26.06
CA LEU F 19 -8.38 9.39 24.86
C LEU F 19 -8.75 10.32 23.71
N GLU F 20 -9.86 11.01 23.94
CA GLU F 20 -10.44 11.96 23.03
C GLU F 20 -9.56 13.20 22.97
N ASN F 21 -8.75 13.38 24.01
CA ASN F 21 -7.87 14.53 24.10
C ASN F 21 -6.40 14.14 24.38
N SER F 22 -5.65 13.77 23.34
CA SER F 22 -4.26 13.36 23.50
C SER F 22 -3.28 14.50 23.27
N PRO F 23 -1.99 14.30 23.62
CA PRO F 23 -1.02 15.38 23.39
C PRO F 23 -0.81 15.67 21.92
N SER F 24 -0.99 14.67 21.08
CA SER F 24 -0.79 14.87 19.66
C SER F 24 -2.00 15.60 19.07
N ARG F 25 -3.12 15.54 19.79
CA ARG F 25 -4.35 16.21 19.38
C ARG F 25 -4.04 17.71 19.51
N ARG F 26 -3.45 18.06 20.64
CA ARG F 26 -3.08 19.41 20.97
C ARG F 26 -2.12 20.05 19.95
N PHE F 27 -1.66 19.28 18.98
CA PHE F 27 -0.78 19.83 17.96
C PHE F 27 -1.47 19.66 16.61
N GLY F 28 -2.78 19.53 16.65
CA GLY F 28 -3.54 19.40 15.43
C GLY F 28 -3.45 18.07 14.71
N VAL F 29 -3.55 16.98 15.46
CA VAL F 29 -3.52 15.69 14.79
C VAL F 29 -4.88 15.05 14.96
N ASP F 30 -5.53 14.78 13.84
CA ASP F 30 -6.86 14.14 13.86
C ASP F 30 -6.73 12.81 14.58
N PRO F 31 -7.77 12.42 15.33
CA PRO F 31 -7.78 11.15 16.06
C PRO F 31 -7.40 9.95 15.19
N ASP F 32 -8.03 9.83 14.03
CA ASP F 32 -7.73 8.74 13.12
C ASP F 32 -6.28 8.77 12.65
N LYS F 33 -5.70 9.96 12.54
CA LYS F 33 -4.31 10.05 12.11
C LYS F 33 -3.43 9.50 13.21
N GLU F 34 -3.71 9.90 14.45
CA GLU F 34 -2.95 9.43 15.59
C GLU F 34 -3.04 7.91 15.75
N LEU F 35 -4.23 7.35 15.62
CA LEU F 35 -4.38 5.91 15.76
C LEU F 35 -3.51 5.18 14.75
N SER F 36 -3.46 5.67 13.51
CA SER F 36 -2.63 5.05 12.48
C SER F 36 -1.20 5.13 12.91
N TYR F 37 -0.75 6.30 13.35
CA TYR F 37 0.63 6.42 13.80
C TYR F 37 0.96 5.32 14.80
N ARG F 38 -0.01 4.96 15.64
CA ARG F 38 0.21 3.91 16.63
C ARG F 38 0.33 2.57 15.91
N GLN F 39 -0.66 2.27 15.08
CA GLN F 39 -0.66 1.01 14.34
C GLN F 39 0.66 0.90 13.61
N GLN F 40 1.17 2.02 13.13
CA GLN F 40 2.42 2.06 12.40
C GLN F 40 3.64 1.82 13.29
N ALA F 41 3.66 2.43 14.46
CA ALA F 41 4.77 2.25 15.36
C ALA F 41 4.82 0.76 15.72
N ALA F 42 3.64 0.18 15.93
CA ALA F 42 3.57 -1.23 16.27
C ALA F 42 4.16 -2.04 15.13
N ASN F 43 3.74 -1.74 13.92
CA ASN F 43 4.23 -2.44 12.75
C ASN F 43 5.76 -2.41 12.66
N LEU F 44 6.35 -1.28 13.01
CA LEU F 44 7.78 -1.16 12.93
C LEU F 44 8.47 -1.85 14.10
N LEU F 45 7.81 -1.93 15.24
CA LEU F 45 8.40 -2.61 16.40
C LEU F 45 8.36 -4.12 16.18
N GLN F 46 7.25 -4.63 15.65
CA GLN F 46 7.16 -6.06 15.43
C GLN F 46 8.17 -6.47 14.40
N ASP F 47 8.26 -5.70 13.33
CA ASP F 47 9.19 -6.03 12.26
C ASP F 47 10.61 -6.02 12.78
N MET F 48 11.02 -4.93 13.40
CA MET F 48 12.38 -4.88 13.92
C MET F 48 12.55 -5.99 14.95
N GLY F 49 11.46 -6.31 15.63
CA GLY F 49 11.51 -7.34 16.66
C GLY F 49 11.87 -8.68 16.07
N GLN F 50 11.11 -9.10 15.07
CA GLN F 50 11.36 -10.36 14.42
C GLN F 50 12.77 -10.41 13.81
N ARG F 51 13.28 -9.27 13.39
CA ARG F 51 14.60 -9.24 12.78
C ARG F 51 15.70 -9.40 13.80
N LEU F 52 15.58 -8.75 14.95
CA LEU F 52 16.58 -8.92 15.99
C LEU F 52 16.23 -10.23 16.74
N ASN F 53 15.16 -10.86 16.26
CA ASN F 53 14.65 -12.08 16.85
C ASN F 53 14.51 -12.09 18.37
N VAL F 54 13.90 -11.03 18.93
CA VAL F 54 13.65 -10.95 20.37
C VAL F 54 12.32 -11.65 20.59
N SER F 55 11.98 -11.84 21.87
CA SER F 55 10.74 -12.52 22.25
C SER F 55 9.53 -11.69 21.97
N GLN F 56 8.46 -12.33 21.54
CA GLN F 56 7.21 -11.64 21.30
C GLN F 56 6.92 -10.77 22.53
N LEU F 57 7.29 -11.30 23.68
CA LEU F 57 7.10 -10.60 24.93
C LEU F 57 7.86 -9.26 24.92
N THR F 58 9.00 -9.19 24.24
CA THR F 58 9.76 -7.95 24.20
C THR F 58 9.04 -6.94 23.34
N ILE F 59 8.47 -7.43 22.25
CA ILE F 59 7.74 -6.61 21.31
C ILE F 59 6.50 -6.02 21.98
N ASN F 60 5.71 -6.88 22.62
CA ASN F 60 4.50 -6.42 23.31
C ASN F 60 4.87 -5.35 24.33
N THR F 61 5.86 -5.62 25.17
CA THR F 61 6.25 -4.66 26.17
C THR F 61 6.62 -3.35 25.51
N ALA F 62 7.28 -3.41 24.36
CA ALA F 62 7.70 -2.19 23.66
C ALA F 62 6.51 -1.44 23.13
N ILE F 63 5.60 -2.15 22.45
CA ILE F 63 4.37 -1.55 21.94
C ILE F 63 3.59 -0.80 23.05
N VAL F 64 3.69 -1.27 24.29
CA VAL F 64 2.98 -0.59 25.35
C VAL F 64 3.79 0.64 25.71
N TYR F 65 5.09 0.49 25.93
CA TYR F 65 5.94 1.65 26.22
C TYR F 65 5.59 2.78 25.25
N MET F 66 5.32 2.38 24.00
CA MET F 66 4.97 3.32 22.95
C MET F 66 3.62 3.97 23.27
N HIS F 67 2.53 3.20 23.21
CA HIS F 67 1.18 3.70 23.50
C HIS F 67 1.17 4.66 24.68
N ARG F 68 1.82 4.29 25.76
CA ARG F 68 1.85 5.16 26.92
C ARG F 68 2.69 6.36 26.65
N PHE F 69 3.81 6.15 25.98
CA PHE F 69 4.72 7.24 25.66
C PHE F 69 3.96 8.35 24.96
N TYR F 70 3.03 7.96 24.09
CA TYR F 70 2.23 8.93 23.34
C TYR F 70 0.93 9.37 24.00
N MET F 71 0.93 9.47 25.32
CA MET F 71 -0.22 9.94 26.07
C MET F 71 0.40 11.06 26.86
N ILE F 72 1.71 11.17 26.73
CA ILE F 72 2.44 12.21 27.44
C ILE F 72 3.23 13.06 26.47
N GLN F 73 3.54 12.50 25.32
CA GLN F 73 4.31 13.22 24.31
C GLN F 73 3.46 13.28 23.03
N SER F 74 3.90 14.13 22.11
CA SER F 74 3.18 14.29 20.85
C SER F 74 3.90 13.68 19.68
N PHE F 75 3.15 13.02 18.80
CA PHE F 75 3.73 12.40 17.64
C PHE F 75 4.47 13.41 16.77
N THR F 76 4.03 14.66 16.81
CA THR F 76 4.67 15.70 16.02
C THR F 76 6.08 15.92 16.54
N GLN F 77 6.18 16.09 17.85
CA GLN F 77 7.44 16.34 18.50
C GLN F 77 8.40 15.12 18.53
N PHE F 78 7.85 13.91 18.37
CA PHE F 78 8.64 12.68 18.38
C PHE F 78 8.03 11.72 17.36
N PRO F 79 8.64 11.62 16.15
CA PRO F 79 8.13 10.74 15.09
C PRO F 79 8.16 9.28 15.53
N GLY F 80 7.09 8.55 15.20
CA GLY F 80 7.01 7.14 15.57
C GLY F 80 8.27 6.39 15.16
N ASN F 81 8.65 6.53 13.90
CA ASN F 81 9.83 5.88 13.36
C ASN F 81 11.09 6.25 14.11
N SER F 82 10.99 7.15 15.08
CA SER F 82 12.16 7.55 15.84
C SER F 82 12.16 6.94 17.25
N VAL F 83 10.97 6.80 17.81
CA VAL F 83 10.82 6.25 19.13
C VAL F 83 10.86 4.74 19.05
N ALA F 84 10.04 4.18 18.16
CA ALA F 84 9.99 2.74 18.00
C ALA F 84 11.34 2.06 18.30
N PRO F 85 12.41 2.45 17.58
CA PRO F 85 13.70 1.82 17.84
C PRO F 85 14.08 1.90 19.31
N ALA F 86 14.30 3.10 19.81
CA ALA F 86 14.68 3.25 21.20
C ALA F 86 13.77 2.47 22.16
N ALA F 87 12.50 2.31 21.82
CA ALA F 87 11.59 1.59 22.70
C ALA F 87 12.01 0.11 22.71
N LEU F 88 12.12 -0.49 21.52
CA LEU F 88 12.50 -1.89 21.38
C LEU F 88 13.84 -2.19 22.06
N PHE F 89 14.75 -1.24 21.98
CA PHE F 89 16.06 -1.33 22.58
C PHE F 89 15.92 -1.47 24.09
N LEU F 90 15.02 -0.69 24.66
CA LEU F 90 14.79 -0.68 26.09
C LEU F 90 14.03 -1.94 26.53
N ALA F 91 13.00 -2.29 25.78
CA ALA F 91 12.21 -3.46 26.08
C ALA F 91 13.14 -4.65 26.16
N ALA F 92 13.97 -4.82 25.14
CA ALA F 92 14.92 -5.91 25.09
C ALA F 92 15.64 -6.07 26.43
N LYS F 93 16.25 -5.02 26.93
CA LYS F 93 16.94 -5.12 28.21
C LYS F 93 15.98 -5.55 29.31
N VAL F 94 14.86 -4.83 29.43
CA VAL F 94 13.88 -5.14 30.45
C VAL F 94 13.35 -6.57 30.36
N GLU F 95 13.20 -7.07 29.14
CA GLU F 95 12.72 -8.44 28.93
C GLU F 95 13.85 -9.46 28.93
N GLU F 96 14.98 -9.04 29.48
CA GLU F 96 16.14 -9.91 29.62
C GLU F 96 16.60 -10.65 28.35
N GLN F 97 16.63 -9.94 27.21
CA GLN F 97 17.07 -10.48 25.93
C GLN F 97 17.71 -9.30 25.19
N PRO F 98 18.53 -8.54 25.91
CA PRO F 98 19.18 -7.38 25.30
C PRO F 98 19.81 -7.61 23.93
N LYS F 99 19.81 -6.55 23.11
CA LYS F 99 20.45 -6.58 21.81
C LYS F 99 21.43 -5.43 21.86
N LYS F 100 22.50 -5.53 21.08
CA LYS F 100 23.53 -4.52 21.10
C LYS F 100 23.05 -3.30 20.35
N LEU F 101 23.33 -2.12 20.92
CA LEU F 101 22.92 -0.86 20.33
C LEU F 101 23.15 -0.91 18.83
N GLU F 102 24.37 -1.29 18.45
CA GLU F 102 24.74 -1.42 17.05
C GLU F 102 23.74 -2.27 16.26
N HIS F 103 23.49 -3.48 16.73
CA HIS F 103 22.60 -4.39 16.05
C HIS F 103 21.20 -3.79 15.85
N VAL F 104 20.68 -3.11 16.87
CA VAL F 104 19.34 -2.53 16.74
C VAL F 104 19.39 -1.45 15.66
N ILE F 105 20.38 -0.56 15.79
CA ILE F 105 20.56 0.51 14.82
C ILE F 105 20.57 -0.01 13.38
N LYS F 106 21.31 -1.08 13.14
CA LYS F 106 21.36 -1.64 11.80
C LYS F 106 20.01 -2.13 11.30
N VAL F 107 19.28 -2.84 12.15
CA VAL F 107 17.99 -3.37 11.76
C VAL F 107 17.02 -2.23 11.50
N ALA F 108 17.12 -1.20 12.33
CA ALA F 108 16.28 -0.01 12.19
C ALA F 108 16.51 0.56 10.79
N HIS F 109 17.77 0.89 10.52
CA HIS F 109 18.17 1.44 9.23
C HIS F 109 17.66 0.55 8.10
N THR F 110 17.89 -0.73 8.22
CA THR F 110 17.45 -1.70 7.23
C THR F 110 15.95 -1.65 6.96
N CYS F 111 15.17 -1.29 7.99
CA CYS F 111 13.71 -1.24 7.85
C CYS F 111 13.21 0.07 7.31
N LEU F 112 13.83 1.15 7.79
CA LEU F 112 13.46 2.49 7.38
C LEU F 112 14.19 2.99 6.14
N HIS F 113 15.26 2.28 5.76
CA HIS F 113 16.08 2.66 4.62
C HIS F 113 16.58 1.45 3.84
N PRO F 114 15.67 0.66 3.28
CA PRO F 114 16.05 -0.53 2.51
C PRO F 114 17.12 -0.25 1.46
N GLN F 115 16.97 0.87 0.76
CA GLN F 115 17.90 1.23 -0.31
C GLN F 115 19.27 1.65 0.22
N GLU F 116 19.34 2.83 0.83
CA GLU F 116 20.61 3.35 1.36
C GLU F 116 21.46 2.31 2.07
N SER F 117 22.68 2.68 2.41
CA SER F 117 23.58 1.75 3.07
C SER F 117 24.10 2.24 4.42
N LEU F 118 24.18 1.31 5.36
CA LEU F 118 24.64 1.56 6.73
C LEU F 118 25.88 2.43 6.79
N PRO F 119 25.72 3.73 7.10
CA PRO F 119 26.88 4.62 7.18
C PRO F 119 28.04 4.01 7.98
N ASP F 120 29.26 4.41 7.65
CA ASP F 120 30.44 3.89 8.34
C ASP F 120 30.30 4.07 9.85
N THR F 121 30.44 2.97 10.59
CA THR F 121 30.32 3.00 12.03
C THR F 121 31.39 3.87 12.69
N ARG F 122 31.89 4.84 11.93
CA ARG F 122 32.90 5.77 12.42
C ARG F 122 32.59 7.17 11.90
N SER F 123 31.51 7.27 11.12
CA SER F 123 31.08 8.54 10.57
C SER F 123 30.37 9.35 11.64
N GLU F 124 30.38 10.68 11.49
CA GLU F 124 29.69 11.54 12.44
C GLU F 124 28.23 11.10 12.37
N ALA F 125 27.75 10.88 11.15
CA ALA F 125 26.37 10.45 10.93
C ALA F 125 25.97 9.29 11.84
N TYR F 126 26.74 8.21 11.79
CA TYR F 126 26.46 7.05 12.62
C TYR F 126 26.55 7.41 14.10
N LEU F 127 27.71 7.88 14.52
CA LEU F 127 27.90 8.25 15.92
C LEU F 127 26.77 9.13 16.40
N GLN F 128 26.15 9.85 15.47
CA GLN F 128 25.05 10.74 15.81
C GLN F 128 23.85 9.92 16.26
N GLN F 129 23.24 9.16 15.36
CA GLN F 129 22.08 8.38 15.77
C GLN F 129 22.32 7.45 16.97
N VAL F 130 23.57 7.07 17.22
CA VAL F 130 23.82 6.24 18.38
C VAL F 130 23.44 7.13 19.55
N GLN F 131 23.83 8.40 19.47
CA GLN F 131 23.51 9.38 20.51
C GLN F 131 22.02 9.68 20.56
N ASP F 132 21.40 9.78 19.39
CA ASP F 132 19.98 10.07 19.31
C ASP F 132 19.16 8.97 20.00
N LEU F 133 19.49 7.71 19.70
CA LEU F 133 18.78 6.59 20.29
C LEU F 133 18.97 6.61 21.82
N VAL F 134 20.22 6.67 22.25
CA VAL F 134 20.52 6.71 23.66
C VAL F 134 19.74 7.80 24.39
N ILE F 135 19.41 8.88 23.68
CA ILE F 135 18.66 9.97 24.29
C ILE F 135 17.17 9.69 24.32
N LEU F 136 16.59 9.33 23.17
CA LEU F 136 15.17 9.04 23.15
C LEU F 136 14.89 7.98 24.19
N GLU F 137 15.92 7.20 24.54
CA GLU F 137 15.73 6.17 25.55
C GLU F 137 15.51 6.86 26.89
N SER F 138 16.49 7.64 27.34
CA SER F 138 16.36 8.34 28.61
C SER F 138 15.05 9.11 28.66
N ILE F 139 14.62 9.59 27.50
CA ILE F 139 13.38 10.34 27.45
C ILE F 139 12.21 9.41 27.73
N ILE F 140 12.13 8.31 26.98
CA ILE F 140 11.07 7.34 27.18
C ILE F 140 10.99 6.83 28.62
N LEU F 141 12.14 6.77 29.28
CA LEU F 141 12.19 6.33 30.68
C LEU F 141 11.56 7.38 31.58
N GLN F 142 12.02 8.62 31.47
CA GLN F 142 11.48 9.69 32.29
C GLN F 142 9.99 9.89 32.00
N THR F 143 9.59 9.74 30.76
CA THR F 143 8.20 9.90 30.37
C THR F 143 7.34 8.85 31.04
N LEU F 144 7.75 7.58 30.91
CA LEU F 144 7.03 6.46 31.51
C LEU F 144 7.22 6.46 33.03
N GLY F 145 7.96 7.45 33.53
CA GLY F 145 8.17 7.55 34.95
C GLY F 145 8.77 6.31 35.55
N PHE F 146 9.56 5.61 34.74
CA PHE F 146 10.24 4.39 35.14
C PHE F 146 9.33 3.26 35.53
N GLU F 147 8.18 3.17 34.90
CA GLU F 147 7.29 2.08 35.20
C GLU F 147 7.46 1.05 34.09
N LEU F 148 8.51 0.25 34.23
CA LEU F 148 8.89 -0.77 33.26
C LEU F 148 8.18 -2.12 33.25
N THR F 149 7.67 -2.60 34.38
CA THR F 149 7.01 -3.91 34.36
C THR F 149 5.60 -3.84 33.73
N ILE F 150 5.38 -4.62 32.67
CA ILE F 150 4.10 -4.58 31.97
C ILE F 150 3.41 -5.93 31.92
N ASP F 151 2.10 -5.94 32.11
CA ASP F 151 1.34 -7.19 32.06
C ASP F 151 0.62 -7.25 30.72
N HIS F 152 0.61 -8.42 30.08
CA HIS F 152 -0.05 -8.53 28.79
C HIS F 152 -1.20 -9.49 28.76
N PRO F 153 -2.18 -9.25 27.89
CA PRO F 153 -3.34 -10.14 27.78
C PRO F 153 -2.92 -11.57 27.48
N HIS F 154 -1.82 -11.71 26.75
CA HIS F 154 -1.31 -13.02 26.36
C HIS F 154 -1.27 -14.00 27.54
N THR F 155 -0.64 -13.58 28.63
CA THR F 155 -0.54 -14.37 29.84
C THR F 155 -1.88 -14.98 30.21
N HIS F 156 -2.84 -14.12 30.52
CA HIS F 156 -4.18 -14.56 30.90
C HIS F 156 -4.85 -15.35 29.79
N VAL F 157 -4.58 -14.99 28.54
CA VAL F 157 -5.21 -15.71 27.44
C VAL F 157 -4.77 -17.17 27.42
N VAL F 158 -3.48 -17.42 27.62
CA VAL F 158 -2.97 -18.79 27.62
C VAL F 158 -3.58 -19.57 28.80
N LYS F 159 -3.44 -19.02 30.01
CA LYS F 159 -4.01 -19.68 31.18
C LYS F 159 -5.49 -20.02 31.00
N CYS F 160 -6.23 -19.17 30.33
CA CYS F 160 -7.65 -19.42 30.15
C CYS F 160 -8.01 -20.45 29.10
N THR F 161 -7.33 -20.41 27.95
CA THR F 161 -7.62 -21.36 26.87
C THR F 161 -7.32 -22.76 27.33
N GLN F 162 -6.41 -22.86 28.30
CA GLN F 162 -6.02 -24.14 28.88
C GLN F 162 -7.14 -24.59 29.80
N LEU F 163 -7.38 -23.83 30.87
CA LEU F 163 -8.44 -24.14 31.81
C LEU F 163 -9.79 -24.50 31.16
N VAL F 164 -9.98 -24.12 29.90
CA VAL F 164 -11.24 -24.42 29.22
C VAL F 164 -11.05 -25.44 28.12
N ARG F 165 -9.93 -26.15 28.19
CA ARG F 165 -9.59 -27.21 27.23
C ARG F 165 -9.89 -26.75 25.81
N ALA F 166 -9.44 -25.55 25.48
CA ALA F 166 -9.68 -25.00 24.16
C ALA F 166 -8.92 -25.75 23.09
N SER F 167 -9.45 -25.78 21.87
CA SER F 167 -8.78 -26.45 20.76
C SER F 167 -7.37 -25.90 20.57
N LYS F 168 -6.54 -26.68 19.89
CA LYS F 168 -5.16 -26.29 19.64
C LYS F 168 -5.08 -24.95 18.92
N ASP F 169 -5.90 -24.81 17.87
CA ASP F 169 -5.92 -23.59 17.08
C ASP F 169 -6.75 -22.49 17.73
N LEU F 170 -7.81 -22.89 18.42
CA LEU F 170 -8.63 -21.90 19.09
C LEU F 170 -7.77 -21.15 20.09
N ALA F 171 -6.76 -21.82 20.63
CA ALA F 171 -5.87 -21.18 21.62
C ALA F 171 -4.82 -20.36 20.91
N GLN F 172 -4.50 -20.78 19.69
CA GLN F 172 -3.50 -20.07 18.90
C GLN F 172 -4.15 -18.78 18.44
N THR F 173 -5.34 -18.90 17.85
CA THR F 173 -6.09 -17.76 17.36
C THR F 173 -6.26 -16.73 18.47
N SER F 174 -6.60 -17.19 19.68
CA SER F 174 -6.77 -16.27 20.80
C SER F 174 -5.48 -15.55 21.12
N TYR F 175 -4.36 -16.25 21.04
CA TYR F 175 -3.06 -15.64 21.33
C TYR F 175 -2.79 -14.59 20.25
N PHE F 176 -3.23 -14.89 19.02
CA PHE F 176 -3.06 -14.01 17.86
C PHE F 176 -3.83 -12.69 18.10
N MET F 177 -5.13 -12.77 18.37
CA MET F 177 -5.95 -11.59 18.65
C MET F 177 -5.29 -10.70 19.70
N ALA F 178 -4.80 -11.32 20.77
CA ALA F 178 -4.15 -10.57 21.82
C ALA F 178 -3.01 -9.73 21.27
N THR F 179 -2.40 -10.18 20.18
CA THR F 179 -1.29 -9.44 19.60
C THR F 179 -1.86 -8.35 18.70
N ASN F 180 -2.97 -8.66 18.02
CA ASN F 180 -3.64 -7.68 17.18
C ASN F 180 -4.27 -6.57 18.05
N SER F 181 -4.57 -6.90 19.29
CA SER F 181 -5.14 -5.92 20.19
C SER F 181 -4.08 -4.84 20.44
N LEU F 182 -2.86 -5.25 20.78
CA LEU F 182 -1.79 -4.30 21.04
C LEU F 182 -1.30 -3.55 19.80
N HIS F 183 -1.64 -4.06 18.62
CA HIS F 183 -1.23 -3.41 17.38
C HIS F 183 -2.30 -2.42 16.91
N LEU F 184 -3.47 -2.95 16.60
CA LEU F 184 -4.57 -2.16 16.12
C LEU F 184 -5.39 -1.25 17.05
N THR F 185 -5.41 -1.57 18.33
CA THR F 185 -6.19 -0.79 19.26
C THR F 185 -5.39 -0.15 20.36
N THR F 186 -6.11 0.53 21.25
CA THR F 186 -5.52 1.20 22.40
C THR F 186 -6.04 0.60 23.71
N PHE F 187 -6.65 -0.60 23.60
CA PHE F 187 -7.18 -1.32 24.75
C PHE F 187 -6.18 -1.29 25.92
N SER F 188 -4.90 -1.36 25.62
CA SER F 188 -3.86 -1.34 26.65
C SER F 188 -3.85 -0.04 27.44
N LEU F 189 -4.62 0.94 26.95
CA LEU F 189 -4.66 2.24 27.60
C LEU F 189 -6.03 2.44 28.24
N GLN F 190 -6.93 1.50 27.97
CA GLN F 190 -8.29 1.55 28.48
C GLN F 190 -8.65 0.42 29.42
N TYR F 191 -8.53 -0.80 28.97
CA TYR F 191 -8.88 -1.95 29.78
C TYR F 191 -7.70 -2.72 30.35
N THR F 192 -7.92 -3.49 31.40
CA THR F 192 -6.83 -4.25 32.01
C THR F 192 -6.56 -5.53 31.21
N PRO F 193 -5.31 -6.01 31.24
CA PRO F 193 -4.91 -7.23 30.51
C PRO F 193 -5.91 -8.38 30.68
N PRO F 194 -6.34 -8.64 31.92
CA PRO F 194 -7.29 -9.72 32.18
C PRO F 194 -8.56 -9.53 31.35
N VAL F 195 -8.99 -8.28 31.25
CA VAL F 195 -10.20 -8.00 30.49
C VAL F 195 -9.95 -8.16 29.02
N VAL F 196 -8.87 -7.54 28.55
CA VAL F 196 -8.54 -7.60 27.13
C VAL F 196 -8.48 -9.06 26.70
N ALA F 197 -7.85 -9.87 27.56
CA ALA F 197 -7.68 -11.29 27.34
C ALA F 197 -9.03 -11.94 27.03
N CYS F 198 -10.04 -11.64 27.83
CA CYS F 198 -11.35 -12.23 27.63
C CYS F 198 -11.89 -11.84 26.27
N VAL F 199 -11.60 -10.61 25.86
CA VAL F 199 -12.07 -10.12 24.56
C VAL F 199 -11.47 -10.93 23.40
N CYS F 200 -10.14 -11.09 23.42
CA CYS F 200 -9.44 -11.84 22.39
C CYS F 200 -9.99 -13.27 22.29
N ILE F 201 -10.28 -13.87 23.43
CA ILE F 201 -10.83 -15.22 23.41
C ILE F 201 -12.23 -15.16 22.87
N HIS F 202 -13.03 -14.24 23.42
CA HIS F 202 -14.43 -14.08 22.99
C HIS F 202 -14.47 -13.87 21.48
N LEU F 203 -13.55 -13.05 20.99
CA LEU F 203 -13.50 -12.77 19.57
C LEU F 203 -13.21 -14.04 18.77
N ALA F 204 -12.19 -14.80 19.18
CA ALA F 204 -11.82 -16.02 18.48
C ALA F 204 -12.97 -17.03 18.51
N CYS F 205 -13.73 -17.04 19.59
CA CYS F 205 -14.85 -17.96 19.69
C CYS F 205 -15.96 -17.55 18.73
N LYS F 206 -15.99 -16.29 18.30
CA LYS F 206 -17.02 -15.85 17.37
C LYS F 206 -16.60 -16.19 15.95
N TRP F 207 -15.30 -16.27 15.75
CA TRP F 207 -14.76 -16.58 14.44
C TRP F 207 -14.72 -18.08 14.16
N SER F 208 -14.59 -18.87 15.22
CA SER F 208 -14.49 -20.31 15.11
C SER F 208 -15.76 -21.06 15.45
N ASN F 209 -16.83 -20.33 15.73
CA ASN F 209 -18.10 -20.97 16.05
C ASN F 209 -17.99 -21.90 17.26
N TRP F 210 -17.02 -21.60 18.13
CA TRP F 210 -16.79 -22.37 19.34
C TRP F 210 -17.52 -21.70 20.52
N GLU F 211 -18.16 -22.51 21.36
CA GLU F 211 -18.87 -21.99 22.52
C GLU F 211 -18.42 -22.73 23.77
N ILE F 212 -17.78 -22.03 24.69
CA ILE F 212 -17.33 -22.66 25.91
C ILE F 212 -18.48 -22.77 26.91
N PRO F 213 -18.83 -24.00 27.31
CA PRO F 213 -19.91 -24.32 28.26
C PRO F 213 -19.72 -23.69 29.63
N VAL F 214 -20.82 -23.48 30.33
CA VAL F 214 -20.76 -22.88 31.65
C VAL F 214 -19.99 -23.81 32.56
N SER F 215 -19.35 -23.25 33.58
CA SER F 215 -18.60 -24.06 34.50
C SER F 215 -19.55 -25.00 35.24
N THR F 216 -19.05 -26.17 35.59
CA THR F 216 -19.84 -27.16 36.32
C THR F 216 -20.35 -26.54 37.63
N ASP F 217 -19.79 -25.39 38.00
CA ASP F 217 -20.17 -24.68 39.21
C ASP F 217 -21.19 -23.60 38.87
N GLY F 218 -21.32 -23.32 37.57
CA GLY F 218 -22.27 -22.31 37.13
C GLY F 218 -21.68 -20.99 36.68
N LYS F 219 -20.38 -20.79 36.95
CA LYS F 219 -19.74 -19.54 36.55
C LYS F 219 -19.32 -19.58 35.07
N HIS F 220 -19.55 -18.47 34.35
CA HIS F 220 -19.17 -18.37 32.93
C HIS F 220 -17.65 -18.40 32.88
N TRP F 221 -17.10 -18.89 31.78
CA TRP F 221 -15.65 -18.98 31.68
C TRP F 221 -14.90 -17.70 32.02
N TRP F 222 -15.37 -16.55 31.55
CA TRP F 222 -14.65 -15.32 31.85
C TRP F 222 -14.64 -14.90 33.31
N GLU F 223 -15.56 -15.47 34.09
CA GLU F 223 -15.60 -15.17 35.51
C GLU F 223 -14.34 -15.72 36.15
N TYR F 224 -13.69 -16.63 35.43
CA TYR F 224 -12.45 -17.24 35.90
C TYR F 224 -11.22 -16.44 35.46
N VAL F 225 -11.43 -15.39 34.66
CA VAL F 225 -10.31 -14.58 34.19
C VAL F 225 -10.27 -13.24 34.94
N ASP F 226 -11.40 -12.51 34.90
CA ASP F 226 -11.50 -11.23 35.60
C ASP F 226 -12.90 -11.10 36.19
N ALA F 227 -12.97 -10.59 37.42
CA ALA F 227 -14.23 -10.43 38.12
C ALA F 227 -15.14 -9.38 37.48
N THR F 228 -14.55 -8.27 37.03
CA THR F 228 -15.31 -7.18 36.42
C THR F 228 -15.97 -7.53 35.10
N VAL F 229 -15.39 -8.45 34.33
CA VAL F 229 -15.98 -8.80 33.05
C VAL F 229 -17.43 -9.28 33.10
N THR F 230 -18.18 -8.95 32.07
CA THR F 230 -19.59 -9.30 31.93
C THR F 230 -19.78 -9.56 30.44
N LEU F 231 -20.79 -10.34 30.06
CA LEU F 231 -20.98 -10.58 28.63
C LEU F 231 -21.34 -9.29 27.90
N GLU F 232 -22.03 -8.38 28.58
CA GLU F 232 -22.36 -7.11 27.93
C GLU F 232 -21.05 -6.47 27.49
N LEU F 233 -20.13 -6.35 28.45
CA LEU F 233 -18.84 -5.76 28.20
C LEU F 233 -18.13 -6.41 27.01
N LEU F 234 -18.07 -7.73 27.00
CA LEU F 234 -17.39 -8.42 25.92
C LEU F 234 -17.90 -8.03 24.54
N ASP F 235 -19.21 -8.10 24.37
CA ASP F 235 -19.82 -7.75 23.09
C ASP F 235 -19.54 -6.32 22.62
N GLU F 236 -19.48 -5.38 23.57
CA GLU F 236 -19.20 -3.99 23.21
C GLU F 236 -17.78 -3.89 22.69
N LEU F 237 -16.82 -4.34 23.50
CA LEU F 237 -15.42 -4.31 23.12
C LEU F 237 -15.17 -5.08 21.84
N THR F 238 -15.76 -6.27 21.72
CA THR F 238 -15.58 -7.06 20.52
C THR F 238 -16.07 -6.25 19.36
N HIS F 239 -17.16 -5.51 19.58
CA HIS F 239 -17.70 -4.68 18.52
C HIS F 239 -16.64 -3.67 18.15
N GLU F 240 -16.21 -2.87 19.12
CA GLU F 240 -15.21 -1.85 18.85
C GLU F 240 -13.93 -2.40 18.23
N PHE F 241 -13.56 -3.62 18.58
CA PHE F 241 -12.37 -4.21 18.00
C PHE F 241 -12.65 -4.39 16.50
N LEU F 242 -13.80 -4.95 16.18
CA LEU F 242 -14.17 -5.15 14.78
C LEU F 242 -14.25 -3.83 14.01
N GLN F 243 -14.62 -2.74 14.68
CA GLN F 243 -14.71 -1.45 14.01
C GLN F 243 -13.32 -1.05 13.56
N ILE F 244 -12.35 -1.20 14.46
CA ILE F 244 -10.97 -0.86 14.17
C ILE F 244 -10.43 -1.68 13.02
N LEU F 245 -10.89 -2.92 12.93
CA LEU F 245 -10.46 -3.81 11.87
C LEU F 245 -11.02 -3.38 10.54
N GLU F 246 -12.30 -3.03 10.56
CA GLU F 246 -13.00 -2.60 9.37
C GLU F 246 -12.50 -1.23 8.91
N LYS F 247 -11.69 -0.55 9.72
CA LYS F 247 -11.19 0.75 9.32
C LYS F 247 -9.71 0.76 8.92
N THR F 248 -9.21 -0.39 8.47
CA THR F 248 -7.83 -0.46 8.03
C THR F 248 -7.86 -0.57 6.51
N PRO F 249 -6.77 -0.18 5.82
CA PRO F 249 -6.71 -0.26 4.35
C PRO F 249 -6.92 -1.69 3.82
N ASN F 250 -7.71 -2.46 4.55
CA ASN F 250 -8.08 -3.85 4.26
C ASN F 250 -7.78 -4.36 2.85
N ARG F 251 -6.84 -5.30 2.72
CA ARG F 251 -6.51 -5.85 1.41
C ARG F 251 -7.10 -7.23 1.12
N LEU F 252 -7.12 -8.10 2.14
CA LEU F 252 -7.62 -9.50 2.05
C LEU F 252 -8.91 -9.71 1.26
N LYS F 253 -9.99 -9.04 1.68
CA LYS F 253 -11.29 -9.14 1.03
C LYS F 253 -11.24 -9.29 -0.51
N ARG F 254 -10.04 -9.19 -1.08
CA ARG F 254 -9.78 -9.31 -2.52
C ARG F 254 -8.99 -10.57 -3.01
N ILE F 255 -8.02 -11.06 -2.20
CA ILE F 255 -7.17 -12.24 -2.50
C ILE F 255 -7.73 -13.52 -1.89
N TRP F 256 -8.49 -13.25 -0.84
CA TRP F 256 -9.21 -14.19 -0.01
C TRP F 256 -9.60 -15.56 -0.59
N ASN F 257 -9.81 -15.67 -1.90
CA ASN F 257 -10.28 -16.94 -2.45
C ASN F 257 -9.76 -17.61 -3.74
N TRP F 258 -8.89 -16.97 -4.52
CA TRP F 258 -8.44 -17.62 -5.77
C TRP F 258 -7.28 -18.64 -5.72
N ARG F 259 -6.10 -18.26 -5.22
CA ARG F 259 -5.00 -19.23 -5.21
C ARG F 259 -4.20 -19.37 -3.94
N ALA F 260 -3.47 -20.48 -3.86
CA ALA F 260 -2.56 -20.75 -2.76
C ALA F 260 -1.33 -19.96 -3.22
N CYS F 261 -0.16 -20.20 -2.64
CA CYS F 261 0.99 -19.44 -3.09
C CYS F 261 1.36 -19.72 -4.54
N MET G 1 1.72 -14.41 17.61
CA MET G 1 0.96 -15.33 16.70
C MET G 1 1.14 -16.84 16.96
N GLU G 2 2.00 -17.18 17.93
CA GLU G 2 2.28 -18.57 18.33
C GLU G 2 2.41 -18.57 19.86
N PRO G 3 1.41 -19.10 20.58
CA PRO G 3 1.38 -19.16 22.04
C PRO G 3 2.70 -19.47 22.69
N VAL G 4 2.92 -18.92 23.87
CA VAL G 4 4.13 -19.18 24.62
C VAL G 4 3.78 -19.29 26.07
N ASP G 5 4.18 -20.38 26.71
CA ASP G 5 3.85 -20.58 28.11
C ASP G 5 4.22 -19.39 28.98
N PRO G 6 3.21 -18.78 29.64
CA PRO G 6 3.30 -17.63 30.53
C PRO G 6 4.21 -17.83 31.71
N ARG G 7 4.32 -19.07 32.18
CA ARG G 7 5.14 -19.40 33.34
C ARG G 7 6.63 -19.33 33.06
N LEU G 8 6.98 -19.32 31.79
CA LEU G 8 8.37 -19.24 31.38
C LEU G 8 8.98 -17.89 31.75
N GLU G 9 10.14 -17.88 32.39
CA GLU G 9 10.74 -16.60 32.73
C GLU G 9 11.08 -15.86 31.44
N PRO G 10 11.30 -14.53 31.51
CA PRO G 10 11.63 -13.66 30.38
C PRO G 10 12.70 -14.16 29.41
N TRP G 11 13.91 -14.39 29.94
CA TRP G 11 15.00 -14.85 29.10
C TRP G 11 14.77 -16.21 28.47
N LYS G 12 13.96 -17.05 29.10
CA LYS G 12 13.71 -18.38 28.56
C LYS G 12 12.66 -18.37 27.45
N HIS G 13 12.25 -17.18 27.00
CA HIS G 13 11.24 -17.02 25.95
C HIS G 13 11.80 -17.15 24.54
N PRO G 14 11.16 -17.98 23.70
CA PRO G 14 11.62 -18.17 22.31
C PRO G 14 11.58 -16.91 21.46
N GLY G 15 12.50 -16.81 20.50
CA GLY G 15 12.52 -15.65 19.64
C GLY G 15 11.25 -15.53 18.82
N SER G 16 10.99 -14.32 18.31
CA SER G 16 9.78 -14.06 17.52
C SER G 16 9.91 -14.35 16.05
N GLN G 17 11.14 -14.35 15.54
CA GLN G 17 11.39 -14.61 14.13
C GLN G 17 10.74 -15.89 13.66
N PRO G 18 9.84 -15.81 12.69
CA PRO G 18 9.18 -17.02 12.19
C PRO G 18 10.19 -18.02 11.60
N LYS G 19 9.77 -19.27 11.46
CA LYS G 19 10.65 -20.33 10.94
C LYS G 19 11.06 -20.16 9.49
N THR G 20 10.08 -19.85 8.65
CA THR G 20 10.32 -19.65 7.23
C THR G 20 10.40 -18.15 6.92
N ALA G 21 11.22 -17.77 5.95
CA ALA G 21 11.34 -16.36 5.57
C ALA G 21 10.00 -15.93 5.00
N CYS G 22 9.71 -14.64 5.10
CA CYS G 22 8.44 -14.14 4.61
C CYS G 22 8.50 -13.96 3.07
N THR G 23 7.44 -14.34 2.39
CA THR G 23 7.40 -14.23 0.94
C THR G 23 6.83 -12.89 0.53
N ASN G 24 6.47 -12.76 -0.74
CA ASN G 24 5.88 -11.54 -1.25
C ASN G 24 4.49 -11.87 -1.73
N CYS G 25 4.14 -13.14 -1.59
CA CYS G 25 2.82 -13.54 -2.02
C CYS G 25 1.81 -12.90 -1.06
N TYR G 26 0.62 -12.65 -1.57
CA TYR G 26 -0.45 -12.05 -0.78
C TYR G 26 -1.64 -12.94 -0.96
N CYS G 27 -1.66 -14.06 -0.27
CA CYS G 27 -2.81 -14.94 -0.40
C CYS G 27 -3.08 -15.52 0.97
N LYS G 28 -4.37 -15.70 1.27
CA LYS G 28 -4.78 -16.25 2.54
C LYS G 28 -3.62 -16.79 3.37
N LYS G 29 -2.92 -17.78 2.83
CA LYS G 29 -1.79 -18.40 3.50
C LYS G 29 -0.69 -17.38 3.84
N CYS G 30 -0.07 -16.81 2.83
CA CYS G 30 1.01 -15.85 3.04
C CYS G 30 0.62 -14.65 3.91
N CYS G 31 -0.68 -14.39 3.98
CA CYS G 31 -1.20 -13.28 4.79
C CYS G 31 -1.17 -13.61 6.28
N PHE G 32 -1.10 -14.90 6.59
CA PHE G 32 -1.06 -15.36 7.97
C PHE G 32 0.29 -15.94 8.39
N HIS G 33 1.26 -15.94 7.47
CA HIS G 33 2.59 -16.45 7.77
C HIS G 33 3.07 -15.96 9.14
N CYS G 34 3.08 -14.65 9.36
CA CYS G 34 3.49 -14.12 10.65
C CYS G 34 2.78 -12.81 11.00
N GLN G 35 3.03 -12.26 12.18
CA GLN G 35 2.36 -11.02 12.56
C GLN G 35 2.62 -9.93 11.51
N VAL G 36 3.87 -9.66 11.18
CA VAL G 36 4.18 -8.63 10.18
C VAL G 36 3.46 -8.92 8.85
N CYS G 37 3.47 -10.16 8.41
CA CYS G 37 2.81 -10.48 7.15
C CYS G 37 1.36 -10.08 7.24
N PHE G 38 0.69 -10.44 8.32
CA PHE G 38 -0.74 -10.12 8.51
C PHE G 38 -0.96 -8.61 8.58
N ILE G 39 -0.30 -7.96 9.53
CA ILE G 39 -0.42 -6.54 9.72
C ILE G 39 -0.34 -5.74 8.43
N THR G 40 0.65 -6.06 7.59
CA THR G 40 0.83 -5.34 6.35
C THR G 40 0.14 -5.97 5.15
N LYS G 41 0.30 -7.26 4.95
CA LYS G 41 -0.33 -7.86 3.79
C LYS G 41 -1.83 -7.93 3.84
N ALA G 42 -2.38 -8.48 4.91
CA ALA G 42 -3.84 -8.61 5.02
C ALA G 42 -4.59 -7.34 5.46
N LEU G 43 -4.01 -6.53 6.33
CA LEU G 43 -4.70 -5.33 6.75
C LEU G 43 -4.25 -4.10 6.03
N GLY G 44 -3.09 -4.15 5.40
CA GLY G 44 -2.61 -2.99 4.67
C GLY G 44 -1.84 -1.97 5.48
N ILE G 45 -1.58 -2.25 6.74
CA ILE G 45 -0.83 -1.28 7.53
C ILE G 45 0.67 -1.30 7.21
N SER G 46 1.33 -0.15 7.35
CA SER G 46 2.76 -0.05 7.10
C SER G 46 3.37 1.21 7.69
N TYR G 47 4.57 1.09 8.22
CA TYR G 47 5.24 2.23 8.83
C TYR G 47 5.98 3.04 7.80
N GLY G 48 6.17 2.46 6.62
CA GLY G 48 6.88 3.16 5.56
C GLY G 48 6.20 4.45 5.18
N SER H 6 -15.59 -34.71 37.04
CA SER H 6 -14.10 -34.71 36.93
C SER H 6 -13.51 -33.37 36.44
N PRO H 7 -13.68 -32.99 35.15
CA PRO H 7 -13.10 -31.70 34.75
C PRO H 7 -14.05 -30.54 35.02
N LEU H 8 -13.48 -29.37 35.30
CA LEU H 8 -14.26 -28.17 35.60
C LEU H 8 -15.09 -27.67 34.43
N PHE H 9 -14.56 -27.87 33.23
CA PHE H 9 -15.21 -27.41 32.01
C PHE H 9 -15.45 -28.50 30.97
N ALA H 10 -16.65 -28.51 30.43
CA ALA H 10 -16.96 -29.47 29.37
C ALA H 10 -16.14 -28.97 28.17
N GLU H 11 -15.98 -29.80 27.14
CA GLU H 11 -15.20 -29.41 25.98
C GLU H 11 -15.99 -28.47 25.03
N PRO H 12 -15.30 -27.47 24.43
CA PRO H 12 -15.89 -26.49 23.51
C PRO H 12 -16.68 -27.16 22.39
N TYR H 13 -17.84 -26.60 22.04
CA TYR H 13 -18.66 -27.19 20.99
C TYR H 13 -19.00 -26.20 19.87
N LYS H 14 -19.17 -26.72 18.66
CA LYS H 14 -19.48 -25.88 17.49
C LYS H 14 -20.93 -25.42 17.36
N VAL H 15 -21.15 -24.14 17.63
CA VAL H 15 -22.47 -23.56 17.49
C VAL H 15 -22.45 -22.83 16.16
N THR H 16 -22.60 -23.59 15.09
CA THR H 16 -22.56 -23.03 13.75
C THR H 16 -23.94 -22.66 13.22
N SER H 17 -24.81 -22.22 14.14
CA SER H 17 -26.14 -21.81 13.76
C SER H 17 -26.16 -20.29 13.88
N LYS H 18 -25.69 -19.62 12.83
CA LYS H 18 -25.58 -18.15 12.81
C LYS H 18 -26.75 -17.27 12.44
N GLU H 19 -26.81 -16.16 13.15
CA GLU H 19 -27.77 -15.08 13.04
C GLU H 19 -27.05 -14.05 13.88
N ASP H 20 -25.76 -14.35 14.11
CA ASP H 20 -24.83 -13.55 14.90
C ASP H 20 -24.11 -12.51 14.05
N LYS H 21 -24.51 -11.25 14.18
CA LYS H 21 -23.90 -10.16 13.43
C LYS H 21 -22.41 -10.07 13.71
N LEU H 22 -22.05 -10.30 14.98
CA LEU H 22 -20.65 -10.23 15.41
C LEU H 22 -19.81 -11.23 14.64
N SER H 23 -20.24 -12.48 14.63
CA SER H 23 -19.54 -13.55 13.93
C SER H 23 -19.42 -13.23 12.45
N SER H 24 -20.52 -12.83 11.84
CA SER H 24 -20.54 -12.49 10.42
C SER H 24 -19.42 -11.51 10.05
N ARG H 25 -19.35 -10.41 10.80
CA ARG H 25 -18.36 -9.38 10.55
C ARG H 25 -16.96 -9.90 10.62
N ILE H 26 -16.59 -10.45 11.77
CA ILE H 26 -15.25 -10.99 11.95
C ILE H 26 -14.92 -11.98 10.85
N GLN H 27 -15.94 -12.71 10.38
CA GLN H 27 -15.77 -13.68 9.32
C GLN H 27 -15.56 -13.04 7.95
N SER H 28 -16.28 -11.95 7.68
CA SER H 28 -16.14 -11.24 6.42
C SER H 28 -14.77 -10.59 6.37
N MET H 29 -14.27 -10.19 7.53
CA MET H 29 -12.97 -9.55 7.61
C MET H 29 -11.80 -10.52 7.36
N LEU H 30 -11.85 -11.68 8.03
CA LEU H 30 -10.78 -12.68 7.96
C LEU H 30 -10.99 -13.85 6.99
N GLY H 31 -12.25 -14.24 6.80
CA GLY H 31 -12.53 -15.35 5.91
C GLY H 31 -12.98 -16.54 6.70
N ASN H 32 -13.12 -17.69 6.03
CA ASN H 32 -13.54 -18.90 6.72
C ASN H 32 -12.45 -19.34 7.69
N TYR H 33 -12.84 -19.61 8.93
CA TYR H 33 -11.87 -20.03 9.93
C TYR H 33 -11.25 -21.38 9.65
N ASP H 34 -12.09 -22.38 9.40
CA ASP H 34 -11.60 -23.72 9.13
C ASP H 34 -10.60 -23.76 7.99
N GLU H 35 -10.64 -22.75 7.13
CA GLU H 35 -9.74 -22.70 6.00
C GLU H 35 -8.42 -22.04 6.34
N MET H 36 -8.49 -20.89 6.99
CA MET H 36 -7.29 -20.16 7.35
C MET H 36 -6.56 -20.77 8.54
N LYS H 37 -7.35 -21.32 9.45
CA LYS H 37 -6.85 -21.95 10.66
C LYS H 37 -5.46 -22.54 10.57
N ASP H 38 -5.26 -23.47 9.63
CA ASP H 38 -3.98 -24.16 9.47
C ASP H 38 -2.83 -23.34 8.86
N PHE H 39 -3.00 -22.03 8.76
CA PHE H 39 -1.96 -21.19 8.21
C PHE H 39 -1.46 -20.23 9.27
N ILE H 40 -2.28 -20.02 10.28
CA ILE H 40 -1.92 -19.10 11.35
C ILE H 40 -0.65 -19.53 12.10
N GLY H 41 0.47 -18.90 11.76
CA GLY H 41 1.74 -19.18 12.43
C GLY H 41 2.68 -20.15 11.74
N ASP H 42 3.50 -20.83 12.54
CA ASP H 42 4.44 -21.84 12.03
C ASP H 42 3.86 -23.22 12.31
N ARG H 43 3.29 -23.38 13.50
CA ARG H 43 2.71 -24.65 13.93
C ARG H 43 1.18 -24.61 13.85
Y YT3 I . -29.59 8.37 -44.50
Y YT3 J . -6.28 3.91 -59.23
Y YT3 K . -24.76 -22.95 -60.21
S SO4 L . -26.65 15.90 -43.25
O1 SO4 L . -27.97 15.80 -42.59
O2 SO4 L . -26.23 17.31 -43.30
O3 SO4 L . -26.75 15.37 -44.63
O4 SO4 L . -25.66 15.13 -42.47
Y YT3 M . 10.81 -7.66 -23.94
Y YT3 N . 14.75 -8.92 -23.37
Y YT3 O . 7.95 20.53 -9.73
S SO4 P . 18.50 -3.91 -24.06
O1 SO4 P . 19.17 -3.17 -22.97
O2 SO4 P . 17.52 -3.00 -24.69
O3 SO4 P . 17.78 -5.10 -23.55
O4 SO4 P . 19.50 -4.37 -25.05
ZN ZN Q . -0.69 -7.85 -13.81
ZN ZN R . 6.34 -12.95 -8.16
Y YT3 S . 12.00 -10.86 -23.70
Y YT3 T . 23.37 -4.28 -33.41
Y YT3 U . 14.32 -24.48 52.74
Y YT3 V . 27.94 -2.51 44.87
Y YT3 W . 8.93 20.52 36.98
Y YT3 X . 46.16 -31.58 38.17
S SO4 Y . 21.71 1.78 48.02
O1 SO4 Y . 21.29 2.71 49.11
O2 SO4 Y . 22.39 2.53 46.95
O3 SO4 Y . 20.52 1.08 47.45
O4 SO4 Y . 22.67 0.80 48.56
Y YT3 Z . -16.74 3.07 18.33
Y YT3 AA . -1.93 -24.35 14.27
Y YT3 BA . -4.15 -27.33 12.83
S SO4 CA . -9.89 -26.15 15.46
O1 SO4 CA . -10.75 -26.86 16.43
O2 SO4 CA . -9.47 -24.86 16.05
O3 SO4 CA . -10.67 -25.94 14.23
O4 SO4 CA . -8.69 -26.96 15.15
ZN ZN DA . 5.63 -13.21 7.68
ZN ZN EA . 0.94 -17.13 -0.74
Y YT3 FA . -0.78 -27.37 12.50
#